data_8C5Y
#
_entry.id   8C5Y
#
loop_
_entity.id
_entity.type
_entity.pdbx_description
1 polymer 'Replication factor A'
2 polymer 'RPA32 subunit of the hetero-oligomeric complex involved in homologous recombination'
3 polymer 'RPA14 subunit of the hetero-oligomeric complex involved in homologous recombination'
4 non-polymer 'ZINC ION'
#
loop_
_entity_poly.entity_id
_entity_poly.type
_entity_poly.pdbx_seq_one_letter_code
_entity_poly.pdbx_strand_id
1 'polypeptide(L)'
;VATYTRKKIKDIEAGDRFVEVRGTIAKVYRVLTYDACPECKKKVDYDEGLGVWICPEHGEVQPIKMTILDFGLDDGTGYI
RVTLFGDDAEELLGVSPEEIAEKIKELEESGLTTKEAARKLAEDEFYNIIGREIVVRGNVIEDRFLGLILRASSWEDVDY
RREIERIKEELEKLGVM
;
A,D,G,J
2 'polypeptide(L)'
;KKRMPATRLYIKDILEGYFVKSEGDFEPNYLITKYARKVYRAKIVGTVVREPLIAEDETYGKFQVDDGTGVIWVLGFRDD
TKFAKLVRKGDLVQVIGKIAEWRDDKQILVEGVSKVHPNMWILHRYETLKEKIEHIKKAKIALEIYNQYGITAKSKVIAK
NKGIEEELLEVIDELYGIMM
;
B,E,H,K
3 'polypeptide(L)'
;RRRKPAVERKISEIREEDTRVSLIGRVIKVDKMDYMFWLDDGTGVAIIESESDLPKVGQVVRVIGRIIRNEEGIHIYAEV
IQDFSDADLEALEEIRELERKLLPRLEGEIVW
;
C,F,I,L
#
# COMPACT_ATOMS: atom_id res chain seq x y z
N VAL A 1 -37.54 -28.75 -24.98
CA VAL A 1 -37.30 -27.47 -24.32
C VAL A 1 -36.98 -26.41 -25.35
N ALA A 2 -37.64 -25.26 -25.25
CA ALA A 2 -37.38 -24.15 -26.15
C ALA A 2 -36.00 -23.56 -25.89
N THR A 3 -35.32 -23.18 -26.96
CA THR A 3 -33.99 -22.59 -26.86
C THR A 3 -34.08 -21.07 -26.92
N TYR A 4 -33.06 -20.41 -26.36
CA TYR A 4 -33.06 -18.96 -26.31
C TYR A 4 -32.40 -18.38 -27.56
N THR A 5 -32.71 -17.12 -27.86
CA THR A 5 -32.26 -16.47 -29.08
C THR A 5 -31.58 -15.15 -28.75
N ARG A 6 -30.42 -14.91 -29.35
CA ARG A 6 -29.78 -13.60 -29.25
C ARG A 6 -30.58 -12.57 -30.02
N LYS A 7 -30.58 -11.34 -29.52
CA LYS A 7 -31.31 -10.27 -30.17
C LYS A 7 -30.80 -8.93 -29.67
N LYS A 8 -30.58 -8.01 -30.61
CA LYS A 8 -30.14 -6.66 -30.24
C LYS A 8 -31.24 -5.95 -29.47
N ILE A 9 -30.83 -5.12 -28.50
CA ILE A 9 -31.79 -4.36 -27.72
C ILE A 9 -32.60 -3.42 -28.59
N LYS A 10 -32.04 -3.02 -29.74
CA LYS A 10 -32.69 -2.02 -30.57
C LYS A 10 -34.05 -2.48 -31.07
N ASP A 11 -34.16 -3.74 -31.50
CA ASP A 11 -35.34 -4.19 -32.21
C ASP A 11 -36.19 -5.18 -31.41
N ILE A 12 -36.02 -5.25 -30.09
CA ILE A 12 -36.92 -6.08 -29.29
C ILE A 12 -38.21 -5.31 -29.03
N GLU A 13 -39.33 -6.03 -29.04
CA GLU A 13 -40.64 -5.43 -28.86
C GLU A 13 -41.36 -6.14 -27.72
N ALA A 14 -42.44 -5.51 -27.27
CA ALA A 14 -43.20 -6.04 -26.14
C ALA A 14 -43.88 -7.34 -26.52
N GLY A 15 -43.95 -8.26 -25.57
CA GLY A 15 -44.58 -9.55 -25.76
C GLY A 15 -43.68 -10.64 -26.28
N ASP A 16 -42.43 -10.36 -26.58
CA ASP A 16 -41.51 -11.39 -27.03
C ASP A 16 -41.16 -12.32 -25.88
N ARG A 17 -40.80 -13.55 -26.23
CA ARG A 17 -40.44 -14.55 -25.23
C ARG A 17 -39.09 -15.16 -25.55
N PHE A 18 -38.37 -15.56 -24.50
CA PHE A 18 -37.07 -16.23 -24.61
C PHE A 18 -36.07 -15.36 -25.36
N VAL A 19 -35.74 -14.23 -24.74
CA VAL A 19 -34.81 -13.25 -25.31
C VAL A 19 -33.53 -13.25 -24.48
N GLU A 20 -32.40 -13.25 -25.19
CA GLU A 20 -31.07 -13.20 -24.60
C GLU A 20 -30.41 -11.89 -24.98
N VAL A 21 -29.81 -11.20 -24.00
CA VAL A 21 -29.24 -9.88 -24.23
C VAL A 21 -27.90 -9.79 -23.54
N ARG A 22 -26.89 -9.28 -24.24
CA ARG A 22 -25.57 -9.02 -23.66
C ARG A 22 -25.38 -7.53 -23.46
N GLY A 23 -24.87 -7.14 -22.30
CA GLY A 23 -24.71 -5.72 -22.07
C GLY A 23 -23.88 -5.39 -20.85
N THR A 24 -23.84 -4.10 -20.55
CA THR A 24 -23.13 -3.52 -19.42
C THR A 24 -24.15 -2.92 -18.47
N ILE A 25 -23.95 -3.13 -17.17
CA ILE A 25 -24.85 -2.58 -16.18
C ILE A 25 -24.61 -1.07 -16.08
N ALA A 26 -25.62 -0.28 -16.42
CA ALA A 26 -25.49 1.17 -16.45
C ALA A 26 -26.14 1.88 -15.29
N LYS A 27 -27.11 1.28 -14.61
CA LYS A 27 -27.68 1.88 -13.41
C LYS A 27 -28.29 0.79 -12.55
N VAL A 28 -28.27 1.01 -11.24
CA VAL A 28 -28.92 0.14 -10.27
C VAL A 28 -30.14 0.88 -9.71
N TYR A 29 -31.33 0.37 -10.01
CA TYR A 29 -32.56 1.05 -9.62
C TYR A 29 -32.94 0.73 -8.17
N ARG A 30 -33.20 -0.54 -7.87
CA ARG A 30 -33.65 -0.91 -6.53
C ARG A 30 -33.10 -2.26 -6.13
N VAL A 31 -32.99 -2.48 -4.82
CA VAL A 31 -32.78 -3.80 -4.25
C VAL A 31 -33.71 -3.95 -3.05
N LEU A 32 -34.49 -5.02 -3.03
CA LEU A 32 -35.50 -5.22 -1.99
C LEU A 32 -35.51 -6.68 -1.58
N THR A 33 -36.25 -6.96 -0.51
CA THR A 33 -36.46 -8.33 -0.06
C THR A 33 -37.89 -8.47 0.46
N TYR A 34 -38.44 -9.66 0.30
CA TYR A 34 -39.80 -9.93 0.77
C TYR A 34 -40.00 -11.43 0.95
N ASP A 35 -41.14 -11.78 1.54
CA ASP A 35 -41.41 -13.15 1.97
C ASP A 35 -42.03 -13.97 0.86
N ALA A 36 -41.75 -15.28 0.88
CA ALA A 36 -42.26 -16.21 -0.12
C ALA A 36 -42.34 -17.60 0.51
N CYS A 37 -43.05 -18.49 -0.19
CA CYS A 37 -43.23 -19.84 0.31
C CYS A 37 -41.89 -20.59 0.31
N PRO A 38 -41.63 -21.41 1.33
CA PRO A 38 -40.37 -22.15 1.37
C PRO A 38 -40.35 -23.41 0.50
N GLU A 39 -41.42 -23.69 -0.23
CA GLU A 39 -41.47 -24.87 -1.08
C GLU A 39 -41.55 -24.53 -2.57
N CYS A 40 -42.53 -23.73 -2.97
CA CYS A 40 -42.68 -23.35 -4.38
C CYS A 40 -42.03 -22.01 -4.71
N LYS A 41 -41.47 -21.32 -3.72
CA LYS A 41 -40.80 -20.03 -3.92
C LYS A 41 -41.70 -19.04 -4.66
N LYS A 42 -42.86 -18.76 -4.07
CA LYS A 42 -43.85 -17.90 -4.70
C LYS A 42 -44.38 -16.89 -3.70
N LYS A 43 -44.94 -15.80 -4.23
CA LYS A 43 -45.45 -14.73 -3.39
C LYS A 43 -46.57 -15.24 -2.49
N VAL A 44 -46.36 -15.14 -1.19
CA VAL A 44 -47.36 -15.51 -0.21
C VAL A 44 -47.81 -14.25 0.53
N ASP A 45 -49.03 -14.29 1.05
CA ASP A 45 -49.65 -13.13 1.67
C ASP A 45 -49.77 -13.35 3.17
N TYR A 46 -49.30 -12.37 3.94
CA TYR A 46 -49.47 -12.36 5.38
C TYR A 46 -50.76 -11.63 5.72
N ASP A 47 -51.64 -12.28 6.48
CA ASP A 47 -52.94 -11.72 6.83
C ASP A 47 -52.88 -11.17 8.25
N GLU A 48 -53.23 -9.90 8.40
CA GLU A 48 -53.25 -9.29 9.73
C GLU A 48 -54.33 -9.89 10.61
N GLY A 49 -55.53 -10.11 10.07
CA GLY A 49 -56.60 -10.70 10.85
C GLY A 49 -56.39 -12.16 11.17
N LEU A 50 -55.60 -12.86 10.36
CA LEU A 50 -55.27 -14.26 10.61
C LEU A 50 -53.90 -14.46 11.24
N GLY A 51 -53.02 -13.48 11.15
CA GLY A 51 -51.73 -13.57 11.78
C GLY A 51 -50.79 -14.60 11.20
N VAL A 52 -51.07 -15.08 9.98
CA VAL A 52 -50.30 -16.14 9.35
C VAL A 52 -50.10 -15.81 7.89
N TRP A 53 -49.18 -16.55 7.26
CA TRP A 53 -48.92 -16.47 5.83
C TRP A 53 -49.66 -17.59 5.12
N ILE A 54 -50.36 -17.24 4.05
CA ILE A 54 -51.20 -18.19 3.32
C ILE A 54 -50.60 -18.36 1.93
N CYS A 55 -50.21 -19.59 1.60
CA CYS A 55 -49.76 -19.93 0.26
C CYS A 55 -50.92 -20.56 -0.50
N PRO A 56 -51.43 -19.95 -1.56
CA PRO A 56 -52.54 -20.58 -2.28
C PRO A 56 -52.07 -21.71 -3.19
N GLU A 57 -51.10 -22.48 -2.70
CA GLU A 57 -50.77 -23.79 -3.24
C GLU A 57 -50.54 -24.85 -2.16
N HIS A 58 -50.20 -24.45 -0.93
CA HIS A 58 -49.83 -25.41 0.10
C HIS A 58 -50.51 -25.12 1.43
N GLY A 59 -51.33 -24.07 1.52
CA GLY A 59 -51.92 -23.73 2.80
C GLY A 59 -51.00 -22.82 3.59
N GLU A 60 -50.89 -23.08 4.88
CA GLU A 60 -50.07 -22.25 5.77
C GLU A 60 -48.63 -22.72 5.75
N VAL A 61 -47.70 -21.81 5.45
CA VAL A 61 -46.29 -22.11 5.43
C VAL A 61 -45.52 -20.98 6.11
N GLN A 62 -44.32 -21.31 6.58
CA GLN A 62 -43.46 -20.31 7.21
C GLN A 62 -42.72 -19.51 6.14
N PRO A 63 -42.75 -18.19 6.20
CA PRO A 63 -42.16 -17.39 5.11
C PRO A 63 -40.65 -17.46 5.09
N ILE A 64 -40.10 -17.30 3.88
CA ILE A 64 -38.65 -17.20 3.68
C ILE A 64 -38.37 -15.94 2.89
N LYS A 65 -37.30 -15.25 3.27
CA LYS A 65 -36.95 -13.98 2.64
C LYS A 65 -36.15 -14.21 1.37
N MET A 66 -36.61 -13.61 0.28
CA MET A 66 -35.91 -13.63 -1.00
C MET A 66 -35.85 -12.22 -1.57
N THR A 67 -34.78 -11.93 -2.30
CA THR A 67 -34.48 -10.58 -2.76
C THR A 67 -34.86 -10.40 -4.22
N ILE A 68 -35.15 -9.15 -4.56
CA ILE A 68 -35.44 -8.73 -5.93
C ILE A 68 -34.49 -7.59 -6.28
N LEU A 69 -33.89 -7.67 -7.47
CA LEU A 69 -32.93 -6.68 -7.92
C LEU A 69 -33.45 -6.06 -9.21
N ASP A 70 -33.29 -4.75 -9.34
CA ASP A 70 -33.85 -3.99 -10.45
C ASP A 70 -32.78 -3.05 -10.98
N PHE A 71 -32.29 -3.31 -12.18
CA PHE A 71 -31.17 -2.53 -12.72
C PHE A 71 -31.41 -2.24 -14.19
N GLY A 72 -30.42 -1.63 -14.83
CA GLY A 72 -30.53 -1.26 -16.24
C GLY A 72 -29.35 -1.70 -17.08
N LEU A 73 -29.63 -2.21 -18.27
CA LEU A 73 -28.63 -2.81 -19.14
C LEU A 73 -28.49 -1.98 -20.41
N ASP A 74 -27.25 -1.83 -20.86
CA ASP A 74 -26.92 -0.99 -22.01
C ASP A 74 -25.95 -1.72 -22.92
N ASP A 75 -26.23 -1.73 -24.23
CA ASP A 75 -25.30 -2.38 -25.14
C ASP A 75 -25.07 -1.62 -26.43
N GLY A 76 -24.82 -0.31 -26.38
CA GLY A 76 -24.44 0.46 -27.53
C GLY A 76 -25.56 0.80 -28.49
N THR A 77 -26.64 0.02 -28.49
CA THR A 77 -27.77 0.29 -29.37
C THR A 77 -29.07 0.58 -28.64
N GLY A 78 -29.08 0.51 -27.31
CA GLY A 78 -30.30 0.76 -26.57
C GLY A 78 -30.05 0.66 -25.08
N TYR A 79 -31.11 0.89 -24.31
CA TYR A 79 -31.08 0.82 -22.87
C TYR A 79 -32.39 0.21 -22.39
N ILE A 80 -32.31 -0.80 -21.52
CA ILE A 80 -33.51 -1.53 -21.10
C ILE A 80 -33.43 -1.88 -19.62
N ARG A 81 -34.57 -1.84 -18.95
CA ARG A 81 -34.64 -2.26 -17.55
C ARG A 81 -34.69 -3.77 -17.44
N VAL A 82 -34.02 -4.32 -16.42
CA VAL A 82 -33.96 -5.76 -16.18
C VAL A 82 -34.26 -6.01 -14.70
N THR A 83 -35.02 -7.08 -14.44
CA THR A 83 -35.40 -7.46 -13.08
C THR A 83 -34.99 -8.91 -12.81
N LEU A 84 -34.27 -9.12 -11.72
CA LEU A 84 -33.78 -10.43 -11.29
C LEU A 84 -34.45 -10.83 -9.98
N PHE A 85 -34.76 -12.13 -9.87
CA PHE A 85 -35.53 -12.67 -8.75
C PHE A 85 -34.71 -13.69 -7.97
N GLY A 86 -34.91 -13.68 -6.66
CA GLY A 86 -34.49 -14.82 -5.84
C GLY A 86 -33.00 -15.05 -5.83
N ASP A 87 -32.60 -16.31 -6.10
CA ASP A 87 -31.22 -16.74 -5.89
C ASP A 87 -30.22 -15.96 -6.73
N ASP A 88 -30.57 -15.67 -7.98
CA ASP A 88 -29.64 -14.96 -8.86
C ASP A 88 -29.29 -13.59 -8.31
N ALA A 89 -30.22 -12.97 -7.58
CA ALA A 89 -29.95 -11.64 -7.04
C ALA A 89 -28.81 -11.66 -6.03
N GLU A 90 -28.85 -12.58 -5.05
CA GLU A 90 -27.75 -12.61 -4.09
C GLU A 90 -26.52 -13.27 -4.69
N GLU A 91 -26.69 -14.06 -5.75
CA GLU A 91 -25.51 -14.55 -6.47
C GLU A 91 -24.75 -13.41 -7.14
N LEU A 92 -25.47 -12.48 -7.76
CA LEU A 92 -24.84 -11.33 -8.40
C LEU A 92 -24.29 -10.35 -7.37
N LEU A 93 -25.09 -10.03 -6.34
CA LEU A 93 -24.66 -9.05 -5.36
C LEU A 93 -23.60 -9.64 -4.43
N GLY A 94 -23.76 -10.90 -4.04
CA GLY A 94 -22.86 -11.51 -3.08
C GLY A 94 -23.25 -11.32 -1.63
N VAL A 95 -24.47 -10.87 -1.35
CA VAL A 95 -24.93 -10.61 0.02
C VAL A 95 -26.25 -11.36 0.22
N SER A 96 -26.33 -12.11 1.31
CA SER A 96 -27.50 -12.93 1.59
C SER A 96 -28.71 -12.07 1.93
N PRO A 97 -29.93 -12.57 1.69
CA PRO A 97 -31.12 -11.74 1.92
C PRO A 97 -31.29 -11.27 3.35
N GLU A 98 -30.75 -12.00 4.33
CA GLU A 98 -30.88 -11.56 5.73
C GLU A 98 -30.23 -10.20 5.95
N GLU A 99 -29.04 -9.99 5.40
CA GLU A 99 -28.36 -8.72 5.56
C GLU A 99 -29.13 -7.60 4.87
N ILE A 100 -29.69 -7.87 3.69
CA ILE A 100 -30.47 -6.85 2.99
C ILE A 100 -31.71 -6.49 3.79
N ALA A 101 -32.40 -7.48 4.36
CA ALA A 101 -33.56 -7.19 5.19
C ALA A 101 -33.18 -6.38 6.41
N GLU A 102 -32.06 -6.72 7.06
CA GLU A 102 -31.61 -5.97 8.22
C GLU A 102 -31.28 -4.53 7.86
N LYS A 103 -30.62 -4.33 6.72
CA LYS A 103 -30.24 -2.97 6.31
C LYS A 103 -31.48 -2.16 5.95
N ILE A 104 -32.46 -2.76 5.28
CA ILE A 104 -33.70 -2.05 4.99
C ILE A 104 -34.41 -1.68 6.29
N LYS A 105 -34.41 -2.59 7.26
CA LYS A 105 -35.02 -2.28 8.55
C LYS A 105 -34.32 -1.10 9.23
N GLU A 106 -32.99 -1.11 9.22
CA GLU A 106 -32.25 0.00 9.84
C GLU A 106 -32.53 1.31 9.12
N LEU A 107 -32.61 1.28 7.79
CA LEU A 107 -32.93 2.49 7.05
C LEU A 107 -34.33 3.00 7.39
N GLU A 108 -35.30 2.09 7.52
CA GLU A 108 -36.65 2.51 7.82
C GLU A 108 -36.79 3.01 9.26
N GLU A 109 -35.95 2.50 10.17
CA GLU A 109 -35.96 3.01 11.53
C GLU A 109 -35.52 4.46 11.61
N SER A 110 -34.88 4.99 10.57
CA SER A 110 -34.54 6.40 10.52
C SER A 110 -35.71 7.27 10.07
N GLY A 111 -36.85 6.67 9.75
CA GLY A 111 -38.02 7.41 9.33
C GLY A 111 -38.29 7.43 7.84
N LEU A 112 -37.52 6.68 7.05
CA LEU A 112 -37.72 6.65 5.61
C LEU A 112 -38.73 5.59 5.24
N THR A 113 -39.46 5.83 4.15
CA THR A 113 -40.43 4.88 3.66
C THR A 113 -39.73 3.68 3.04
N THR A 114 -40.52 2.77 2.47
CA THR A 114 -39.96 1.58 1.83
C THR A 114 -39.17 1.95 0.59
N LYS A 115 -39.76 2.76 -0.29
CA LYS A 115 -39.10 3.10 -1.55
C LYS A 115 -37.80 3.86 -1.30
N GLU A 116 -37.83 4.85 -0.41
CA GLU A 116 -36.62 5.64 -0.15
C GLU A 116 -35.53 4.77 0.47
N ALA A 117 -35.89 3.88 1.38
CA ALA A 117 -34.90 2.97 1.97
C ALA A 117 -34.30 2.07 0.92
N ALA A 118 -35.12 1.51 0.03
CA ALA A 118 -34.62 0.64 -1.03
C ALA A 118 -33.67 1.40 -1.95
N ARG A 119 -34.06 2.61 -2.36
CA ARG A 119 -33.22 3.38 -3.27
C ARG A 119 -31.90 3.77 -2.62
N LYS A 120 -31.94 4.20 -1.36
CA LYS A 120 -30.71 4.54 -0.66
C LYS A 120 -29.80 3.34 -0.51
N LEU A 121 -30.37 2.17 -0.20
CA LEU A 121 -29.56 0.96 -0.10
C LEU A 121 -28.93 0.62 -1.44
N ALA A 122 -29.69 0.73 -2.53
CA ALA A 122 -29.14 0.42 -3.84
C ALA A 122 -28.00 1.37 -4.22
N GLU A 123 -28.19 2.66 -3.97
CA GLU A 123 -27.24 3.65 -4.48
C GLU A 123 -26.09 3.92 -3.51
N ASP A 124 -26.13 3.39 -2.29
CA ASP A 124 -25.09 3.66 -1.32
C ASP A 124 -24.22 2.45 -0.99
N GLU A 125 -24.66 1.25 -1.29
CA GLU A 125 -23.88 0.08 -0.91
C GLU A 125 -23.57 -0.85 -2.08
N PHE A 126 -24.45 -0.92 -3.08
CA PHE A 126 -24.27 -1.81 -4.22
C PHE A 126 -23.93 -1.04 -5.49
N TYR A 127 -23.14 0.02 -5.38
CA TYR A 127 -22.77 0.81 -6.55
C TYR A 127 -21.58 0.24 -7.30
N ASN A 128 -20.95 -0.82 -6.79
CA ASN A 128 -19.72 -1.31 -7.41
C ASN A 128 -19.97 -2.31 -8.53
N ILE A 129 -21.23 -2.69 -8.78
CA ILE A 129 -21.52 -3.59 -9.89
C ILE A 129 -21.71 -2.86 -11.20
N ILE A 130 -21.77 -1.53 -11.19
CA ILE A 130 -21.91 -0.77 -12.43
C ILE A 130 -20.64 -0.90 -13.24
N GLY A 131 -20.79 -1.15 -14.54
CA GLY A 131 -19.66 -1.36 -15.42
C GLY A 131 -19.29 -2.81 -15.64
N ARG A 132 -20.20 -3.74 -15.38
CA ARG A 132 -19.93 -5.17 -15.50
C ARG A 132 -20.66 -5.76 -16.69
N GLU A 133 -19.95 -6.58 -17.47
CA GLU A 133 -20.52 -7.23 -18.65
C GLU A 133 -21.25 -8.51 -18.24
N ILE A 134 -22.51 -8.64 -18.66
CA ILE A 134 -23.29 -9.84 -18.40
C ILE A 134 -24.15 -10.20 -19.58
N VAL A 135 -24.72 -11.40 -19.53
CA VAL A 135 -25.63 -11.92 -20.54
C VAL A 135 -26.85 -12.47 -19.83
N VAL A 136 -27.99 -11.80 -20.01
CA VAL A 136 -29.20 -12.15 -19.29
C VAL A 136 -30.20 -12.80 -20.24
N ARG A 137 -31.07 -13.64 -19.68
CA ARG A 137 -32.10 -14.34 -20.43
C ARG A 137 -33.43 -14.13 -19.73
N GLY A 138 -34.49 -13.94 -20.52
CA GLY A 138 -35.79 -13.82 -19.89
C GLY A 138 -36.86 -13.42 -20.89
N ASN A 139 -37.97 -12.93 -20.34
CA ASN A 139 -39.12 -12.53 -21.14
C ASN A 139 -39.38 -11.04 -20.97
N VAL A 140 -39.71 -10.39 -22.08
CA VAL A 140 -39.89 -8.95 -22.10
C VAL A 140 -41.38 -8.64 -22.01
N ILE A 141 -41.73 -7.74 -21.09
CA ILE A 141 -43.11 -7.34 -20.85
C ILE A 141 -43.16 -5.82 -20.93
N GLU A 142 -44.37 -5.28 -21.03
CA GLU A 142 -44.55 -3.84 -21.10
C GLU A 142 -45.40 -3.39 -19.91
N ASP A 143 -44.78 -2.66 -19.00
CA ASP A 143 -45.50 -2.04 -17.90
C ASP A 143 -46.01 -0.67 -18.34
N ARG A 144 -47.27 -0.40 -18.01
CA ARG A 144 -47.94 0.82 -18.47
C ARG A 144 -47.30 2.09 -17.92
N PHE A 145 -46.56 1.99 -16.81
CA PHE A 145 -45.97 3.15 -16.19
C PHE A 145 -44.46 3.23 -16.32
N LEU A 146 -43.79 2.13 -16.67
CA LEU A 146 -42.34 2.10 -16.73
C LEU A 146 -41.78 1.82 -18.12
N GLY A 147 -42.60 1.33 -19.05
CA GLY A 147 -42.10 0.98 -20.36
C GLY A 147 -41.75 -0.50 -20.44
N LEU A 148 -40.77 -0.81 -21.27
CA LEU A 148 -40.35 -2.20 -21.42
C LEU A 148 -39.55 -2.65 -20.20
N ILE A 149 -39.78 -3.87 -19.76
CA ILE A 149 -39.03 -4.47 -18.67
C ILE A 149 -38.71 -5.91 -19.04
N LEU A 150 -37.46 -6.30 -18.86
CA LEU A 150 -37.01 -7.67 -19.13
C LEU A 150 -36.95 -8.41 -17.80
N ARG A 151 -37.85 -9.37 -17.61
CA ARG A 151 -37.86 -10.18 -16.40
C ARG A 151 -36.99 -11.40 -16.67
N ALA A 152 -35.93 -11.54 -15.87
CA ALA A 152 -34.90 -12.52 -16.17
C ALA A 152 -35.11 -13.80 -15.37
N SER A 153 -34.84 -14.92 -16.02
CA SER A 153 -34.90 -16.23 -15.38
C SER A 153 -33.52 -16.64 -14.86
N SER A 154 -32.47 -16.36 -15.63
CA SER A 154 -31.11 -16.69 -15.24
C SER A 154 -30.15 -15.71 -15.87
N TRP A 155 -28.97 -15.59 -15.28
CA TRP A 155 -27.89 -14.77 -15.81
C TRP A 155 -26.60 -15.55 -15.76
N GLU A 156 -25.65 -15.16 -16.60
CA GLU A 156 -24.34 -15.78 -16.61
C GLU A 156 -23.31 -14.73 -16.98
N ASP A 157 -22.05 -15.06 -16.72
CA ASP A 157 -20.96 -14.19 -17.13
C ASP A 157 -20.69 -14.35 -18.63
N VAL A 158 -20.00 -13.44 -19.30
CA VAL A 158 -19.86 -13.60 -20.77
C VAL A 158 -19.03 -14.78 -21.19
N ASP A 159 -18.54 -14.78 -22.43
CA ASP A 159 -17.67 -15.85 -22.94
C ASP A 159 -16.68 -15.51 -24.06
N TYR A 160 -15.84 -14.54 -23.77
CA TYR A 160 -14.85 -13.98 -24.64
C TYR A 160 -14.36 -14.64 -25.92
N ARG A 161 -14.58 -15.93 -26.16
CA ARG A 161 -14.24 -16.47 -27.47
C ARG A 161 -15.45 -16.51 -28.39
N ARG A 162 -16.62 -16.87 -27.87
CA ARG A 162 -17.82 -16.85 -28.69
C ARG A 162 -18.13 -15.46 -29.20
N GLU A 163 -17.96 -14.45 -28.33
CA GLU A 163 -18.23 -13.08 -28.74
C GLU A 163 -17.27 -12.61 -29.82
N ILE A 164 -15.99 -12.98 -29.68
CA ILE A 164 -15.02 -12.64 -30.72
C ILE A 164 -15.39 -13.32 -32.02
N GLU A 165 -15.89 -14.56 -31.95
CA GLU A 165 -16.35 -15.25 -33.15
C GLU A 165 -17.49 -14.50 -33.82
N ARG A 166 -18.44 -14.01 -33.03
CA ARG A 166 -19.56 -13.25 -33.58
C ARG A 166 -19.08 -11.98 -34.25
N ILE A 167 -18.16 -11.24 -33.61
CA ILE A 167 -17.67 -10.00 -34.19
C ILE A 167 -16.89 -10.28 -35.47
N LYS A 168 -16.12 -11.37 -35.49
CA LYS A 168 -15.42 -11.74 -36.72
C LYS A 168 -16.39 -12.07 -37.84
N GLU A 169 -17.48 -12.77 -37.53
CA GLU A 169 -18.48 -13.08 -38.54
C GLU A 169 -19.12 -11.81 -39.09
N GLU A 170 -19.43 -10.86 -38.21
CA GLU A 170 -20.02 -9.61 -38.68
C GLU A 170 -19.05 -8.80 -39.53
N LEU A 171 -17.76 -8.77 -39.14
CA LEU A 171 -16.76 -8.11 -39.99
C LEU A 171 -16.64 -8.79 -41.34
N GLU A 172 -16.73 -10.12 -41.38
CA GLU A 172 -16.72 -10.84 -42.65
C GLU A 172 -17.93 -10.42 -43.50
N LYS A 173 -19.09 -10.25 -42.85
CA LYS A 173 -20.26 -9.76 -43.57
C LYS A 173 -20.03 -8.37 -44.14
N LEU A 174 -19.35 -7.49 -43.40
CA LEU A 174 -19.00 -6.18 -43.95
C LEU A 174 -18.08 -6.30 -45.15
N GLY A 175 -17.10 -7.20 -45.11
CA GLY A 175 -16.24 -7.42 -46.25
C GLY A 175 -14.85 -6.85 -46.13
N VAL A 176 -14.23 -6.99 -44.96
CA VAL A 176 -12.87 -6.56 -44.72
C VAL A 176 -11.92 -7.75 -44.57
N MET A 177 -12.29 -8.72 -43.74
CA MET A 177 -11.51 -9.94 -43.62
C MET A 177 -11.70 -10.86 -44.82
N LYS B 1 -39.01 9.76 -20.12
CA LYS B 1 -37.66 9.46 -19.63
C LYS B 1 -36.95 8.58 -20.65
N LYS B 2 -36.06 9.19 -21.43
CA LYS B 2 -35.25 8.46 -22.40
C LYS B 2 -33.78 8.63 -22.07
N ARG B 3 -33.06 7.51 -22.03
CA ARG B 3 -31.63 7.51 -21.75
C ARG B 3 -30.91 7.03 -23.01
N MET B 4 -29.89 7.77 -23.42
CA MET B 4 -29.19 7.45 -24.65
C MET B 4 -28.10 6.41 -24.39
N PRO B 5 -27.90 5.47 -25.31
CA PRO B 5 -26.89 4.43 -25.09
C PRO B 5 -25.48 4.97 -25.21
N ALA B 6 -24.56 4.29 -24.54
CA ALA B 6 -23.15 4.68 -24.55
C ALA B 6 -22.42 3.98 -25.70
N THR B 7 -21.46 4.69 -26.30
CA THR B 7 -20.72 4.20 -27.44
C THR B 7 -19.30 3.87 -27.04
N ARG B 8 -18.75 2.78 -27.60
CA ARG B 8 -17.40 2.35 -27.28
C ARG B 8 -16.42 3.08 -28.20
N LEU B 9 -15.45 3.77 -27.61
CA LEU B 9 -14.63 4.74 -28.34
C LEU B 9 -13.15 4.53 -28.06
N TYR B 10 -12.33 5.06 -28.98
CA TYR B 10 -10.90 5.25 -28.75
C TYR B 10 -10.67 6.57 -28.03
N ILE B 11 -9.71 6.58 -27.11
CA ILE B 11 -9.44 7.81 -26.37
C ILE B 11 -8.94 8.91 -27.30
N LYS B 12 -8.30 8.53 -28.41
CA LYS B 12 -7.86 9.52 -29.38
C LYS B 12 -9.04 10.29 -29.95
N ASP B 13 -10.12 9.59 -30.27
CA ASP B 13 -11.31 10.26 -30.81
C ASP B 13 -11.95 11.20 -29.80
N ILE B 14 -12.00 10.79 -28.53
CA ILE B 14 -12.52 11.69 -27.50
C ILE B 14 -11.66 12.93 -27.39
N LEU B 15 -10.35 12.79 -27.58
CA LEU B 15 -9.46 13.93 -27.38
C LEU B 15 -9.38 14.81 -28.62
N GLU B 16 -9.91 14.36 -29.75
CA GLU B 16 -9.84 15.11 -30.99
C GLU B 16 -11.19 15.55 -31.54
N GLY B 17 -12.27 15.39 -30.78
CA GLY B 17 -13.57 15.83 -31.23
C GLY B 17 -13.89 17.24 -30.83
N TYR B 18 -15.02 17.73 -31.32
CA TYR B 18 -15.50 19.07 -31.03
C TYR B 18 -16.61 18.99 -29.98
N PHE B 19 -16.43 19.72 -28.89
CA PHE B 19 -17.38 19.68 -27.77
C PHE B 19 -18.45 20.73 -27.98
N VAL B 20 -19.70 20.30 -28.10
CA VAL B 20 -20.84 21.17 -28.31
C VAL B 20 -21.60 21.25 -26.99
N LYS B 21 -21.73 22.46 -26.46
CA LYS B 21 -22.36 22.68 -25.17
C LYS B 21 -23.77 23.21 -25.38
N SER B 22 -24.75 22.53 -24.79
CA SER B 22 -26.14 22.92 -24.98
C SER B 22 -26.43 24.20 -24.22
N GLU B 23 -27.40 24.96 -24.73
CA GLU B 23 -27.82 26.21 -24.10
C GLU B 23 -29.19 26.09 -23.44
N GLY B 24 -30.05 25.21 -23.94
CA GLY B 24 -31.35 25.01 -23.33
C GLY B 24 -31.26 24.14 -22.09
N ASP B 25 -32.42 23.86 -21.50
CA ASP B 25 -32.46 22.99 -20.34
C ASP B 25 -32.69 21.54 -20.73
N PHE B 26 -33.53 21.29 -21.73
CA PHE B 26 -33.92 19.95 -22.11
C PHE B 26 -33.01 19.34 -23.17
N GLU B 27 -31.76 19.78 -23.25
CA GLU B 27 -30.78 19.19 -24.15
C GLU B 27 -29.48 19.00 -23.39
N PRO B 28 -28.80 17.87 -23.56
CA PRO B 28 -27.51 17.65 -22.90
C PRO B 28 -26.35 18.07 -23.77
N ASN B 29 -25.18 18.21 -23.13
CA ASN B 29 -23.94 18.47 -23.83
C ASN B 29 -23.58 17.25 -24.66
N TYR B 30 -22.85 17.46 -25.77
CA TYR B 30 -22.40 16.33 -26.55
C TYR B 30 -21.09 16.66 -27.24
N LEU B 31 -20.62 15.72 -28.06
CA LEU B 31 -19.33 15.82 -28.73
C LEU B 31 -19.44 15.20 -30.10
N ILE B 32 -18.94 15.89 -31.12
CA ILE B 32 -18.98 15.41 -32.49
C ILE B 32 -17.56 15.05 -32.89
N THR B 33 -17.33 13.78 -33.24
CA THR B 33 -16.01 13.31 -33.57
C THR B 33 -15.61 13.74 -34.97
N LYS B 34 -14.39 13.39 -35.36
CA LYS B 34 -13.85 13.84 -36.64
C LYS B 34 -14.60 13.28 -37.84
N TYR B 35 -15.36 12.21 -37.66
CA TYR B 35 -16.08 11.59 -38.76
C TYR B 35 -17.59 11.67 -38.58
N ALA B 36 -18.08 12.76 -37.99
CA ALA B 36 -19.50 13.05 -37.87
C ALA B 36 -20.25 11.95 -37.11
N ARG B 37 -19.91 11.81 -35.84
CA ARG B 37 -20.59 10.89 -34.93
C ARG B 37 -20.93 11.64 -33.65
N LYS B 38 -22.21 11.75 -33.34
CA LYS B 38 -22.62 12.37 -32.09
C LYS B 38 -22.54 11.36 -30.95
N VAL B 39 -21.90 11.74 -29.86
CA VAL B 39 -21.75 10.85 -28.72
C VAL B 39 -22.19 11.58 -27.46
N TYR B 40 -23.05 10.92 -26.67
CA TYR B 40 -23.54 11.45 -25.41
C TYR B 40 -22.79 10.88 -24.22
N ARG B 41 -22.52 9.59 -24.22
CA ARG B 41 -21.83 8.90 -23.14
C ARG B 41 -20.70 8.06 -23.72
N ALA B 42 -19.57 8.03 -23.03
CA ALA B 42 -18.40 7.28 -23.46
C ALA B 42 -18.21 6.05 -22.58
N LYS B 43 -17.53 5.05 -23.15
CA LYS B 43 -17.32 3.77 -22.49
C LYS B 43 -15.99 3.21 -22.98
N ILE B 44 -14.96 3.25 -22.13
CA ILE B 44 -13.60 2.91 -22.53
C ILE B 44 -13.04 1.84 -21.60
N VAL B 45 -12.00 1.15 -22.07
CA VAL B 45 -11.33 0.11 -21.30
C VAL B 45 -9.83 0.35 -21.37
N GLY B 46 -9.18 0.41 -20.22
CA GLY B 46 -7.76 0.73 -20.22
C GLY B 46 -7.12 0.57 -18.86
N THR B 47 -5.84 0.89 -18.80
CA THR B 47 -5.01 0.67 -17.62
C THR B 47 -4.92 1.94 -16.77
N VAL B 48 -5.11 1.80 -15.47
CA VAL B 48 -4.88 2.90 -14.55
C VAL B 48 -3.37 3.04 -14.34
N VAL B 49 -2.84 4.23 -14.59
CA VAL B 49 -1.40 4.44 -14.61
C VAL B 49 -0.87 5.14 -13.35
N ARG B 50 -1.73 5.67 -12.50
CA ARG B 50 -1.27 6.38 -11.32
C ARG B 50 -2.24 6.15 -10.17
N GLU B 51 -1.73 6.32 -8.95
CA GLU B 51 -2.56 6.19 -7.76
C GLU B 51 -3.63 7.29 -7.75
N PRO B 52 -4.87 6.96 -7.46
CA PRO B 52 -5.93 7.98 -7.48
C PRO B 52 -5.65 9.10 -6.48
N LEU B 53 -6.00 10.32 -6.88
CA LEU B 53 -5.82 11.50 -6.04
C LEU B 53 -7.16 11.90 -5.47
N ILE B 54 -7.33 11.75 -4.16
CA ILE B 54 -8.56 12.11 -3.46
C ILE B 54 -8.23 13.27 -2.53
N ALA B 55 -9.06 14.32 -2.59
CA ALA B 55 -8.85 15.47 -1.73
C ALA B 55 -8.98 15.07 -0.27
N GLU B 56 -8.39 15.90 0.61
CA GLU B 56 -8.33 15.55 2.03
C GLU B 56 -9.72 15.43 2.64
N ASP B 57 -10.67 16.23 2.16
CA ASP B 57 -12.04 16.19 2.65
C ASP B 57 -12.99 15.46 1.69
N GLU B 58 -12.46 14.59 0.83
CA GLU B 58 -13.23 13.74 -0.07
C GLU B 58 -14.32 14.49 -0.83
N THR B 59 -14.00 15.70 -1.29
CA THR B 59 -14.94 16.44 -2.12
C THR B 59 -14.84 16.06 -3.59
N TYR B 60 -13.75 15.43 -4.00
CA TYR B 60 -13.60 15.01 -5.39
C TYR B 60 -12.51 13.95 -5.48
N GLY B 61 -12.48 13.25 -6.61
CA GLY B 61 -11.48 12.23 -6.84
C GLY B 61 -11.24 11.95 -8.31
N LYS B 62 -10.02 11.62 -8.69
CA LYS B 62 -9.70 11.45 -10.10
C LYS B 62 -8.64 10.39 -10.29
N PHE B 63 -8.54 9.89 -11.52
CA PHE B 63 -7.45 9.00 -11.89
C PHE B 63 -7.26 9.01 -13.39
N GLN B 64 -6.09 8.57 -13.83
CA GLN B 64 -5.73 8.58 -15.24
C GLN B 64 -5.95 7.21 -15.86
N VAL B 65 -6.40 7.18 -17.11
CA VAL B 65 -6.65 5.95 -17.84
C VAL B 65 -5.93 6.01 -19.17
N ASP B 66 -5.21 4.94 -19.50
CA ASP B 66 -4.48 4.80 -20.75
C ASP B 66 -4.90 3.52 -21.44
N ASP B 67 -5.07 3.57 -22.77
CA ASP B 67 -5.41 2.37 -23.53
C ASP B 67 -4.53 2.07 -24.73
N GLY B 68 -3.67 3.01 -25.14
CA GLY B 68 -2.80 2.74 -26.27
C GLY B 68 -2.80 3.85 -27.30
N THR B 69 -3.87 4.64 -27.35
CA THR B 69 -3.97 5.75 -28.28
C THR B 69 -4.07 7.12 -27.61
N GLY B 70 -4.21 7.16 -26.30
CA GLY B 70 -4.25 8.43 -25.60
C GLY B 70 -4.35 8.17 -24.11
N VAL B 71 -4.20 9.25 -23.34
CA VAL B 71 -4.30 9.19 -21.88
C VAL B 71 -5.27 10.26 -21.43
N ILE B 72 -6.27 9.86 -20.65
CA ILE B 72 -7.36 10.77 -20.30
C ILE B 72 -7.59 10.76 -18.79
N TRP B 73 -7.98 11.91 -18.26
CA TRP B 73 -8.31 12.06 -16.85
C TRP B 73 -9.77 11.70 -16.63
N VAL B 74 -10.06 10.99 -15.55
CA VAL B 74 -11.42 10.63 -15.17
C VAL B 74 -11.69 11.24 -13.81
N LEU B 75 -12.79 11.99 -13.71
CA LEU B 75 -13.09 12.83 -12.56
C LEU B 75 -14.39 12.39 -11.91
N GLY B 76 -14.53 12.72 -10.63
CA GLY B 76 -15.78 12.58 -9.93
C GLY B 76 -15.92 13.62 -8.84
N PHE B 77 -17.02 14.35 -8.84
CA PHE B 77 -17.24 15.44 -7.90
C PHE B 77 -18.34 15.08 -6.92
N ARG B 78 -18.26 15.67 -5.73
CA ARG B 78 -19.23 15.44 -4.66
C ARG B 78 -19.29 13.97 -4.26
N ASP B 79 -20.43 13.31 -4.50
CA ASP B 79 -20.58 11.94 -4.00
C ASP B 79 -20.05 10.88 -4.96
N ASP B 80 -19.67 11.25 -6.18
CA ASP B 80 -19.08 10.28 -7.10
C ASP B 80 -17.62 10.00 -6.81
N THR B 81 -17.01 10.73 -5.86
CA THR B 81 -15.65 10.44 -5.48
C THR B 81 -15.50 9.02 -4.95
N LYS B 82 -16.59 8.40 -4.50
CA LYS B 82 -16.53 7.01 -4.09
C LYS B 82 -15.97 6.13 -5.20
N PHE B 83 -16.33 6.40 -6.45
CA PHE B 83 -15.82 5.58 -7.56
C PHE B 83 -14.30 5.67 -7.64
N ALA B 84 -13.74 6.84 -7.33
CA ALA B 84 -12.30 7.01 -7.44
C ALA B 84 -11.56 6.13 -6.45
N LYS B 85 -12.26 5.55 -5.48
CA LYS B 85 -11.62 4.68 -4.51
C LYS B 85 -11.69 3.21 -4.90
N LEU B 86 -12.42 2.85 -5.96
CA LEU B 86 -12.59 1.43 -6.28
C LEU B 86 -11.41 0.86 -7.07
N VAL B 87 -10.44 1.68 -7.45
CA VAL B 87 -9.37 1.25 -8.33
C VAL B 87 -8.03 1.63 -7.73
N ARG B 88 -6.99 0.92 -8.18
CA ARG B 88 -5.62 1.21 -7.78
C ARG B 88 -4.70 1.03 -8.98
N LYS B 89 -3.44 1.40 -8.79
CA LYS B 89 -2.51 1.49 -9.91
C LYS B 89 -2.26 0.12 -10.53
N GLY B 90 -2.26 0.06 -11.86
CA GLY B 90 -2.01 -1.17 -12.58
C GLY B 90 -3.25 -1.95 -12.98
N ASP B 91 -4.44 -1.49 -12.61
CA ASP B 91 -5.67 -2.20 -12.91
C ASP B 91 -5.98 -2.15 -14.40
N LEU B 92 -6.94 -2.97 -14.80
CA LEU B 92 -7.43 -3.04 -16.18
C LEU B 92 -8.93 -2.80 -16.11
N VAL B 93 -9.33 -1.53 -16.14
CA VAL B 93 -10.68 -1.14 -15.79
C VAL B 93 -11.50 -0.87 -17.04
N GLN B 94 -12.82 -0.86 -16.86
CA GLN B 94 -13.79 -0.37 -17.83
C GLN B 94 -14.57 0.76 -17.18
N VAL B 95 -14.62 1.91 -17.86
CA VAL B 95 -15.18 3.14 -17.33
C VAL B 95 -16.31 3.58 -18.24
N ILE B 96 -17.46 3.89 -17.66
CA ILE B 96 -18.61 4.42 -18.39
C ILE B 96 -19.00 5.75 -17.76
N GLY B 97 -19.18 6.78 -18.59
CA GLY B 97 -19.56 8.07 -18.05
C GLY B 97 -19.69 9.12 -19.13
N LYS B 98 -20.10 10.31 -18.71
CA LYS B 98 -20.34 11.41 -19.63
C LYS B 98 -19.02 12.06 -20.04
N ILE B 99 -19.11 13.03 -20.95
CA ILE B 99 -17.94 13.71 -21.50
C ILE B 99 -18.03 15.19 -21.12
N ALA B 100 -16.94 15.74 -20.59
CA ALA B 100 -16.88 17.13 -20.19
C ALA B 100 -15.56 17.73 -20.63
N GLU B 101 -15.52 19.05 -20.73
CA GLU B 101 -14.34 19.79 -21.16
C GLU B 101 -13.96 20.80 -20.10
N TRP B 102 -12.67 20.90 -19.82
CA TRP B 102 -12.15 21.85 -18.85
C TRP B 102 -10.75 22.25 -19.27
N ARG B 103 -10.55 23.54 -19.51
CA ARG B 103 -9.26 24.08 -19.92
C ARG B 103 -8.75 23.37 -21.18
N ASP B 104 -9.56 23.49 -22.23
CA ASP B 104 -9.34 22.91 -23.56
C ASP B 104 -8.74 21.51 -23.53
N ASP B 105 -9.21 20.67 -22.62
CA ASP B 105 -8.79 19.28 -22.52
C ASP B 105 -9.98 18.44 -22.09
N LYS B 106 -10.31 17.43 -22.88
CA LYS B 106 -11.50 16.64 -22.61
C LYS B 106 -11.29 15.73 -21.41
N GLN B 107 -12.35 15.55 -20.62
CA GLN B 107 -12.33 14.72 -19.42
C GLN B 107 -13.65 13.98 -19.32
N ILE B 108 -13.65 12.89 -18.57
CA ILE B 108 -14.83 12.05 -18.39
C ILE B 108 -15.32 12.20 -16.96
N LEU B 109 -16.60 12.52 -16.82
CA LEU B 109 -17.26 12.56 -15.52
C LEU B 109 -17.81 11.17 -15.23
N VAL B 110 -17.22 10.48 -14.28
CA VAL B 110 -17.42 9.04 -14.15
C VAL B 110 -18.81 8.73 -13.62
N GLU B 111 -19.44 7.70 -14.19
CA GLU B 111 -20.64 7.10 -13.65
C GLU B 111 -20.44 5.68 -13.18
N GLY B 112 -19.49 4.94 -13.74
CA GLY B 112 -19.17 3.62 -13.26
C GLY B 112 -17.80 3.13 -13.67
N VAL B 113 -17.12 2.41 -12.80
CA VAL B 113 -15.81 1.84 -13.08
C VAL B 113 -15.77 0.42 -12.55
N SER B 114 -15.21 -0.50 -13.34
CA SER B 114 -15.20 -1.90 -12.91
C SER B 114 -14.08 -2.66 -13.59
N LYS B 115 -13.38 -3.49 -12.82
CA LYS B 115 -12.26 -4.27 -13.32
C LYS B 115 -12.75 -5.34 -14.29
N VAL B 116 -11.88 -5.73 -15.22
CA VAL B 116 -12.20 -6.76 -16.21
C VAL B 116 -11.01 -7.69 -16.42
N HIS B 117 -11.30 -8.81 -17.06
CA HIS B 117 -10.38 -9.84 -17.51
C HIS B 117 -9.77 -9.45 -18.85
N PRO B 118 -8.54 -9.86 -19.15
CA PRO B 118 -7.89 -9.42 -20.41
C PRO B 118 -8.70 -9.74 -21.66
N ASN B 119 -9.43 -10.86 -21.65
CA ASN B 119 -10.29 -11.15 -22.79
C ASN B 119 -11.32 -10.05 -23.00
N MET B 120 -11.77 -9.39 -21.94
CA MET B 120 -12.67 -8.26 -22.12
C MET B 120 -11.98 -7.12 -22.85
N TRP B 121 -10.70 -6.92 -22.58
CA TRP B 121 -9.92 -5.91 -23.30
C TRP B 121 -9.87 -6.24 -24.78
N ILE B 122 -9.66 -7.52 -25.12
CA ILE B 122 -9.60 -7.90 -26.53
C ILE B 122 -10.96 -7.72 -27.21
N LEU B 123 -12.05 -8.06 -26.50
CA LEU B 123 -13.38 -7.75 -27.03
C LEU B 123 -13.55 -6.25 -27.25
N HIS B 124 -13.08 -5.42 -26.33
CA HIS B 124 -13.19 -4.00 -26.52
C HIS B 124 -12.53 -3.59 -27.83
N ARG B 125 -11.34 -4.12 -28.10
CA ARG B 125 -10.64 -3.76 -29.32
C ARG B 125 -11.41 -4.18 -30.57
N TYR B 126 -11.80 -5.47 -30.64
CA TYR B 126 -12.57 -5.94 -31.80
C TYR B 126 -13.82 -5.11 -32.02
N GLU B 127 -14.61 -4.93 -30.96
CA GLU B 127 -15.94 -4.35 -31.12
C GLU B 127 -15.84 -2.87 -31.43
N THR B 128 -14.86 -2.16 -30.86
CA THR B 128 -14.72 -0.75 -31.19
C THR B 128 -14.24 -0.57 -32.63
N LEU B 129 -13.37 -1.46 -33.13
CA LEU B 129 -12.94 -1.33 -34.51
C LEU B 129 -14.10 -1.54 -35.47
N LYS B 130 -14.91 -2.57 -35.22
CA LYS B 130 -16.05 -2.80 -36.11
C LYS B 130 -17.05 -1.65 -36.06
N GLU B 131 -17.30 -1.14 -34.85
CA GLU B 131 -18.25 -0.04 -34.70
C GLU B 131 -17.75 1.24 -35.38
N LYS B 132 -16.44 1.42 -35.46
CA LYS B 132 -15.90 2.54 -36.23
C LYS B 132 -16.06 2.32 -37.73
N ILE B 133 -15.76 1.13 -38.22
CA ILE B 133 -15.83 0.85 -39.66
C ILE B 133 -17.23 1.11 -40.19
N GLU B 134 -18.24 0.58 -39.48
CA GLU B 134 -19.61 0.69 -39.96
C GLU B 134 -20.03 2.15 -40.14
N HIS B 135 -19.79 2.97 -39.13
CA HIS B 135 -20.19 4.37 -39.22
C HIS B 135 -19.36 5.14 -40.23
N ILE B 136 -18.08 4.80 -40.40
CA ILE B 136 -17.29 5.47 -41.44
C ILE B 136 -17.93 5.24 -42.80
N LYS B 137 -18.32 3.99 -43.07
CA LYS B 137 -18.96 3.70 -44.35
C LYS B 137 -20.27 4.48 -44.52
N LYS B 138 -21.11 4.49 -43.50
CA LYS B 138 -22.38 5.19 -43.62
C LYS B 138 -22.20 6.69 -43.83
N ALA B 139 -21.26 7.31 -43.11
CA ALA B 139 -21.01 8.74 -43.29
C ALA B 139 -20.44 9.04 -44.66
N LYS B 140 -19.55 8.18 -45.18
CA LYS B 140 -19.03 8.37 -46.52
C LYS B 140 -20.13 8.33 -47.55
N ILE B 141 -21.12 7.46 -47.35
CA ILE B 141 -22.23 7.41 -48.30
C ILE B 141 -23.10 8.67 -48.18
N ALA B 142 -23.35 9.13 -46.95
CA ALA B 142 -24.29 10.24 -46.77
C ALA B 142 -23.68 11.60 -47.13
N LEU B 143 -22.36 11.72 -47.11
CA LEU B 143 -21.73 13.01 -47.39
C LEU B 143 -22.03 13.47 -48.80
N GLU B 144 -22.03 12.55 -49.77
CA GLU B 144 -22.35 12.92 -51.15
C GLU B 144 -23.78 13.41 -51.27
N ILE B 145 -24.72 12.74 -50.61
CA ILE B 145 -26.11 13.21 -50.61
C ILE B 145 -26.18 14.62 -50.07
N TYR B 146 -25.45 14.90 -48.99
CA TYR B 146 -25.48 16.26 -48.43
C TYR B 146 -24.91 17.27 -49.41
N ASN B 147 -23.78 16.96 -50.03
CA ASN B 147 -23.09 17.96 -50.85
C ASN B 147 -23.82 18.23 -52.16
N GLN B 148 -24.26 17.19 -52.87
CA GLN B 148 -24.86 17.41 -54.19
C GLN B 148 -26.19 18.12 -54.10
N TYR B 149 -26.99 17.82 -53.09
CA TYR B 149 -28.38 18.27 -53.05
C TYR B 149 -28.65 19.29 -51.95
N GLY B 150 -28.32 18.98 -50.70
CA GLY B 150 -28.58 19.90 -49.61
C GLY B 150 -29.60 19.39 -48.62
N ILE B 151 -30.30 20.30 -47.95
CA ILE B 151 -31.27 19.95 -46.92
C ILE B 151 -32.65 20.26 -47.49
N THR B 152 -33.32 19.22 -48.01
CA THR B 152 -34.66 19.35 -48.54
C THR B 152 -35.46 18.11 -48.14
N ALA B 153 -36.78 18.21 -48.27
CA ALA B 153 -37.62 17.04 -48.01
C ALA B 153 -37.32 15.92 -48.99
N LYS B 154 -37.09 16.26 -50.26
CA LYS B 154 -36.74 15.25 -51.25
C LYS B 154 -35.38 14.63 -50.96
N SER B 155 -34.43 15.43 -50.46
CA SER B 155 -33.16 14.86 -50.03
C SER B 155 -33.36 13.90 -48.86
N LYS B 156 -34.29 14.23 -47.95
CA LYS B 156 -34.62 13.32 -46.86
C LYS B 156 -35.20 12.02 -47.40
N VAL B 157 -36.05 12.10 -48.43
CA VAL B 157 -36.59 10.89 -49.03
C VAL B 157 -35.47 10.05 -49.66
N ILE B 158 -34.53 10.71 -50.33
CA ILE B 158 -33.40 9.99 -50.93
C ILE B 158 -32.60 9.27 -49.85
N ALA B 159 -32.32 9.97 -48.74
CA ALA B 159 -31.58 9.35 -47.65
C ALA B 159 -32.37 8.19 -47.04
N LYS B 160 -33.70 8.33 -46.95
CA LYS B 160 -34.52 7.25 -46.44
C LYS B 160 -34.41 6.01 -47.32
N ASN B 161 -34.54 6.18 -48.64
CA ASN B 161 -34.53 5.02 -49.50
C ASN B 161 -33.12 4.49 -49.75
N LYS B 162 -32.09 5.25 -49.39
CA LYS B 162 -30.73 4.73 -49.53
C LYS B 162 -30.24 4.00 -48.30
N GLY B 163 -31.01 3.94 -47.22
CA GLY B 163 -30.61 3.23 -46.03
C GLY B 163 -29.77 4.01 -45.05
N ILE B 164 -29.85 5.33 -45.04
CA ILE B 164 -29.08 6.16 -44.12
C ILE B 164 -30.03 6.85 -43.16
N GLU B 165 -29.66 6.88 -41.88
CA GLU B 165 -30.49 7.50 -40.86
C GLU B 165 -30.70 8.98 -41.17
N GLU B 166 -31.87 9.49 -40.78
CA GLU B 166 -32.18 10.89 -41.06
C GLU B 166 -31.30 11.84 -40.26
N GLU B 167 -31.04 11.51 -39.00
CA GLU B 167 -30.28 12.40 -38.13
C GLU B 167 -28.84 12.59 -38.61
N LEU B 168 -28.32 11.66 -39.40
CA LEU B 168 -26.94 11.75 -39.84
C LEU B 168 -26.72 12.97 -40.73
N LEU B 169 -27.70 13.29 -41.56
CA LEU B 169 -27.58 14.49 -42.39
C LEU B 169 -27.49 15.75 -41.54
N GLU B 170 -28.32 15.84 -40.50
CA GLU B 170 -28.25 16.99 -39.61
C GLU B 170 -26.92 17.04 -38.87
N VAL B 171 -26.38 15.88 -38.49
CA VAL B 171 -25.08 15.85 -37.84
C VAL B 171 -24.01 16.36 -38.77
N ILE B 172 -24.05 15.94 -40.03
CA ILE B 172 -23.09 16.43 -41.03
C ILE B 172 -23.23 17.93 -41.20
N ASP B 173 -24.46 18.43 -41.23
CA ASP B 173 -24.67 19.87 -41.36
C ASP B 173 -24.06 20.61 -40.18
N GLU B 174 -24.27 20.11 -38.96
CA GLU B 174 -23.69 20.75 -37.78
C GLU B 174 -22.16 20.71 -37.82
N LEU B 175 -21.60 19.59 -38.27
CA LEU B 175 -20.14 19.51 -38.37
C LEU B 175 -19.61 20.52 -39.38
N TYR B 176 -20.30 20.68 -40.51
CA TYR B 176 -19.90 21.69 -41.48
C TYR B 176 -19.97 23.08 -40.87
N GLY B 177 -21.07 23.37 -40.15
CA GLY B 177 -21.25 24.68 -39.54
C GLY B 177 -20.27 24.99 -38.44
N ILE B 178 -19.72 23.97 -37.77
CA ILE B 178 -18.74 24.19 -36.71
C ILE B 178 -17.33 24.23 -37.27
N MET B 179 -17.10 23.57 -38.42
CA MET B 179 -15.77 23.56 -39.03
C MET B 179 -15.56 24.67 -40.05
N MET B 180 -16.57 25.49 -40.30
CA MET B 180 -16.44 26.54 -41.32
C MET B 180 -15.54 27.66 -40.83
N ARG C 1 4.06 19.35 -21.07
CA ARG C 1 4.59 18.00 -20.88
C ARG C 1 3.47 16.97 -20.88
N ARG C 2 2.85 16.79 -22.04
CA ARG C 2 1.75 15.86 -22.17
C ARG C 2 2.23 14.42 -21.94
N ARG C 3 1.37 13.62 -21.32
CA ARG C 3 1.69 12.22 -21.07
C ARG C 3 1.59 11.43 -22.37
N LYS C 4 2.60 10.61 -22.64
CA LYS C 4 2.61 9.83 -23.86
C LYS C 4 1.95 8.47 -23.64
N PRO C 5 1.20 7.99 -24.63
CA PRO C 5 0.63 6.64 -24.52
C PRO C 5 1.71 5.58 -24.64
N ALA C 6 1.42 4.42 -24.09
CA ALA C 6 2.34 3.28 -24.18
C ALA C 6 2.25 2.69 -25.58
N VAL C 7 3.19 3.07 -26.43
CA VAL C 7 3.22 2.58 -27.81
C VAL C 7 3.51 1.09 -27.80
N GLU C 8 2.52 0.28 -28.15
CA GLU C 8 2.65 -1.17 -28.09
C GLU C 8 3.60 -1.63 -29.18
N ARG C 9 4.62 -2.41 -28.80
CA ARG C 9 5.70 -2.74 -29.71
C ARG C 9 6.28 -4.11 -29.38
N LYS C 10 6.84 -4.74 -30.41
CA LYS C 10 7.56 -5.99 -30.30
C LYS C 10 8.97 -5.73 -29.81
N ILE C 11 9.61 -6.76 -29.25
CA ILE C 11 10.96 -6.59 -28.71
C ILE C 11 11.93 -6.25 -29.83
N SER C 12 11.82 -6.93 -30.97
CA SER C 12 12.77 -6.75 -32.06
C SER C 12 12.57 -5.44 -32.82
N GLU C 13 11.50 -4.71 -32.56
CA GLU C 13 11.12 -3.56 -33.39
C GLU C 13 11.21 -2.25 -32.61
N ILE C 14 11.89 -2.24 -31.47
CA ILE C 14 11.99 -1.03 -30.67
C ILE C 14 12.83 0.00 -31.41
N ARG C 15 12.23 1.15 -31.71
CA ARG C 15 12.91 2.20 -32.46
C ARG C 15 13.84 2.99 -31.54
N GLU C 16 14.47 4.01 -32.12
CA GLU C 16 15.38 4.85 -31.34
C GLU C 16 14.65 5.97 -30.63
N GLU C 17 13.55 6.46 -31.20
CA GLU C 17 12.83 7.61 -30.65
C GLU C 17 11.81 7.25 -29.58
N ASP C 18 11.63 5.96 -29.28
CA ASP C 18 10.64 5.56 -28.30
C ASP C 18 11.04 6.04 -26.91
N THR C 19 10.04 6.40 -26.10
CA THR C 19 10.26 6.84 -24.73
C THR C 19 9.49 6.00 -23.73
N ARG C 20 8.41 5.36 -24.14
CA ARG C 20 7.63 4.46 -23.29
C ARG C 20 7.08 3.36 -24.18
N VAL C 21 7.21 2.11 -23.75
CA VAL C 21 6.78 0.98 -24.56
C VAL C 21 6.04 -0.02 -23.71
N SER C 22 5.16 -0.79 -24.35
CA SER C 22 4.37 -1.83 -23.70
C SER C 22 4.62 -3.15 -24.39
N LEU C 23 5.17 -4.11 -23.66
CA LEU C 23 5.58 -5.41 -24.20
C LEU C 23 4.75 -6.51 -23.56
N ILE C 24 4.65 -7.64 -24.24
CA ILE C 24 4.03 -8.83 -23.69
C ILE C 24 4.98 -9.99 -23.92
N GLY C 25 5.28 -10.73 -22.86
CA GLY C 25 6.23 -11.81 -22.98
C GLY C 25 6.06 -12.83 -21.88
N ARG C 26 7.00 -13.75 -21.80
CA ARG C 26 7.04 -14.73 -20.73
C ARG C 26 8.41 -14.70 -20.07
N VAL C 27 8.45 -14.88 -18.78
CA VAL C 27 9.66 -14.77 -17.98
C VAL C 27 10.45 -16.06 -18.10
N ILE C 28 11.77 -15.94 -18.28
CA ILE C 28 12.63 -17.11 -18.30
C ILE C 28 13.67 -17.12 -17.19
N LYS C 29 14.06 -15.96 -16.65
CA LYS C 29 15.03 -15.91 -15.58
C LYS C 29 14.71 -14.72 -14.69
N VAL C 30 14.85 -14.90 -13.38
CA VAL C 30 14.62 -13.84 -12.41
C VAL C 30 15.80 -13.79 -11.45
N ASP C 31 16.32 -12.58 -11.20
CA ASP C 31 17.44 -12.35 -10.31
C ASP C 31 16.97 -11.45 -9.17
N LYS C 32 16.91 -11.99 -7.96
CA LYS C 32 16.32 -11.27 -6.83
C LYS C 32 17.33 -10.38 -6.10
N MET C 33 18.62 -10.71 -6.17
CA MET C 33 19.61 -9.83 -5.53
C MET C 33 19.68 -8.48 -6.24
N ASP C 34 19.59 -8.48 -7.57
CA ASP C 34 19.63 -7.25 -8.36
C ASP C 34 18.25 -6.80 -8.82
N TYR C 35 17.20 -7.59 -8.59
CA TYR C 35 15.84 -7.24 -8.98
C TYR C 35 15.73 -7.02 -10.49
N MET C 36 15.96 -8.08 -11.25
CA MET C 36 15.84 -8.02 -12.70
C MET C 36 15.14 -9.28 -13.18
N PHE C 37 14.58 -9.23 -14.39
CA PHE C 37 14.15 -10.46 -15.03
C PHE C 37 14.33 -10.36 -16.53
N TRP C 38 14.32 -11.52 -17.18
CA TRP C 38 14.50 -11.61 -18.62
C TRP C 38 13.17 -11.95 -19.27
N LEU C 39 12.73 -11.11 -20.19
CA LEU C 39 11.46 -11.29 -20.89
C LEU C 39 11.76 -11.81 -22.29
N ASP C 40 11.13 -12.92 -22.66
CA ASP C 40 11.34 -13.57 -23.95
C ASP C 40 9.98 -13.78 -24.60
N ASP C 41 9.76 -13.18 -25.77
CA ASP C 41 8.50 -13.31 -26.48
C ASP C 41 8.63 -14.02 -27.81
N GLY C 42 9.80 -14.57 -28.13
CA GLY C 42 9.97 -15.30 -29.36
C GLY C 42 10.95 -14.68 -30.33
N THR C 43 10.95 -13.34 -30.43
CA THR C 43 11.83 -12.64 -31.35
C THR C 43 13.00 -11.95 -30.66
N GLY C 44 13.16 -12.10 -29.35
CA GLY C 44 14.27 -11.48 -28.66
C GLY C 44 14.15 -11.68 -27.17
N VAL C 45 15.15 -11.17 -26.46
CA VAL C 45 15.19 -11.22 -25.00
C VAL C 45 15.51 -9.82 -24.49
N ALA C 46 14.73 -9.34 -23.52
CA ALA C 46 14.89 -8.02 -22.97
C ALA C 46 15.11 -8.09 -21.47
N ILE C 47 16.08 -7.33 -20.98
CA ILE C 47 16.43 -7.32 -19.56
C ILE C 47 15.61 -6.25 -18.86
N ILE C 48 14.49 -6.64 -18.26
CA ILE C 48 13.58 -5.71 -17.62
C ILE C 48 14.02 -5.52 -16.17
N GLU C 49 14.18 -4.26 -15.77
CA GLU C 49 14.64 -3.93 -14.44
C GLU C 49 13.48 -3.40 -13.60
N SER C 50 13.05 -4.18 -12.64
CA SER C 50 11.94 -3.81 -11.77
C SER C 50 12.40 -2.82 -10.71
N GLU C 51 11.45 -2.33 -9.93
CA GLU C 51 11.72 -1.41 -8.83
C GLU C 51 11.46 -2.04 -7.47
N SER C 52 10.31 -2.69 -7.30
CA SER C 52 9.99 -3.33 -6.02
C SER C 52 9.41 -4.73 -6.13
N ASP C 53 8.82 -5.11 -7.27
CA ASP C 53 8.11 -6.37 -7.39
C ASP C 53 8.65 -7.18 -8.57
N LEU C 54 8.63 -8.51 -8.43
CA LEU C 54 9.10 -9.42 -9.45
C LEU C 54 8.04 -10.46 -9.77
N PRO C 55 7.97 -10.94 -11.01
CA PRO C 55 7.09 -12.06 -11.33
C PRO C 55 7.81 -13.39 -11.11
N LYS C 56 7.03 -14.46 -11.19
CA LYS C 56 7.58 -15.80 -11.07
C LYS C 56 8.17 -16.22 -12.42
N VAL C 57 8.76 -17.41 -12.46
CA VAL C 57 9.39 -17.90 -13.68
C VAL C 57 8.43 -18.80 -14.42
N GLY C 58 8.21 -18.51 -15.70
CA GLY C 58 7.37 -19.32 -16.55
C GLY C 58 6.00 -18.75 -16.83
N GLN C 59 5.61 -17.65 -16.18
CA GLN C 59 4.30 -17.08 -16.42
C GLN C 59 4.38 -15.92 -17.40
N VAL C 60 3.29 -15.71 -18.13
CA VAL C 60 3.22 -14.66 -19.14
C VAL C 60 2.81 -13.36 -18.47
N VAL C 61 3.50 -12.27 -18.78
CA VAL C 61 3.20 -10.96 -18.22
C VAL C 61 3.13 -9.94 -19.35
N ARG C 62 2.53 -8.79 -19.02
CA ARG C 62 2.53 -7.60 -19.85
C ARG C 62 3.15 -6.46 -19.07
N VAL C 63 4.16 -5.83 -19.65
CA VAL C 63 5.02 -4.87 -18.97
C VAL C 63 4.92 -3.54 -19.68
N ILE C 64 4.49 -2.51 -18.97
CA ILE C 64 4.48 -1.14 -19.46
C ILE C 64 5.63 -0.42 -18.79
N GLY C 65 6.60 0.01 -19.59
CA GLY C 65 7.84 0.49 -19.02
C GLY C 65 8.50 1.58 -19.85
N ARG C 66 9.24 2.42 -19.14
CA ARG C 66 9.98 3.54 -19.72
C ARG C 66 11.38 3.10 -20.11
N ILE C 67 11.77 3.43 -21.34
CA ILE C 67 13.02 2.96 -21.91
C ILE C 67 14.14 3.93 -21.56
N ILE C 68 15.24 3.40 -21.03
CA ILE C 68 16.41 4.18 -20.66
C ILE C 68 17.54 3.78 -21.60
N ARG C 69 18.09 4.75 -22.33
CA ARG C 69 19.09 4.49 -23.36
C ARG C 69 20.33 5.31 -23.06
N ASN C 70 21.37 4.66 -22.55
CA ASN C 70 22.65 5.30 -22.29
C ASN C 70 23.74 4.46 -22.95
N GLU C 71 24.99 4.86 -22.75
CA GLU C 71 26.12 4.08 -23.25
C GLU C 71 26.24 2.73 -22.56
N GLU C 72 25.63 2.58 -21.39
CA GLU C 72 25.63 1.29 -20.70
C GLU C 72 24.89 0.23 -21.49
N GLY C 73 23.88 0.62 -22.25
CA GLY C 73 23.12 -0.31 -23.05
C GLY C 73 21.68 0.14 -23.16
N ILE C 74 20.80 -0.83 -23.41
CA ILE C 74 19.36 -0.61 -23.50
C ILE C 74 18.68 -1.57 -22.53
N HIS C 75 17.88 -1.03 -21.62
CA HIS C 75 17.11 -1.84 -20.69
C HIS C 75 15.83 -1.13 -20.31
N ILE C 76 14.74 -1.89 -20.24
CA ILE C 76 13.40 -1.37 -20.01
C ILE C 76 13.16 -1.29 -18.52
N TYR C 77 12.74 -0.13 -18.03
CA TYR C 77 12.46 0.09 -16.62
C TYR C 77 10.97 -0.13 -16.39
N ALA C 78 10.62 -1.34 -15.94
CA ALA C 78 9.21 -1.69 -15.79
C ALA C 78 8.51 -0.78 -14.79
N GLU C 79 7.35 -0.26 -15.20
CA GLU C 79 6.49 0.55 -14.35
C GLU C 79 5.21 -0.17 -13.94
N VAL C 80 4.57 -0.86 -14.87
CA VAL C 80 3.34 -1.60 -14.57
C VAL C 80 3.51 -3.03 -15.09
N ILE C 81 3.32 -4.00 -14.21
CA ILE C 81 3.39 -5.42 -14.57
C ILE C 81 2.02 -6.03 -14.33
N GLN C 82 1.44 -6.62 -15.37
CA GLN C 82 0.12 -7.23 -15.27
C GLN C 82 0.22 -8.69 -15.68
N ASP C 83 -0.60 -9.53 -15.04
CA ASP C 83 -0.59 -10.96 -15.26
C ASP C 83 -1.53 -11.29 -16.41
N PHE C 84 -0.97 -11.73 -17.53
CA PHE C 84 -1.71 -12.11 -18.73
C PHE C 84 -1.61 -13.61 -18.96
N SER C 85 -1.66 -14.37 -17.87
CA SER C 85 -1.34 -15.80 -17.95
C SER C 85 -2.37 -16.56 -18.79
N ASP C 86 -3.64 -16.25 -18.63
CA ASP C 86 -4.73 -16.98 -19.28
C ASP C 86 -5.41 -16.15 -20.37
N ALA C 87 -4.64 -15.30 -21.05
CA ALA C 87 -5.16 -14.46 -22.12
C ALA C 87 -5.02 -15.15 -23.46
N ASP C 88 -5.83 -14.72 -24.42
CA ASP C 88 -5.83 -15.28 -25.77
C ASP C 88 -4.85 -14.47 -26.61
N LEU C 89 -3.69 -15.07 -26.91
CA LEU C 89 -2.64 -14.32 -27.61
C LEU C 89 -2.83 -14.33 -29.12
N GLU C 90 -3.33 -15.43 -29.68
CA GLU C 90 -3.50 -15.49 -31.13
C GLU C 90 -4.54 -14.48 -31.61
N ALA C 91 -5.67 -14.37 -30.89
CA ALA C 91 -6.66 -13.36 -31.23
C ALA C 91 -6.08 -11.96 -31.06
N LEU C 92 -5.25 -11.76 -30.03
CA LEU C 92 -4.64 -10.45 -29.82
C LEU C 92 -3.74 -10.06 -30.98
N GLU C 93 -2.91 -10.99 -31.46
CA GLU C 93 -2.04 -10.65 -32.58
C GLU C 93 -2.86 -10.44 -33.85
N GLU C 94 -3.94 -11.20 -34.03
CA GLU C 94 -4.78 -11.01 -35.20
C GLU C 94 -5.42 -9.63 -35.20
N ILE C 95 -5.95 -9.19 -34.05
CA ILE C 95 -6.58 -7.87 -34.01
C ILE C 95 -5.55 -6.77 -34.14
N ARG C 96 -4.35 -6.96 -33.59
CA ARG C 96 -3.30 -5.96 -33.79
C ARG C 96 -2.97 -5.81 -35.26
N GLU C 97 -2.86 -6.92 -35.98
CA GLU C 97 -2.60 -6.86 -37.42
C GLU C 97 -3.73 -6.17 -38.16
N LEU C 98 -4.98 -6.52 -37.85
CA LEU C 98 -6.11 -5.91 -38.55
C LEU C 98 -6.15 -4.40 -38.32
N GLU C 99 -5.97 -3.98 -37.07
CA GLU C 99 -5.95 -2.56 -36.75
C GLU C 99 -4.83 -1.85 -37.49
N ARG C 100 -3.63 -2.45 -37.52
CA ARG C 100 -2.50 -1.83 -38.17
C ARG C 100 -2.74 -1.66 -39.66
N LYS C 101 -3.35 -2.66 -40.31
CA LYS C 101 -3.54 -2.56 -41.75
C LYS C 101 -4.76 -1.72 -42.12
N LEU C 102 -5.69 -1.48 -41.19
CA LEU C 102 -6.88 -0.72 -41.55
C LEU C 102 -6.83 0.75 -41.15
N LEU C 103 -6.49 1.05 -39.89
CA LEU C 103 -6.70 2.40 -39.37
C LEU C 103 -6.00 3.49 -40.16
N PRO C 104 -4.75 3.35 -40.61
CA PRO C 104 -4.14 4.45 -41.38
C PRO C 104 -4.93 4.85 -42.61
N ARG C 105 -5.60 3.91 -43.28
CA ARG C 105 -6.44 4.26 -44.42
C ARG C 105 -7.71 4.97 -44.00
N LEU C 106 -8.26 4.63 -42.83
CA LEU C 106 -9.57 5.15 -42.43
C LEU C 106 -9.54 6.66 -42.26
N GLU C 107 -8.47 7.19 -41.65
CA GLU C 107 -8.42 8.61 -41.35
C GLU C 107 -8.47 9.46 -42.61
N GLY C 108 -7.96 8.95 -43.72
CA GLY C 108 -7.94 9.71 -44.95
C GLY C 108 -9.32 9.94 -45.55
N GLU C 109 -10.28 9.04 -45.28
CA GLU C 109 -11.60 9.19 -45.86
C GLU C 109 -12.34 10.36 -45.21
N ILE C 110 -13.38 10.82 -45.90
CA ILE C 110 -14.18 11.99 -45.52
C ILE C 110 -13.28 13.23 -45.60
N VAL C 111 -13.88 14.42 -45.59
CA VAL C 111 -13.13 15.66 -45.68
C VAL C 111 -13.93 16.75 -44.99
N TRP C 112 -13.23 17.62 -44.28
CA TRP C 112 -13.80 18.53 -43.26
C TRP C 112 -14.90 17.85 -42.45
N THR D 3 53.14 -53.23 16.97
CA THR D 3 52.31 -52.73 15.87
C THR D 3 51.53 -51.49 16.30
N TYR D 4 50.20 -51.59 16.22
CA TYR D 4 49.30 -50.50 16.55
C TYR D 4 48.48 -50.86 17.79
N THR D 5 48.29 -49.87 18.66
CA THR D 5 47.59 -50.06 19.92
C THR D 5 46.40 -49.09 20.01
N ARG D 6 45.29 -49.61 20.53
CA ARG D 6 44.10 -48.79 20.71
C ARG D 6 44.31 -47.77 21.82
N LYS D 7 43.68 -46.61 21.66
CA LYS D 7 43.77 -45.55 22.65
C LYS D 7 42.56 -44.64 22.52
N LYS D 8 42.01 -44.23 23.66
CA LYS D 8 40.91 -43.29 23.67
C LYS D 8 41.41 -41.88 23.40
N ILE D 9 40.57 -41.08 22.72
CA ILE D 9 40.97 -39.73 22.35
C ILE D 9 41.19 -38.87 23.59
N LYS D 10 40.39 -39.07 24.64
CA LYS D 10 40.57 -38.31 25.87
C LYS D 10 41.98 -38.47 26.44
N ASP D 11 42.58 -39.65 26.26
CA ASP D 11 43.87 -39.97 26.87
C ASP D 11 45.05 -39.73 25.93
N ILE D 12 44.82 -39.17 24.75
CA ILE D 12 45.91 -38.89 23.84
C ILE D 12 46.79 -37.79 24.41
N GLU D 13 48.10 -38.03 24.44
CA GLU D 13 49.06 -37.06 24.94
C GLU D 13 50.18 -36.88 23.92
N ALA D 14 50.87 -35.75 24.03
CA ALA D 14 51.95 -35.44 23.09
C ALA D 14 53.07 -36.45 23.19
N GLY D 15 53.66 -36.78 22.05
CA GLY D 15 54.74 -37.75 22.00
C GLY D 15 54.32 -39.19 21.93
N ASP D 16 53.03 -39.48 21.99
CA ASP D 16 52.56 -40.85 21.90
C ASP D 16 52.81 -41.42 20.51
N ARG D 17 53.06 -42.72 20.44
CA ARG D 17 53.43 -43.39 19.21
C ARG D 17 52.52 -44.59 18.97
N PHE D 18 52.30 -44.90 17.69
CA PHE D 18 51.66 -46.13 17.25
C PHE D 18 50.24 -46.25 17.83
N VAL D 19 49.39 -45.31 17.45
CA VAL D 19 48.05 -45.15 18.01
C VAL D 19 47.03 -45.25 16.89
N GLU D 20 45.95 -46.00 17.14
CA GLU D 20 44.83 -46.09 16.22
C GLU D 20 43.54 -45.68 16.93
N VAL D 21 42.70 -44.93 16.23
CA VAL D 21 41.44 -44.44 16.75
C VAL D 21 40.35 -44.73 15.73
N ARG D 22 39.11 -44.79 16.20
CA ARG D 22 37.93 -44.91 15.34
C ARG D 22 37.02 -43.72 15.58
N GLY D 23 36.48 -43.15 14.52
CA GLY D 23 35.66 -41.98 14.70
C GLY D 23 34.92 -41.56 13.44
N THR D 24 34.47 -40.31 13.46
CA THR D 24 33.67 -39.72 12.40
C THR D 24 34.27 -38.38 12.00
N ILE D 25 34.26 -38.09 10.69
CA ILE D 25 34.80 -36.83 10.20
C ILE D 25 33.85 -35.71 10.57
N ALA D 26 34.38 -34.66 11.20
CA ALA D 26 33.55 -33.55 11.65
C ALA D 26 33.82 -32.25 10.91
N LYS D 27 34.99 -32.09 10.28
CA LYS D 27 35.29 -30.89 9.52
C LYS D 27 36.52 -31.15 8.67
N VAL D 28 36.50 -30.67 7.43
CA VAL D 28 37.65 -30.76 6.53
C VAL D 28 38.31 -29.39 6.46
N TYR D 29 39.63 -29.36 6.66
CA TYR D 29 40.38 -28.11 6.67
C TYR D 29 40.99 -27.78 5.31
N ARG D 30 41.81 -28.67 4.76
CA ARG D 30 42.48 -28.32 3.51
C ARG D 30 42.83 -29.55 2.70
N VAL D 31 42.94 -29.35 1.39
CA VAL D 31 43.42 -30.35 0.45
C VAL D 31 44.43 -29.68 -0.47
N LEU D 32 45.63 -30.24 -0.57
CA LEU D 32 46.67 -29.65 -1.39
C LEU D 32 47.49 -30.75 -2.04
N THR D 33 48.36 -30.34 -2.96
CA THR D 33 49.31 -31.23 -3.60
C THR D 33 50.67 -30.54 -3.67
N TYR D 34 51.72 -31.35 -3.69
CA TYR D 34 53.06 -30.82 -3.94
C TYR D 34 53.95 -31.92 -4.49
N ASP D 35 55.08 -31.52 -5.04
CA ASP D 35 56.00 -32.44 -5.69
C ASP D 35 56.90 -33.14 -4.67
N ALA D 36 57.35 -34.33 -5.05
CA ALA D 36 58.20 -35.15 -4.19
C ALA D 36 59.01 -36.08 -5.06
N CYS D 37 60.01 -36.72 -4.43
CA CYS D 37 60.85 -37.67 -5.15
C CYS D 37 60.03 -38.88 -5.58
N PRO D 38 60.15 -39.31 -6.84
CA PRO D 38 59.25 -40.36 -7.36
C PRO D 38 59.49 -41.74 -6.78
N GLU D 39 60.61 -41.96 -6.09
CA GLU D 39 60.95 -43.31 -5.64
C GLU D 39 60.95 -43.48 -4.14
N CYS D 40 61.30 -42.45 -3.36
CA CYS D 40 61.30 -42.56 -1.91
C CYS D 40 60.23 -41.71 -1.23
N LYS D 41 59.46 -40.93 -2.00
CA LYS D 41 58.35 -40.14 -1.47
C LYS D 41 58.85 -39.17 -0.39
N LYS D 42 59.64 -38.21 -0.82
CA LYS D 42 60.16 -37.17 0.05
C LYS D 42 60.20 -35.84 -0.68
N LYS D 43 60.06 -34.76 0.08
CA LYS D 43 60.01 -33.42 -0.50
C LYS D 43 61.31 -33.11 -1.23
N VAL D 44 61.19 -32.52 -2.41
CA VAL D 44 62.33 -32.15 -3.25
C VAL D 44 62.35 -30.64 -3.40
N ASP D 45 63.53 -30.06 -3.33
CA ASP D 45 63.67 -28.61 -3.38
C ASP D 45 64.06 -28.16 -4.78
N TYR D 46 63.35 -27.16 -5.29
CA TYR D 46 63.68 -26.55 -6.59
C TYR D 46 64.82 -25.57 -6.35
N ASP D 47 66.05 -26.08 -6.50
CA ASP D 47 67.23 -25.28 -6.17
C ASP D 47 67.44 -24.20 -7.22
N GLU D 48 67.45 -22.94 -6.78
CA GLU D 48 67.67 -21.84 -7.70
C GLU D 48 69.10 -21.77 -8.20
N GLY D 49 70.05 -22.36 -7.47
CA GLY D 49 71.42 -22.41 -7.92
C GLY D 49 71.63 -23.32 -9.12
N LEU D 50 70.78 -24.34 -9.29
CA LEU D 50 70.86 -25.25 -10.42
C LEU D 50 69.60 -25.30 -11.26
N GLY D 51 68.48 -24.76 -10.78
CA GLY D 51 67.25 -24.78 -11.56
C GLY D 51 66.61 -26.13 -11.69
N VAL D 52 66.90 -27.07 -10.78
CA VAL D 52 66.40 -28.43 -10.86
C VAL D 52 65.84 -28.83 -9.50
N TRP D 53 65.04 -29.89 -9.51
CA TRP D 53 64.44 -30.44 -8.30
C TRP D 53 65.40 -31.47 -7.71
N ILE D 54 65.93 -31.19 -6.53
CA ILE D 54 66.92 -32.04 -5.88
C ILE D 54 66.26 -32.74 -4.71
N CYS D 55 66.55 -34.04 -4.56
CA CYS D 55 66.21 -34.82 -3.39
C CYS D 55 67.52 -35.12 -2.65
N PRO D 56 67.82 -34.43 -1.55
CA PRO D 56 69.19 -34.50 -1.00
C PRO D 56 69.46 -35.79 -0.23
N GLU D 57 69.00 -36.90 -0.78
CA GLU D 57 69.42 -38.23 -0.33
C GLU D 57 69.61 -39.20 -1.48
N HIS D 58 69.16 -38.89 -2.70
CA HIS D 58 69.33 -39.77 -3.84
C HIS D 58 69.82 -39.04 -5.08
N GLY D 59 70.22 -37.77 -4.97
CA GLY D 59 70.66 -37.02 -6.13
C GLY D 59 69.50 -36.40 -6.89
N GLU D 60 69.75 -36.11 -8.17
CA GLU D 60 68.75 -35.48 -9.02
C GLU D 60 67.67 -36.47 -9.41
N VAL D 61 66.41 -36.06 -9.24
CA VAL D 61 65.26 -36.88 -9.60
C VAL D 61 64.22 -35.98 -10.26
N GLN D 62 63.27 -36.62 -10.94
CA GLN D 62 62.15 -35.92 -11.56
C GLN D 62 60.94 -36.03 -10.65
N PRO D 63 60.47 -34.94 -10.07
CA PRO D 63 59.42 -35.03 -9.04
C PRO D 63 58.07 -35.44 -9.62
N ILE D 64 57.25 -36.00 -8.73
CA ILE D 64 55.87 -36.35 -9.04
C ILE D 64 54.98 -35.74 -7.97
N LYS D 65 53.72 -35.49 -8.33
CA LYS D 65 52.79 -34.81 -7.44
C LYS D 65 52.16 -35.80 -6.47
N MET D 66 51.92 -35.32 -5.24
CA MET D 66 51.27 -36.11 -4.21
C MET D 66 50.33 -35.22 -3.42
N THR D 67 49.35 -35.85 -2.78
CA THR D 67 48.27 -35.16 -2.10
C THR D 67 48.48 -35.16 -0.59
N ILE D 68 48.07 -34.05 0.04
CA ILE D 68 48.05 -33.91 1.48
C ILE D 68 46.66 -33.40 1.87
N LEU D 69 46.08 -33.98 2.92
CA LEU D 69 44.72 -33.68 3.32
C LEU D 69 44.67 -33.49 4.83
N ASP D 70 44.15 -32.36 5.28
CA ASP D 70 43.98 -32.07 6.70
C ASP D 70 42.49 -31.97 7.01
N PHE D 71 42.04 -32.80 7.95
CA PHE D 71 40.63 -32.81 8.35
C PHE D 71 40.56 -33.05 9.86
N GLY D 72 39.35 -33.20 10.37
CA GLY D 72 39.12 -33.33 11.80
C GLY D 72 38.28 -34.55 12.12
N LEU D 73 38.69 -35.27 13.16
CA LEU D 73 38.03 -36.49 13.59
C LEU D 73 37.47 -36.32 14.99
N ASP D 74 36.30 -36.90 15.21
CA ASP D 74 35.59 -36.80 16.48
C ASP D 74 35.10 -38.19 16.88
N ASP D 75 34.91 -38.39 18.19
CA ASP D 75 34.50 -39.68 18.71
C ASP D 75 33.38 -39.63 19.75
N GLY D 76 33.09 -38.45 20.29
CA GLY D 76 32.19 -38.32 21.41
C GLY D 76 32.88 -38.07 22.72
N THR D 77 34.20 -38.24 22.77
CA THR D 77 34.99 -37.93 23.94
C THR D 77 36.00 -36.81 23.71
N GLY D 78 36.26 -36.45 22.45
CA GLY D 78 37.19 -35.38 22.16
C GLY D 78 37.27 -35.16 20.65
N TYR D 79 38.04 -34.14 20.28
CA TYR D 79 38.20 -33.73 18.90
C TYR D 79 39.69 -33.64 18.59
N ILE D 80 40.11 -34.21 17.45
CA ILE D 80 41.52 -34.20 17.08
C ILE D 80 41.64 -33.86 15.59
N ARG D 81 42.80 -33.34 15.21
CA ARG D 81 43.12 -33.06 13.82
C ARG D 81 43.91 -34.22 13.23
N VAL D 82 43.64 -34.54 11.97
CA VAL D 82 44.26 -35.69 11.31
C VAL D 82 44.77 -35.26 9.94
N THR D 83 45.96 -35.77 9.61
CA THR D 83 46.61 -35.49 8.33
C THR D 83 46.87 -36.79 7.58
N LEU D 84 46.37 -36.87 6.36
CA LEU D 84 46.60 -37.98 5.44
C LEU D 84 47.48 -37.53 4.30
N PHE D 85 48.25 -38.48 3.75
CA PHE D 85 49.26 -38.19 2.74
C PHE D 85 49.05 -39.08 1.53
N GLY D 86 49.38 -38.56 0.35
CA GLY D 86 49.54 -39.35 -0.85
C GLY D 86 48.36 -40.19 -1.30
N ASP D 87 48.63 -41.46 -1.58
CA ASP D 87 47.61 -42.33 -2.18
C ASP D 87 46.44 -42.57 -1.24
N ASP D 88 46.64 -42.40 0.07
CA ASP D 88 45.54 -42.54 1.02
C ASP D 88 44.45 -41.52 0.73
N ALA D 89 44.84 -40.27 0.48
CA ALA D 89 43.87 -39.24 0.17
C ALA D 89 43.15 -39.53 -1.14
N GLU D 90 43.87 -40.03 -2.14
CA GLU D 90 43.24 -40.38 -3.41
C GLU D 90 42.22 -41.51 -3.21
N GLU D 91 42.55 -42.51 -2.39
CA GLU D 91 41.61 -43.58 -2.11
C GLU D 91 40.38 -43.06 -1.38
N LEU D 92 40.59 -42.17 -0.40
CA LEU D 92 39.48 -41.66 0.39
C LEU D 92 38.55 -40.78 -0.44
N LEU D 93 39.12 -39.93 -1.29
CA LEU D 93 38.35 -38.97 -2.07
C LEU D 93 37.85 -39.55 -3.39
N GLY D 94 38.70 -40.28 -4.11
CA GLY D 94 38.35 -40.80 -5.41
C GLY D 94 38.73 -39.92 -6.58
N VAL D 95 39.51 -38.86 -6.36
CA VAL D 95 39.90 -37.93 -7.40
C VAL D 95 41.41 -37.98 -7.55
N SER D 96 41.87 -38.15 -8.79
CA SER D 96 43.29 -38.26 -9.05
C SER D 96 44.00 -36.93 -8.77
N PRO D 97 45.24 -36.97 -8.27
CA PRO D 97 45.91 -35.73 -7.83
C PRO D 97 46.04 -34.67 -8.90
N GLU D 98 46.13 -35.06 -10.18
CA GLU D 98 46.27 -34.06 -11.24
C GLU D 98 45.03 -33.17 -11.32
N GLU D 99 43.84 -33.75 -11.12
CA GLU D 99 42.62 -32.96 -11.14
C GLU D 99 42.64 -31.90 -10.04
N ILE D 100 43.06 -32.29 -8.83
CA ILE D 100 43.25 -31.32 -7.76
C ILE D 100 44.26 -30.27 -8.19
N ALA D 101 45.32 -30.69 -8.89
CA ALA D 101 46.34 -29.73 -9.32
C ALA D 101 45.75 -28.64 -10.22
N GLU D 102 45.03 -29.03 -11.27
CA GLU D 102 44.47 -27.99 -12.13
C GLU D 102 43.42 -27.17 -11.39
N LYS D 103 42.64 -27.80 -10.51
CA LYS D 103 41.66 -27.02 -9.76
C LYS D 103 42.35 -25.96 -8.90
N ILE D 104 43.46 -26.32 -8.25
CA ILE D 104 44.19 -25.36 -7.44
C ILE D 104 44.73 -24.23 -8.30
N LYS D 105 45.31 -24.55 -9.46
CA LYS D 105 45.91 -23.47 -10.24
C LYS D 105 44.84 -22.55 -10.83
N GLU D 106 43.69 -23.10 -11.24
CA GLU D 106 42.60 -22.24 -11.67
C GLU D 106 42.12 -21.35 -10.54
N LEU D 107 42.02 -21.89 -9.32
CA LEU D 107 41.61 -21.06 -8.20
C LEU D 107 42.64 -19.96 -7.92
N GLU D 108 43.92 -20.28 -8.02
CA GLU D 108 44.96 -19.27 -7.78
C GLU D 108 44.97 -18.19 -8.84
N GLU D 109 44.67 -18.54 -10.10
CA GLU D 109 44.69 -17.56 -11.17
C GLU D 109 43.64 -16.48 -10.99
N SER D 110 42.63 -16.71 -10.15
CA SER D 110 41.62 -15.70 -9.87
C SER D 110 42.09 -14.64 -8.89
N GLY D 111 43.24 -14.83 -8.26
CA GLY D 111 43.77 -13.88 -7.31
C GLY D 111 43.82 -14.35 -5.87
N LEU D 112 43.93 -15.65 -5.62
CA LEU D 112 43.92 -16.20 -4.27
C LEU D 112 45.25 -16.89 -3.98
N THR D 113 45.68 -16.83 -2.72
CA THR D 113 46.92 -17.49 -2.34
C THR D 113 46.72 -19.00 -2.31
N THR D 114 47.80 -19.71 -1.98
CA THR D 114 47.75 -21.17 -1.96
C THR D 114 46.85 -21.68 -0.84
N LYS D 115 46.93 -21.06 0.35
CA LYS D 115 46.09 -21.50 1.46
C LYS D 115 44.63 -21.14 1.21
N GLU D 116 44.37 -19.97 0.61
CA GLU D 116 43.00 -19.61 0.28
C GLU D 116 42.41 -20.58 -0.73
N ALA D 117 43.19 -20.97 -1.74
CA ALA D 117 42.72 -21.95 -2.71
C ALA D 117 42.47 -23.29 -2.05
N ALA D 118 43.36 -23.70 -1.15
CA ALA D 118 43.17 -24.95 -0.43
C ALA D 118 41.88 -24.95 0.36
N ARG D 119 41.64 -23.89 1.13
CA ARG D 119 40.43 -23.83 1.94
C ARG D 119 39.18 -23.78 1.08
N LYS D 120 39.22 -23.00 -0.01
CA LYS D 120 38.07 -22.92 -0.90
C LYS D 120 37.75 -24.27 -1.52
N LEU D 121 38.77 -24.99 -1.99
CA LEU D 121 38.56 -26.30 -2.58
C LEU D 121 38.03 -27.28 -1.54
N ALA D 122 38.57 -27.23 -0.32
CA ALA D 122 38.11 -28.16 0.71
C ALA D 122 36.65 -27.90 1.08
N GLU D 123 36.28 -26.63 1.25
CA GLU D 123 34.94 -26.28 1.70
C GLU D 123 33.93 -26.15 0.58
N ASP D 124 34.33 -26.32 -0.67
CA ASP D 124 33.42 -26.14 -1.79
C ASP D 124 33.09 -27.42 -2.53
N GLU D 125 34.06 -28.33 -2.69
CA GLU D 125 33.84 -29.54 -3.49
C GLU D 125 33.96 -30.82 -2.68
N PHE D 126 34.79 -30.83 -1.64
CA PHE D 126 35.01 -32.02 -0.83
C PHE D 126 34.23 -31.99 0.48
N TYR D 127 33.02 -31.45 0.45
CA TYR D 127 32.17 -31.38 1.64
C TYR D 127 31.34 -32.63 1.85
N ASN D 128 31.42 -33.61 0.95
CA ASN D 128 30.54 -34.76 1.00
C ASN D 128 31.09 -35.92 1.82
N ILE D 129 32.32 -35.82 2.34
CA ILE D 129 32.86 -36.88 3.17
C ILE D 129 32.59 -36.70 4.65
N ILE D 130 31.97 -35.58 5.03
CA ILE D 130 31.67 -35.33 6.44
C ILE D 130 30.56 -36.26 6.90
N GLY D 131 30.74 -36.86 8.08
CA GLY D 131 29.76 -37.75 8.64
C GLY D 131 30.06 -39.23 8.44
N ARG D 132 31.03 -39.56 7.60
CA ARG D 132 31.41 -40.95 7.36
C ARG D 132 32.22 -41.49 8.53
N GLU D 133 32.07 -42.78 8.79
CA GLU D 133 32.85 -43.46 9.81
C GLU D 133 34.20 -43.90 9.23
N ILE D 134 35.26 -43.80 10.03
CA ILE D 134 36.60 -44.13 9.58
C ILE D 134 37.42 -44.62 10.76
N VAL D 135 38.50 -45.33 10.43
CA VAL D 135 39.51 -45.73 11.40
C VAL D 135 40.84 -45.16 10.95
N VAL D 136 41.52 -44.45 11.85
CA VAL D 136 42.77 -43.77 11.56
C VAL D 136 43.87 -44.43 12.37
N ARG D 137 45.04 -44.60 11.75
CA ARG D 137 46.20 -45.22 12.38
C ARG D 137 47.41 -44.34 12.11
N GLY D 138 48.15 -43.99 13.16
CA GLY D 138 49.30 -43.14 12.96
C GLY D 138 49.95 -42.74 14.26
N ASN D 139 50.72 -41.65 14.20
CA ASN D 139 51.48 -41.16 15.32
C ASN D 139 51.07 -39.74 15.69
N VAL D 140 51.05 -39.47 16.99
CA VAL D 140 50.61 -38.18 17.51
C VAL D 140 51.82 -37.24 17.59
N ILE D 141 51.67 -36.05 17.01
CA ILE D 141 52.69 -35.01 17.05
C ILE D 141 52.05 -33.77 17.66
N GLU D 142 52.90 -32.90 18.20
CA GLU D 142 52.47 -31.65 18.81
C GLU D 142 53.02 -30.49 17.98
N ASP D 143 52.15 -29.56 17.62
CA ASP D 143 52.53 -28.33 16.94
C ASP D 143 52.27 -27.14 17.85
N ARG D 144 53.22 -26.21 17.88
CA ARG D 144 53.20 -25.14 18.88
C ARG D 144 51.93 -24.29 18.79
N PHE D 145 51.45 -24.02 17.58
CA PHE D 145 50.28 -23.19 17.38
C PHE D 145 49.06 -23.95 16.90
N LEU D 146 49.14 -25.28 16.76
CA LEU D 146 48.03 -26.06 16.25
C LEU D 146 47.57 -27.18 17.17
N GLY D 147 48.34 -27.51 18.20
CA GLY D 147 47.91 -28.55 19.13
C GLY D 147 48.29 -29.95 18.71
N LEU D 148 47.40 -30.91 18.94
CA LEU D 148 47.69 -32.31 18.67
C LEU D 148 47.26 -32.67 17.25
N ILE D 149 48.19 -33.23 16.47
CA ILE D 149 47.91 -33.68 15.12
C ILE D 149 48.26 -35.16 15.04
N LEU D 150 47.30 -35.99 14.67
CA LEU D 150 47.54 -37.43 14.56
C LEU D 150 47.89 -37.72 13.11
N ARG D 151 49.19 -37.64 12.80
CA ARG D 151 49.68 -37.88 11.45
C ARG D 151 49.41 -39.34 11.11
N ALA D 152 48.53 -39.58 10.14
CA ALA D 152 48.10 -40.95 9.85
C ALA D 152 49.02 -41.59 8.82
N SER D 153 49.55 -42.76 9.15
CA SER D 153 50.27 -43.56 8.17
C SER D 153 49.32 -44.28 7.22
N SER D 154 48.17 -44.74 7.72
CA SER D 154 47.23 -45.48 6.89
C SER D 154 45.84 -45.36 7.52
N TRP D 155 44.83 -45.68 6.71
CA TRP D 155 43.45 -45.67 7.13
C TRP D 155 42.72 -46.81 6.44
N GLU D 156 41.59 -47.21 7.03
CA GLU D 156 40.76 -48.26 6.46
C GLU D 156 39.32 -48.02 6.85
N ASP D 157 38.41 -48.63 6.09
CA ASP D 157 37.01 -48.63 6.48
C ASP D 157 36.85 -49.34 7.82
N VAL D 158 35.99 -48.79 8.68
CA VAL D 158 35.81 -49.34 10.00
C VAL D 158 35.19 -50.74 9.92
N ASP D 159 35.75 -51.67 10.68
CA ASP D 159 35.24 -53.02 10.79
C ASP D 159 34.14 -53.04 11.84
N TYR D 160 33.12 -53.85 11.59
CA TYR D 160 31.91 -53.79 12.39
C TYR D 160 31.86 -54.89 13.46
N ARG D 161 32.27 -56.11 13.10
CA ARG D 161 32.20 -57.22 14.04
C ARG D 161 33.14 -57.01 15.22
N ARG D 162 34.36 -56.53 14.95
CA ARG D 162 35.31 -56.29 16.02
C ARG D 162 34.82 -55.22 16.97
N GLU D 163 34.26 -54.13 16.44
CA GLU D 163 33.72 -53.09 17.31
C GLU D 163 32.52 -53.60 18.10
N ILE D 164 31.66 -54.41 17.49
CA ILE D 164 30.50 -54.93 18.19
C ILE D 164 30.93 -55.83 19.34
N GLU D 165 31.91 -56.71 19.10
CA GLU D 165 32.37 -57.57 20.18
C GLU D 165 33.11 -56.78 21.26
N ARG D 166 33.85 -55.74 20.88
CA ARG D 166 34.53 -54.92 21.88
C ARG D 166 33.53 -54.20 22.78
N ILE D 167 32.49 -53.62 22.18
CA ILE D 167 31.48 -52.94 23.00
C ILE D 167 30.65 -53.95 23.78
N LYS D 168 30.49 -55.17 23.26
CA LYS D 168 29.82 -56.21 24.02
C LYS D 168 30.61 -56.60 25.27
N GLU D 169 31.92 -56.75 25.14
CA GLU D 169 32.72 -57.08 26.32
C GLU D 169 32.80 -55.90 27.27
N GLU D 170 32.76 -54.67 26.75
CA GLU D 170 32.62 -53.52 27.63
C GLU D 170 31.28 -53.54 28.37
N LEU D 171 30.21 -53.97 27.71
CA LEU D 171 28.92 -54.13 28.37
C LEU D 171 28.98 -55.19 29.45
N GLU D 172 29.67 -56.30 29.19
CA GLU D 172 29.85 -57.33 30.22
C GLU D 172 30.64 -56.77 31.40
N LYS D 173 31.66 -55.95 31.13
CA LYS D 173 32.37 -55.28 32.20
C LYS D 173 31.44 -54.36 32.98
N LEU D 174 30.49 -53.72 32.30
CA LEU D 174 29.50 -52.90 32.99
C LEU D 174 28.67 -53.74 33.93
N GLY D 175 28.26 -54.93 33.52
CA GLY D 175 27.56 -55.84 34.38
C GLY D 175 26.06 -55.89 34.14
N VAL D 176 25.65 -55.85 32.88
CA VAL D 176 24.24 -55.94 32.52
C VAL D 176 23.84 -57.37 32.19
N MET D 177 24.63 -58.05 31.37
CA MET D 177 24.42 -59.47 31.11
C MET D 177 25.33 -60.33 31.99
N LYS E 1 39.71 -21.86 20.64
CA LYS E 1 40.20 -22.79 19.64
C LYS E 1 39.84 -24.23 19.98
N LYS E 2 38.81 -24.41 20.80
CA LYS E 2 38.44 -25.72 21.29
C LYS E 2 37.12 -26.15 20.65
N ARG E 3 37.15 -27.30 20.00
CA ARG E 3 35.96 -27.93 19.43
C ARG E 3 35.57 -29.06 20.36
N MET E 4 34.68 -28.79 21.30
CA MET E 4 34.34 -29.81 22.28
C MET E 4 33.37 -30.81 21.66
N PRO E 5 33.48 -32.11 21.95
CA PRO E 5 32.95 -33.13 21.07
C PRO E 5 31.43 -33.18 21.04
N ALA E 6 30.89 -33.64 19.91
CA ALA E 6 29.47 -33.91 19.80
C ALA E 6 29.09 -35.12 20.64
N THR E 7 27.81 -35.20 21.01
CA THR E 7 27.28 -36.30 21.80
C THR E 7 26.15 -36.99 21.08
N ARG E 8 25.89 -38.25 21.44
CA ARG E 8 24.96 -39.11 20.70
C ARG E 8 23.66 -39.23 21.49
N LEU E 9 22.52 -39.03 20.81
CA LEU E 9 21.24 -38.90 21.49
C LEU E 9 20.16 -39.70 20.77
N TYR E 10 19.12 -40.03 21.53
CA TYR E 10 17.81 -40.38 20.98
C TYR E 10 17.08 -39.12 20.58
N ILE E 11 16.08 -39.29 19.72
CA ILE E 11 15.31 -38.14 19.25
C ILE E 11 14.43 -37.57 20.37
N LYS E 12 13.86 -38.45 21.20
CA LYS E 12 12.97 -37.99 22.27
C LYS E 12 13.72 -37.15 23.28
N ASP E 13 14.99 -37.45 23.53
CA ASP E 13 15.78 -36.64 24.44
C ASP E 13 15.91 -35.22 23.93
N ILE E 14 16.09 -35.04 22.63
CA ILE E 14 16.19 -33.70 22.06
C ILE E 14 14.83 -33.00 22.13
N LEU E 15 13.76 -33.69 21.72
CA LEU E 15 12.45 -33.03 21.71
C LEU E 15 11.98 -32.69 23.13
N GLU E 16 12.19 -33.59 24.09
CA GLU E 16 11.75 -33.33 25.45
C GLU E 16 12.88 -32.81 26.33
N GLY E 17 13.80 -32.01 25.77
CA GLY E 17 14.85 -31.40 26.55
C GLY E 17 14.50 -29.99 26.96
N TYR E 18 15.51 -29.30 27.51
CA TYR E 18 15.38 -27.93 27.98
C TYR E 18 16.40 -27.09 27.22
N PHE E 19 15.91 -26.23 26.33
CA PHE E 19 16.79 -25.43 25.49
C PHE E 19 17.26 -24.20 26.26
N VAL E 20 18.58 -24.07 26.44
CA VAL E 20 19.16 -22.96 27.16
C VAL E 20 19.97 -22.14 26.17
N LYS E 21 19.53 -20.91 25.91
CA LYS E 21 20.21 -20.04 24.94
C LYS E 21 21.12 -19.09 25.73
N SER E 22 22.34 -18.91 25.23
CA SER E 22 23.29 -18.06 25.92
C SER E 22 23.06 -16.59 25.58
N GLU E 23 23.52 -15.72 26.48
CA GLU E 23 23.40 -14.28 26.30
C GLU E 23 24.74 -13.61 26.03
N GLY E 24 25.83 -14.17 26.53
CA GLY E 24 27.15 -13.60 26.24
C GLY E 24 27.59 -13.94 24.83
N ASP E 25 28.61 -13.21 24.36
CA ASP E 25 29.11 -13.46 23.02
C ASP E 25 30.00 -14.70 22.98
N PHE E 26 30.73 -14.96 24.07
CA PHE E 26 31.71 -16.04 24.11
C PHE E 26 31.14 -17.33 24.69
N GLU E 27 29.85 -17.60 24.48
CA GLU E 27 29.22 -18.82 24.97
C GLU E 27 28.17 -19.28 23.97
N PRO E 28 28.13 -20.57 23.66
CA PRO E 28 27.16 -21.09 22.69
C PRO E 28 25.88 -21.58 23.37
N ASN E 29 24.84 -21.73 22.54
CA ASN E 29 23.58 -22.28 23.00
C ASN E 29 23.73 -23.76 23.28
N TYR E 30 22.90 -24.29 24.18
CA TYR E 30 22.99 -25.71 24.49
C TYR E 30 21.65 -26.25 24.93
N LEU E 31 21.66 -27.54 25.28
CA LEU E 31 20.48 -28.30 25.64
C LEU E 31 20.77 -29.06 26.92
N ILE E 32 19.80 -29.10 27.84
CA ILE E 32 19.88 -29.94 29.03
C ILE E 32 18.73 -30.92 28.98
N THR E 33 19.06 -32.20 28.83
CA THR E 33 18.04 -33.22 28.70
C THR E 33 17.35 -33.49 30.04
N LYS E 34 16.40 -34.43 30.02
CA LYS E 34 15.62 -34.73 31.22
C LYS E 34 16.51 -35.29 32.33
N TYR E 35 17.43 -36.20 32.00
CA TYR E 35 18.24 -36.87 33.00
C TYR E 35 19.57 -36.16 33.25
N ALA E 36 19.59 -34.84 33.14
CA ALA E 36 20.75 -34.01 33.48
C ALA E 36 21.97 -34.37 32.63
N ARG E 37 21.84 -34.15 31.33
CA ARG E 37 22.95 -34.28 30.39
C ARG E 37 23.06 -33.00 29.57
N LYS E 38 24.27 -32.48 29.44
CA LYS E 38 24.52 -31.24 28.68
C LYS E 38 24.96 -31.60 27.27
N VAL E 39 24.22 -31.08 26.29
CA VAL E 39 24.42 -31.46 24.89
C VAL E 39 24.68 -30.20 24.07
N TYR E 40 25.74 -30.23 23.27
CA TYR E 40 26.12 -29.13 22.38
C TYR E 40 25.86 -29.45 20.91
N ARG E 41 26.33 -30.60 20.44
CA ARG E 41 26.17 -31.01 19.05
C ARG E 41 25.61 -32.42 19.00
N ALA E 42 24.49 -32.59 18.32
CA ALA E 42 23.84 -33.87 18.17
C ALA E 42 24.44 -34.64 17.00
N LYS E 43 24.43 -35.97 17.12
CA LYS E 43 24.95 -36.86 16.10
C LYS E 43 24.01 -38.07 16.02
N ILE E 44 23.04 -37.99 15.11
CA ILE E 44 21.96 -38.97 15.07
C ILE E 44 22.12 -39.83 13.83
N VAL E 45 21.50 -41.01 13.87
CA VAL E 45 21.49 -41.95 12.76
C VAL E 45 20.05 -42.38 12.54
N GLY E 46 19.56 -42.26 11.31
CA GLY E 46 18.19 -42.66 11.06
C GLY E 46 17.84 -42.55 9.60
N THR E 47 16.65 -43.00 9.26
CA THR E 47 16.19 -43.02 7.88
C THR E 47 15.37 -41.76 7.59
N VAL E 48 15.45 -41.31 6.35
CA VAL E 48 14.70 -40.14 5.88
C VAL E 48 13.33 -40.61 5.44
N VAL E 49 12.31 -39.80 5.71
CA VAL E 49 10.93 -40.24 5.53
C VAL E 49 10.26 -39.58 4.33
N ARG E 50 10.60 -38.35 3.97
CA ARG E 50 9.95 -37.69 2.85
C ARG E 50 10.98 -36.95 2.01
N GLU E 51 10.49 -36.32 0.94
CA GLU E 51 11.37 -35.68 -0.02
C GLU E 51 11.99 -34.42 0.58
N PRO E 52 13.24 -34.10 0.23
CA PRO E 52 13.86 -32.87 0.71
C PRO E 52 13.26 -31.65 0.03
N LEU E 53 12.67 -30.78 0.83
CA LEU E 53 12.07 -29.55 0.33
C LEU E 53 13.14 -28.45 0.35
N ILE E 54 13.41 -27.87 -0.81
CA ILE E 54 14.46 -26.87 -0.95
C ILE E 54 13.89 -25.69 -1.73
N ALA E 55 14.22 -24.48 -1.29
CA ALA E 55 13.76 -23.27 -1.96
C ALA E 55 14.38 -23.17 -3.35
N GLU E 56 13.61 -22.62 -4.29
CA GLU E 56 14.07 -22.50 -5.68
C GLU E 56 15.30 -21.61 -5.80
N ASP E 57 15.40 -20.58 -4.96
CA ASP E 57 16.59 -19.75 -4.89
C ASP E 57 17.65 -20.32 -3.97
N GLU E 58 17.45 -21.54 -3.47
CA GLU E 58 18.39 -22.29 -2.62
C GLU E 58 18.92 -21.46 -1.46
N THR E 59 18.03 -20.69 -0.82
CA THR E 59 18.41 -20.03 0.42
C THR E 59 18.29 -20.95 1.63
N TYR E 60 17.28 -21.81 1.65
CA TYR E 60 17.09 -22.73 2.77
C TYR E 60 16.76 -24.12 2.24
N GLY E 61 17.09 -25.13 3.03
CA GLY E 61 16.78 -26.50 2.68
C GLY E 61 16.56 -27.36 3.90
N LYS E 62 15.43 -28.06 3.97
CA LYS E 62 15.06 -28.79 5.17
C LYS E 62 14.50 -30.15 4.80
N PHE E 63 14.63 -31.09 5.73
CA PHE E 63 14.04 -32.41 5.54
C PHE E 63 13.78 -33.07 6.88
N GLN E 64 13.05 -34.18 6.84
CA GLN E 64 12.65 -34.91 8.04
C GLN E 64 13.54 -36.13 8.24
N VAL E 65 13.84 -36.42 9.50
CA VAL E 65 14.58 -37.62 9.88
C VAL E 65 13.77 -38.38 10.92
N ASP E 66 13.69 -39.70 10.73
CA ASP E 66 12.97 -40.60 11.61
C ASP E 66 13.84 -41.79 11.97
N ASP E 67 13.81 -42.19 13.24
CA ASP E 67 14.51 -43.38 13.69
C ASP E 67 13.65 -44.31 14.54
N GLY E 68 12.36 -44.06 14.64
CA GLY E 68 11.46 -44.89 15.43
C GLY E 68 11.04 -44.28 16.75
N THR E 69 11.72 -43.22 17.19
CA THR E 69 11.42 -42.59 18.47
C THR E 69 10.73 -41.25 18.31
N GLY E 70 11.03 -40.49 17.27
CA GLY E 70 10.38 -39.23 17.00
C GLY E 70 10.72 -38.73 15.62
N VAL E 71 10.18 -37.56 15.30
CA VAL E 71 10.41 -36.90 14.02
C VAL E 71 11.22 -35.64 14.28
N ILE E 72 12.33 -35.47 13.56
CA ILE E 72 13.18 -34.32 13.77
C ILE E 72 13.40 -33.60 12.44
N TRP E 73 13.45 -32.27 12.52
CA TRP E 73 13.72 -31.43 11.35
C TRP E 73 15.21 -31.17 11.25
N VAL E 74 15.77 -31.39 10.05
CA VAL E 74 17.15 -31.05 9.77
C VAL E 74 17.14 -29.91 8.77
N LEU E 75 17.78 -28.80 9.12
CA LEU E 75 17.70 -27.56 8.37
C LEU E 75 19.09 -27.13 7.92
N GLY E 76 19.13 -26.36 6.84
CA GLY E 76 20.35 -25.71 6.40
C GLY E 76 20.05 -24.38 5.75
N PHE E 77 20.69 -23.32 6.24
CA PHE E 77 20.40 -21.98 5.76
C PHE E 77 21.60 -21.39 5.02
N ARG E 78 21.30 -20.49 4.10
CA ARG E 78 22.29 -19.90 3.20
C ARG E 78 23.17 -20.96 2.55
N ASP E 79 24.45 -21.00 2.95
CA ASP E 79 25.42 -21.80 2.24
C ASP E 79 25.29 -23.30 2.52
N ASP E 80 24.63 -23.68 3.61
CA ASP E 80 24.56 -25.08 3.99
C ASP E 80 23.54 -25.88 3.18
N THR E 81 22.74 -25.21 2.34
CA THR E 81 21.70 -25.90 1.60
C THR E 81 22.25 -27.02 0.72
N LYS E 82 23.53 -26.96 0.37
CA LYS E 82 24.13 -28.02 -0.42
C LYS E 82 23.89 -29.38 0.21
N PHE E 83 23.95 -29.47 1.55
CA PHE E 83 23.75 -30.74 2.22
C PHE E 83 22.36 -31.30 1.94
N ALA E 84 21.35 -30.44 1.87
CA ALA E 84 19.99 -30.92 1.62
C ALA E 84 19.87 -31.59 0.26
N LYS E 85 20.82 -31.32 -0.65
CA LYS E 85 20.78 -31.95 -1.95
C LYS E 85 21.46 -33.32 -1.98
N LEU E 86 22.15 -33.69 -0.91
CA LEU E 86 22.91 -34.94 -0.93
C LEU E 86 22.04 -36.16 -0.64
N VAL E 87 20.82 -35.95 -0.18
CA VAL E 87 19.98 -37.03 0.31
C VAL E 87 18.83 -37.28 -0.65
N ARG E 88 18.33 -38.51 -0.64
CA ARG E 88 17.10 -38.89 -1.32
C ARG E 88 16.22 -39.67 -0.34
N LYS E 89 14.92 -39.53 -0.50
CA LYS E 89 13.98 -40.13 0.43
C LYS E 89 14.06 -41.65 0.38
N GLY E 90 14.18 -42.26 1.55
CA GLY E 90 14.16 -43.71 1.67
C GLY E 90 15.45 -44.36 2.14
N ASP E 91 16.48 -43.59 2.45
CA ASP E 91 17.78 -44.13 2.83
C ASP E 91 18.12 -43.79 4.28
N LEU E 92 19.18 -44.43 4.78
CA LEU E 92 19.65 -44.24 6.15
C LEU E 92 20.86 -43.30 6.12
N VAL E 93 20.81 -42.24 6.93
CA VAL E 93 21.86 -41.24 6.96
C VAL E 93 22.28 -40.99 8.40
N GLN E 94 23.55 -40.62 8.55
CA GLN E 94 24.10 -40.06 9.77
C GLN E 94 24.16 -38.54 9.62
N VAL E 95 23.58 -37.83 10.58
CA VAL E 95 23.49 -36.38 10.55
C VAL E 95 24.17 -35.85 11.80
N ILE E 96 25.13 -34.94 11.62
CA ILE E 96 25.83 -34.30 12.72
C ILE E 96 25.61 -32.80 12.61
N GLY E 97 25.27 -32.17 13.74
CA GLY E 97 25.05 -30.73 13.71
C GLY E 97 24.53 -30.22 15.04
N LYS E 98 24.34 -28.90 15.08
CA LYS E 98 23.89 -28.20 16.29
C LYS E 98 22.38 -28.33 16.46
N ILE E 99 21.89 -27.88 17.62
CA ILE E 99 20.47 -27.89 17.95
C ILE E 99 20.00 -26.45 18.15
N ALA E 100 18.88 -26.11 17.55
CA ALA E 100 18.26 -24.79 17.72
C ALA E 100 16.75 -24.95 17.78
N GLU E 101 16.09 -23.90 18.28
CA GLU E 101 14.65 -23.94 18.55
C GLU E 101 13.93 -22.88 17.74
N TRP E 102 12.81 -23.25 17.15
CA TRP E 102 11.99 -22.35 16.34
C TRP E 102 10.53 -22.71 16.55
N ARG E 103 9.73 -21.76 17.03
CA ARG E 103 8.31 -21.98 17.31
C ARG E 103 8.12 -23.21 18.20
N ASP E 104 8.64 -23.07 19.43
CA ASP E 104 8.62 -24.05 20.51
C ASP E 104 8.71 -25.48 20.00
N ASP E 105 9.68 -25.72 19.12
CA ASP E 105 9.95 -27.04 18.57
C ASP E 105 11.44 -27.14 18.29
N LYS E 106 12.04 -28.27 18.67
CA LYS E 106 13.47 -28.46 18.48
C LYS E 106 13.78 -28.88 17.05
N GLN E 107 14.94 -28.42 16.56
CA GLN E 107 15.40 -28.77 15.23
C GLN E 107 16.92 -28.75 15.22
N ILE E 108 17.49 -29.43 14.23
CA ILE E 108 18.94 -29.57 14.09
C ILE E 108 19.42 -28.70 12.94
N LEU E 109 20.35 -27.80 13.23
CA LEU E 109 21.02 -27.01 12.21
C LEU E 109 22.17 -27.84 11.66
N VAL E 110 22.08 -28.22 10.38
CA VAL E 110 22.95 -29.26 9.85
C VAL E 110 24.39 -28.78 9.78
N GLU E 111 25.32 -29.73 9.92
CA GLU E 111 26.73 -29.51 9.68
C GLU E 111 27.39 -30.62 8.88
N GLY E 112 26.75 -31.78 8.80
CA GLY E 112 27.26 -32.85 7.96
C GLY E 112 26.29 -34.01 7.80
N VAL E 113 26.11 -34.48 6.57
CA VAL E 113 25.20 -35.59 6.28
C VAL E 113 25.93 -36.64 5.47
N SER E 114 25.82 -37.90 5.88
CA SER E 114 26.50 -38.96 5.14
C SER E 114 25.63 -40.20 5.08
N LYS E 115 25.63 -40.84 3.91
CA LYS E 115 24.93 -42.11 3.75
C LYS E 115 25.64 -43.20 4.53
N VAL E 116 24.86 -44.13 5.08
CA VAL E 116 25.38 -45.17 5.97
C VAL E 116 24.65 -46.47 5.68
N HIS E 117 25.17 -47.58 6.33
CA HIS E 117 24.84 -49.00 6.30
C HIS E 117 24.06 -49.41 7.55
N PRO E 118 23.16 -50.38 7.47
CA PRO E 118 22.36 -50.74 8.65
C PRO E 118 23.16 -51.24 9.85
N ASN E 119 24.28 -51.94 9.62
CA ASN E 119 25.02 -52.49 10.75
C ASN E 119 25.66 -51.39 11.59
N MET E 120 26.12 -50.32 10.96
CA MET E 120 26.56 -49.22 11.80
C MET E 120 25.38 -48.56 12.50
N TRP E 121 24.17 -48.71 11.96
CA TRP E 121 22.99 -48.20 12.65
C TRP E 121 22.73 -48.98 13.94
N ILE E 122 22.86 -50.31 13.90
CA ILE E 122 22.72 -51.05 15.15
C ILE E 122 23.90 -50.76 16.08
N LEU E 123 25.07 -50.46 15.51
CA LEU E 123 26.18 -49.97 16.33
C LEU E 123 25.83 -48.66 17.02
N HIS E 124 25.14 -47.77 16.30
CA HIS E 124 24.60 -46.54 16.88
C HIS E 124 23.70 -46.84 18.06
N ARG E 125 22.77 -47.79 17.89
CA ARG E 125 21.86 -48.14 18.98
C ARG E 125 22.63 -48.64 20.19
N TYR E 126 23.62 -49.52 19.95
CA TYR E 126 24.47 -50.00 21.03
C TYR E 126 25.12 -48.85 21.78
N GLU E 127 25.77 -47.94 21.04
CA GLU E 127 26.52 -46.86 21.68
C GLU E 127 25.61 -45.92 22.46
N THR E 128 24.47 -45.55 21.88
CA THR E 128 23.59 -44.62 22.59
C THR E 128 23.01 -45.27 23.84
N LEU E 129 22.64 -46.55 23.77
CA LEU E 129 22.15 -47.23 24.97
C LEU E 129 23.21 -47.30 26.04
N LYS E 130 24.45 -47.64 25.67
CA LYS E 130 25.52 -47.76 26.65
C LYS E 130 25.80 -46.42 27.32
N GLU E 131 25.90 -45.34 26.52
CA GLU E 131 26.17 -44.03 27.09
C GLU E 131 25.02 -43.56 27.97
N LYS E 132 23.78 -43.82 27.56
CA LYS E 132 22.63 -43.47 28.38
C LYS E 132 22.68 -44.17 29.73
N ILE E 133 22.99 -45.48 29.72
CA ILE E 133 23.05 -46.23 30.97
C ILE E 133 24.16 -45.67 31.88
N GLU E 134 25.32 -45.40 31.31
CA GLU E 134 26.43 -44.89 32.11
C GLU E 134 26.08 -43.55 32.75
N HIS E 135 25.51 -42.62 31.97
CA HIS E 135 25.20 -41.33 32.57
C HIS E 135 24.04 -41.45 33.56
N ILE E 136 23.13 -42.39 33.33
CA ILE E 136 22.03 -42.60 34.27
C ILE E 136 22.58 -43.04 35.62
N LYS E 137 23.51 -44.00 35.61
CA LYS E 137 24.07 -44.45 36.88
C LYS E 137 24.89 -43.35 37.55
N LYS E 138 25.64 -42.56 36.77
CA LYS E 138 26.38 -41.45 37.37
C LYS E 138 25.44 -40.43 38.00
N ALA E 139 24.34 -40.11 37.31
CA ALA E 139 23.36 -39.18 37.87
C ALA E 139 22.72 -39.73 39.13
N LYS E 140 22.40 -41.03 39.15
CA LYS E 140 21.84 -41.63 40.35
C LYS E 140 22.81 -41.54 41.52
N ILE E 141 24.11 -41.72 41.25
CA ILE E 141 25.11 -41.56 42.30
C ILE E 141 25.14 -40.11 42.78
N ALA E 142 24.98 -39.15 41.86
CA ALA E 142 25.16 -37.74 42.23
C ALA E 142 23.90 -37.15 42.87
N LEU E 143 22.74 -37.79 42.73
CA LEU E 143 21.49 -37.22 43.23
C LEU E 143 21.54 -37.01 44.74
N GLU E 144 21.90 -38.06 45.49
CA GLU E 144 21.89 -37.94 46.94
C GLU E 144 22.93 -36.95 47.43
N ILE E 145 24.06 -36.84 46.74
CA ILE E 145 25.09 -35.90 47.14
C ILE E 145 24.61 -34.47 46.91
N TYR E 146 23.92 -34.23 45.80
CA TYR E 146 23.33 -32.92 45.57
C TYR E 146 22.31 -32.60 46.65
N ASN E 147 21.43 -33.56 46.95
CA ASN E 147 20.42 -33.34 47.98
C ASN E 147 20.99 -33.27 49.39
N GLN E 148 22.26 -33.63 49.56
CA GLN E 148 22.86 -33.65 50.90
C GLN E 148 23.20 -32.25 51.38
N TYR E 149 24.06 -31.53 50.64
CA TYR E 149 24.50 -30.21 51.07
C TYR E 149 24.18 -29.15 50.04
N GLY E 150 24.32 -29.48 48.76
CA GLY E 150 24.21 -28.50 47.70
C GLY E 150 25.54 -28.33 46.98
N ILE E 151 25.87 -27.10 46.62
CA ILE E 151 27.15 -26.80 45.96
C ILE E 151 28.02 -26.11 47.01
N THR E 152 28.86 -26.90 47.68
CA THR E 152 29.80 -26.38 48.67
C THR E 152 31.16 -27.00 48.41
N ALA E 153 32.18 -26.43 49.07
CA ALA E 153 33.53 -26.94 48.91
C ALA E 153 33.64 -28.39 49.36
N LYS E 154 33.02 -28.71 50.49
CA LYS E 154 33.04 -30.09 50.99
C LYS E 154 32.35 -31.04 50.02
N SER E 155 31.21 -30.63 49.46
CA SER E 155 30.52 -31.45 48.48
C SER E 155 31.37 -31.65 47.23
N LYS E 156 32.03 -30.61 46.75
CA LYS E 156 32.91 -30.74 45.60
C LYS E 156 34.05 -31.72 45.90
N VAL E 157 34.64 -31.61 47.08
CA VAL E 157 35.76 -32.48 47.44
C VAL E 157 35.32 -33.93 47.51
N ILE E 158 34.16 -34.20 48.14
CA ILE E 158 33.72 -35.59 48.27
C ILE E 158 33.33 -36.14 46.90
N ALA E 159 32.71 -35.31 46.04
CA ALA E 159 32.39 -35.77 44.69
C ALA E 159 33.65 -36.10 43.91
N LYS E 160 34.70 -35.29 44.06
CA LYS E 160 35.98 -35.61 43.45
C LYS E 160 36.54 -36.91 44.01
N ASN E 161 36.43 -37.11 45.32
CA ASN E 161 37.00 -38.29 45.95
C ASN E 161 36.34 -39.56 45.44
N LYS E 162 35.01 -39.58 45.32
CA LYS E 162 34.36 -40.81 44.88
C LYS E 162 34.22 -40.88 43.36
N GLY E 163 34.59 -39.82 42.64
CA GLY E 163 34.72 -39.89 41.20
C GLY E 163 33.57 -39.37 40.38
N ILE E 164 32.94 -38.27 40.76
CA ILE E 164 31.90 -37.62 39.96
C ILE E 164 32.47 -36.35 39.35
N GLU E 165 32.28 -36.18 38.04
CA GLU E 165 32.68 -34.95 37.38
C GLU E 165 31.91 -33.76 37.95
N GLU E 166 32.62 -32.65 38.15
CA GLU E 166 32.06 -31.54 38.92
C GLU E 166 30.85 -30.91 38.23
N GLU E 167 30.88 -30.82 36.90
CA GLU E 167 29.85 -30.08 36.18
C GLU E 167 28.45 -30.66 36.37
N LEU E 168 28.35 -31.92 36.77
CA LEU E 168 27.02 -32.51 37.01
C LEU E 168 26.29 -31.76 38.11
N LEU E 169 26.99 -31.37 39.17
CA LEU E 169 26.36 -30.65 40.26
C LEU E 169 25.72 -29.35 39.75
N GLU E 170 26.45 -28.61 38.92
CA GLU E 170 25.90 -27.40 38.33
C GLU E 170 24.76 -27.71 37.37
N VAL E 171 24.83 -28.83 36.64
CA VAL E 171 23.78 -29.16 35.69
C VAL E 171 22.46 -29.40 36.42
N ILE E 172 22.47 -30.22 37.48
CA ILE E 172 21.26 -30.40 38.27
C ILE E 172 20.86 -29.11 39.00
N ASP E 173 21.83 -28.27 39.38
CA ASP E 173 21.47 -26.99 39.99
C ASP E 173 20.65 -26.15 39.01
N GLU E 174 21.11 -26.05 37.76
CA GLU E 174 20.37 -25.29 36.75
C GLU E 174 19.03 -25.95 36.43
N LEU E 175 18.99 -27.28 36.43
CA LEU E 175 17.72 -27.97 36.20
C LEU E 175 16.70 -27.62 37.28
N TYR E 176 17.15 -27.61 38.55
CA TYR E 176 16.26 -27.20 39.63
C TYR E 176 15.87 -25.74 39.51
N GLY E 177 16.81 -24.89 39.09
CA GLY E 177 16.50 -23.48 38.89
C GLY E 177 15.47 -23.22 37.82
N ILE E 178 15.47 -24.04 36.76
CA ILE E 178 14.54 -23.82 35.65
C ILE E 178 13.22 -24.58 35.81
N MET E 179 13.19 -25.65 36.60
CA MET E 179 11.93 -26.37 36.80
C MET E 179 10.92 -25.53 37.58
N MET E 180 11.39 -24.78 38.58
CA MET E 180 10.52 -23.93 39.38
C MET E 180 9.98 -22.77 38.55
N ARG F 1 -0.29 -31.32 15.60
CA ARG F 1 0.16 -32.67 15.91
C ARG F 1 1.36 -33.05 15.05
N ARG F 2 2.40 -33.56 15.69
CA ARG F 2 3.59 -33.98 14.96
C ARG F 2 3.39 -35.36 14.34
N ARG F 3 4.24 -35.67 13.36
CA ARG F 3 4.17 -36.97 12.70
C ARG F 3 4.58 -38.08 13.66
N LYS F 4 3.94 -39.23 13.53
CA LYS F 4 4.22 -40.34 14.42
C LYS F 4 5.54 -41.01 14.04
N PRO F 5 6.23 -41.63 15.01
CA PRO F 5 7.41 -42.42 14.70
C PRO F 5 7.03 -43.78 14.12
N ALA F 6 8.05 -44.52 13.71
CA ALA F 6 7.84 -45.84 13.14
C ALA F 6 7.99 -46.93 14.20
N VAL F 7 7.21 -47.99 14.04
CA VAL F 7 7.23 -49.13 14.95
C VAL F 7 7.54 -50.38 14.13
N GLU F 8 8.50 -51.17 14.59
CA GLU F 8 8.91 -52.39 13.90
C GLU F 8 8.33 -53.61 14.60
N ARG F 9 7.81 -54.54 13.80
CA ARG F 9 7.13 -55.72 14.32
C ARG F 9 7.32 -56.87 13.35
N LYS F 10 6.81 -58.04 13.74
CA LYS F 10 6.76 -59.21 12.88
C LYS F 10 5.36 -59.41 12.35
N ILE F 11 5.23 -60.34 11.39
CA ILE F 11 3.94 -60.59 10.75
C ILE F 11 2.95 -61.19 11.74
N SER F 12 3.39 -62.18 12.51
CA SER F 12 2.51 -62.85 13.45
C SER F 12 2.14 -62.00 14.66
N GLU F 13 2.86 -60.90 14.90
CA GLU F 13 2.63 -60.04 16.05
C GLU F 13 2.16 -58.64 15.65
N ILE F 14 1.50 -58.52 14.51
CA ILE F 14 1.00 -57.21 14.07
C ILE F 14 -0.14 -56.81 15.01
N ARG F 15 0.12 -55.84 15.87
CA ARG F 15 -0.89 -55.40 16.83
C ARG F 15 -1.90 -54.46 16.17
N GLU F 16 -3.12 -54.45 16.70
CA GLU F 16 -4.15 -53.57 16.19
C GLU F 16 -3.84 -52.10 16.47
N GLU F 17 -3.20 -51.80 17.60
CA GLU F 17 -2.86 -50.42 17.94
C GLU F 17 -1.64 -49.89 17.18
N ASP F 18 -0.88 -50.76 16.52
CA ASP F 18 0.23 -50.28 15.72
C ASP F 18 -0.28 -49.51 14.51
N THR F 19 0.48 -48.49 14.11
CA THR F 19 0.08 -47.60 13.04
C THR F 19 0.96 -47.72 11.80
N ARG F 20 2.27 -47.56 11.94
CA ARG F 20 3.21 -47.69 10.84
C ARG F 20 4.19 -48.81 11.16
N VAL F 21 4.51 -49.62 10.16
CA VAL F 21 5.23 -50.87 10.38
C VAL F 21 6.54 -50.87 9.62
N SER F 22 7.58 -51.33 10.29
CA SER F 22 8.88 -51.65 9.69
C SER F 22 9.08 -53.16 9.81
N LEU F 23 9.30 -53.81 8.68
CA LEU F 23 9.38 -55.26 8.61
C LEU F 23 10.62 -55.68 7.84
N ILE F 24 11.21 -56.79 8.24
CA ILE F 24 12.37 -57.36 7.55
C ILE F 24 11.99 -58.78 7.15
N GLY F 25 12.17 -59.12 5.87
CA GLY F 25 11.67 -60.40 5.45
C GLY F 25 12.09 -60.83 4.06
N ARG F 26 11.44 -61.91 3.63
CA ARG F 26 11.80 -62.72 2.46
C ARG F 26 10.73 -62.61 1.38
N VAL F 27 11.16 -62.33 0.15
CA VAL F 27 10.25 -62.32 -0.99
C VAL F 27 10.07 -63.74 -1.53
N ILE F 28 8.80 -64.12 -1.73
CA ILE F 28 8.50 -65.46 -2.22
C ILE F 28 7.70 -65.39 -3.52
N LYS F 29 7.04 -64.26 -3.77
CA LYS F 29 6.22 -64.11 -4.97
C LYS F 29 5.99 -62.63 -5.25
N VAL F 30 5.97 -62.28 -6.53
CA VAL F 30 5.72 -60.91 -6.97
C VAL F 30 4.72 -60.97 -8.13
N ASP F 31 3.66 -60.16 -8.03
CA ASP F 31 2.65 -60.03 -9.07
C ASP F 31 2.70 -58.60 -9.61
N LYS F 32 3.10 -58.46 -10.88
CA LYS F 32 3.21 -57.15 -11.50
C LYS F 32 1.87 -56.61 -11.98
N MET F 33 0.86 -57.47 -12.13
CA MET F 33 -0.44 -57.00 -12.61
C MET F 33 -1.07 -56.01 -11.63
N ASP F 34 -0.98 -56.32 -10.34
CA ASP F 34 -1.57 -55.47 -9.30
C ASP F 34 -0.51 -54.76 -8.48
N TYR F 35 0.76 -54.85 -8.84
CA TYR F 35 1.86 -54.23 -8.11
C TYR F 35 1.89 -54.71 -6.66
N MET F 36 1.94 -56.04 -6.48
CA MET F 36 1.84 -56.66 -5.17
C MET F 36 3.00 -57.63 -5.00
N PHE F 37 3.38 -57.90 -3.74
CA PHE F 37 4.31 -58.99 -3.51
C PHE F 37 4.15 -59.55 -2.10
N TRP F 38 4.55 -60.79 -1.94
CA TRP F 38 4.43 -61.47 -0.65
C TRP F 38 5.77 -61.43 0.08
N LEU F 39 5.74 -61.00 1.34
CA LEU F 39 6.93 -60.89 2.17
C LEU F 39 6.82 -61.83 3.34
N ASP F 40 7.90 -62.57 3.60
CA ASP F 40 7.94 -63.60 4.64
C ASP F 40 9.02 -63.25 5.64
N ASP F 41 8.62 -63.06 6.90
CA ASP F 41 9.55 -62.80 7.99
C ASP F 41 9.94 -64.06 8.74
N GLY F 42 9.36 -65.21 8.39
CA GLY F 42 9.56 -66.46 9.07
C GLY F 42 8.36 -66.92 9.88
N THR F 43 7.68 -65.99 10.55
CA THR F 43 6.51 -66.32 11.35
C THR F 43 5.20 -66.12 10.59
N GLY F 44 5.25 -65.70 9.34
CA GLY F 44 4.04 -65.51 8.56
C GLY F 44 4.35 -64.89 7.22
N VAL F 45 3.29 -64.66 6.45
CA VAL F 45 3.38 -64.05 5.14
C VAL F 45 2.43 -62.86 5.09
N ALA F 46 2.93 -61.74 4.57
CA ALA F 46 2.15 -60.51 4.47
C ALA F 46 2.16 -60.01 3.02
N ILE F 47 1.01 -59.49 2.60
CA ILE F 47 0.88 -58.94 1.25
C ILE F 47 1.24 -57.47 1.29
N ILE F 48 2.19 -57.06 0.44
CA ILE F 48 2.78 -55.73 0.47
C ILE F 48 2.48 -55.06 -0.86
N GLU F 49 2.04 -53.80 -0.79
CA GLU F 49 1.66 -53.01 -1.96
C GLU F 49 2.84 -52.15 -2.40
N SER F 50 3.54 -52.59 -3.43
CA SER F 50 4.61 -51.80 -4.01
C SER F 50 4.05 -50.71 -4.91
N GLU F 51 4.64 -49.52 -4.81
CA GLU F 51 4.16 -48.39 -5.60
C GLU F 51 4.77 -48.38 -7.00
N SER F 52 6.10 -48.31 -7.10
CA SER F 52 6.77 -48.32 -8.39
C SER F 52 8.00 -49.21 -8.45
N ASP F 53 8.65 -49.50 -7.33
CA ASP F 53 9.83 -50.36 -7.33
C ASP F 53 9.44 -51.77 -6.91
N LEU F 54 10.11 -52.75 -7.50
CA LEU F 54 9.80 -54.15 -7.25
C LEU F 54 11.09 -54.93 -6.99
N PRO F 55 11.15 -55.69 -5.90
CA PRO F 55 12.38 -56.40 -5.55
C PRO F 55 12.53 -57.67 -6.40
N LYS F 56 13.62 -58.38 -6.14
CA LYS F 56 13.93 -59.63 -6.83
C LYS F 56 13.85 -60.80 -5.86
N VAL F 57 13.52 -61.98 -6.38
CA VAL F 57 13.60 -63.20 -5.60
C VAL F 57 15.07 -63.51 -5.32
N GLY F 58 15.38 -63.76 -4.06
CA GLY F 58 16.75 -63.88 -3.61
C GLY F 58 17.29 -62.65 -2.92
N GLN F 59 16.54 -61.55 -2.91
CA GLN F 59 16.92 -60.33 -2.20
C GLN F 59 16.02 -60.14 -0.98
N VAL F 60 16.59 -60.34 0.20
CA VAL F 60 15.89 -60.11 1.47
C VAL F 60 15.74 -58.61 1.67
N VAL F 61 14.53 -58.15 2.00
CA VAL F 61 14.22 -56.74 1.96
C VAL F 61 13.57 -56.28 3.25
N ARG F 62 13.73 -54.99 3.55
CA ARG F 62 13.08 -54.34 4.67
C ARG F 62 12.14 -53.26 4.14
N VAL F 63 10.91 -53.25 4.64
CA VAL F 63 9.87 -52.34 4.16
C VAL F 63 9.37 -51.51 5.34
N ILE F 64 9.32 -50.19 5.16
CA ILE F 64 8.64 -49.27 6.05
C ILE F 64 7.40 -48.75 5.35
N GLY F 65 6.28 -48.77 6.05
CA GLY F 65 5.05 -48.30 5.42
C GLY F 65 3.85 -48.30 6.33
N ARG F 66 2.69 -48.16 5.69
CA ARG F 66 1.39 -48.01 6.33
C ARG F 66 0.58 -49.29 6.19
N ILE F 67 -0.23 -49.57 7.19
CA ILE F 67 -1.15 -50.70 7.16
C ILE F 67 -2.53 -50.20 6.77
N ILE F 68 -3.25 -51.03 6.01
CA ILE F 68 -4.62 -50.73 5.61
C ILE F 68 -5.50 -51.86 6.09
N ARG F 69 -6.37 -51.57 7.05
CA ARG F 69 -7.27 -52.55 7.65
C ARG F 69 -8.68 -52.32 7.09
N ASN F 70 -9.08 -53.16 6.15
CA ASN F 70 -10.42 -53.10 5.59
C ASN F 70 -11.05 -54.49 5.68
N GLU F 71 -12.26 -54.62 5.14
CA GLU F 71 -12.98 -55.88 5.17
C GLU F 71 -12.43 -56.90 4.18
N GLU F 72 -11.67 -56.47 3.17
CA GLU F 72 -11.13 -57.39 2.19
C GLU F 72 -9.93 -58.18 2.70
N GLY F 73 -9.12 -57.58 3.57
CA GLY F 73 -7.96 -58.28 4.10
C GLY F 73 -7.02 -57.31 4.80
N ILE F 74 -5.79 -57.77 5.01
CA ILE F 74 -4.75 -56.98 5.67
C ILE F 74 -3.59 -56.86 4.70
N HIS F 75 -3.38 -55.66 4.17
CA HIS F 75 -2.28 -55.38 3.26
C HIS F 75 -1.56 -54.11 3.70
N ILE F 76 -0.27 -54.07 3.42
CA ILE F 76 0.62 -53.00 3.89
C ILE F 76 0.83 -52.02 2.75
N TYR F 77 0.40 -50.77 2.96
CA TYR F 77 0.63 -49.69 2.01
C TYR F 77 2.08 -49.28 2.12
N ALA F 78 2.95 -49.98 1.38
CA ALA F 78 4.38 -49.80 1.52
C ALA F 78 4.80 -48.40 1.08
N GLU F 79 5.81 -47.88 1.77
CA GLU F 79 6.37 -46.57 1.45
C GLU F 79 7.80 -46.64 0.96
N VAL F 80 8.67 -47.35 1.68
CA VAL F 80 10.07 -47.51 1.27
C VAL F 80 10.47 -48.97 1.41
N ILE F 81 11.16 -49.48 0.39
CA ILE F 81 11.75 -50.82 0.42
C ILE F 81 13.26 -50.67 0.25
N GLN F 82 14.02 -51.42 1.04
CA GLN F 82 15.47 -51.34 1.03
C GLN F 82 16.09 -52.72 1.12
N ASP F 83 17.32 -52.83 0.62
CA ASP F 83 18.03 -54.09 0.58
C ASP F 83 18.75 -54.33 1.91
N PHE F 84 18.47 -55.46 2.55
CA PHE F 84 19.25 -55.92 3.69
C PHE F 84 19.91 -57.27 3.45
N SER F 85 20.07 -57.64 2.18
CA SER F 85 20.73 -58.89 1.85
C SER F 85 21.74 -59.27 2.93
N ASP F 86 22.62 -58.36 3.31
CA ASP F 86 23.55 -58.64 4.39
C ASP F 86 23.04 -58.02 5.68
N ALA F 87 22.95 -58.82 6.75
CA ALA F 87 22.42 -58.31 8.01
C ALA F 87 22.59 -59.29 9.20
N ASP F 88 22.96 -58.75 10.36
CA ASP F 88 22.92 -59.51 11.61
C ASP F 88 21.56 -59.39 12.27
N LEU F 89 20.63 -60.22 11.83
CA LEU F 89 19.28 -60.19 12.37
C LEU F 89 19.23 -60.64 13.83
N GLU F 90 20.11 -61.57 14.21
CA GLU F 90 20.14 -62.03 15.60
C GLU F 90 20.57 -60.91 16.55
N ALA F 91 21.57 -60.12 16.14
CA ALA F 91 21.97 -58.97 16.95
C ALA F 91 20.83 -57.96 17.05
N LEU F 92 20.11 -57.75 15.96
CA LEU F 92 18.97 -56.85 16.00
C LEU F 92 17.91 -57.36 16.98
N GLU F 93 17.63 -58.65 16.95
CA GLU F 93 16.63 -59.21 17.87
C GLU F 93 17.09 -59.09 19.32
N GLU F 94 18.37 -59.36 19.59
CA GLU F 94 18.86 -59.30 20.96
C GLU F 94 18.84 -57.87 21.49
N ILE F 95 19.20 -56.90 20.64
CA ILE F 95 19.13 -55.52 21.10
C ILE F 95 17.68 -55.06 21.24
N ARG F 96 16.77 -55.58 20.40
CA ARG F 96 15.36 -55.23 20.56
C ARG F 96 14.84 -55.72 21.91
N GLU F 97 15.12 -56.97 22.26
CA GLU F 97 14.64 -57.47 23.55
C GLU F 97 15.33 -56.78 24.71
N LEU F 98 16.63 -56.48 24.57
CA LEU F 98 17.36 -55.77 25.61
C LEU F 98 16.77 -54.38 25.84
N GLU F 99 16.45 -53.68 24.76
CA GLU F 99 15.82 -52.36 24.87
C GLU F 99 14.45 -52.45 25.50
N ARG F 100 13.61 -53.39 25.03
CA ARG F 100 12.29 -53.56 25.62
C ARG F 100 12.37 -53.91 27.09
N LYS F 101 13.44 -54.59 27.50
CA LYS F 101 13.65 -54.92 28.90
C LYS F 101 14.07 -53.72 29.74
N LEU F 102 15.02 -52.91 29.25
CA LEU F 102 15.57 -51.89 30.14
C LEU F 102 14.94 -50.51 30.00
N LEU F 103 14.59 -50.08 28.79
CA LEU F 103 14.08 -48.72 28.61
C LEU F 103 12.89 -48.36 29.49
N PRO F 104 11.87 -49.22 29.65
CA PRO F 104 10.76 -48.84 30.55
C PRO F 104 11.19 -48.57 31.98
N ARG F 105 12.20 -49.29 32.49
CA ARG F 105 12.72 -49.00 33.81
C ARG F 105 13.60 -47.76 33.82
N LEU F 106 14.34 -47.51 32.73
CA LEU F 106 15.25 -46.38 32.68
C LEU F 106 14.49 -45.06 32.79
N GLU F 107 13.37 -44.94 32.08
CA GLU F 107 12.59 -43.71 32.11
C GLU F 107 12.00 -43.45 33.50
N GLY F 108 11.55 -44.49 34.19
CA GLY F 108 10.89 -44.29 35.47
C GLY F 108 11.79 -43.72 36.54
N GLU F 109 13.04 -44.20 36.61
CA GLU F 109 13.95 -43.80 37.66
C GLU F 109 14.45 -42.37 37.42
N ILE F 110 15.06 -41.81 38.48
CA ILE F 110 15.55 -40.43 38.52
C ILE F 110 14.39 -39.47 38.36
N VAL F 111 13.89 -38.95 39.48
CA VAL F 111 12.79 -37.99 39.47
C VAL F 111 13.36 -36.59 39.27
N TRP F 112 12.75 -35.84 38.36
CA TRP F 112 13.19 -34.49 37.96
C TRP F 112 14.72 -34.37 37.83
N THR G 3 22.36 17.64 41.19
CA THR G 3 22.46 17.59 39.73
C THR G 3 23.10 16.28 39.28
N TYR G 4 22.88 15.93 38.01
CA TYR G 4 23.40 14.69 37.47
C TYR G 4 24.67 14.94 36.66
N THR G 5 25.46 13.88 36.51
CA THR G 5 26.74 13.94 35.80
C THR G 5 26.71 12.97 34.63
N ARG G 6 27.21 13.43 33.48
CA ARG G 6 27.29 12.58 32.30
C ARG G 6 28.59 11.81 32.29
N LYS G 7 28.50 10.48 32.12
CA LYS G 7 29.68 9.64 32.12
C LYS G 7 29.52 8.56 31.07
N LYS G 8 30.63 8.17 30.45
CA LYS G 8 30.62 7.07 29.49
C LYS G 8 30.62 5.73 30.22
N ILE G 9 29.96 4.74 29.59
CA ILE G 9 29.78 3.44 30.24
C ILE G 9 31.11 2.77 30.55
N LYS G 10 32.18 3.12 29.84
CA LYS G 10 33.47 2.52 30.11
C LYS G 10 33.95 2.80 31.53
N ASP G 11 33.58 3.94 32.10
CA ASP G 11 34.08 4.36 33.40
C ASP G 11 33.04 4.24 34.51
N ILE G 12 31.97 3.49 34.28
CA ILE G 12 30.98 3.28 35.32
C ILE G 12 31.51 2.26 36.32
N GLU G 13 31.57 2.66 37.58
CA GLU G 13 32.06 1.81 38.65
C GLU G 13 30.95 1.58 39.67
N ALA G 14 31.01 0.42 40.33
CA ALA G 14 29.98 0.03 41.28
C ALA G 14 29.92 1.00 42.45
N GLY G 15 28.70 1.33 42.87
CA GLY G 15 28.49 2.21 43.99
C GLY G 15 28.39 3.69 43.67
N ASP G 16 28.62 4.08 42.43
CA ASP G 16 28.53 5.49 42.05
C ASP G 16 27.06 5.88 42.03
N ARG G 17 26.79 7.15 42.31
CA ARG G 17 25.42 7.66 42.38
C ARG G 17 25.25 8.87 41.49
N PHE G 18 24.01 9.06 41.02
CA PHE G 18 23.62 10.21 40.21
C PHE G 18 24.43 10.28 38.92
N VAL G 19 24.23 9.28 38.08
CA VAL G 19 24.95 9.15 36.81
C VAL G 19 23.94 9.09 35.67
N GLU G 20 24.29 9.70 34.55
CA GLU G 20 23.45 9.77 33.36
C GLU G 20 24.18 9.18 32.17
N VAL G 21 23.49 8.37 31.38
CA VAL G 21 24.09 7.60 30.30
C VAL G 21 23.27 7.75 29.04
N ARG G 22 23.94 7.98 27.91
CA ARG G 22 23.29 8.07 26.60
C ARG G 22 23.57 6.78 25.84
N GLY G 23 22.56 6.25 25.16
CA GLY G 23 22.82 5.01 24.46
C GLY G 23 21.68 4.55 23.58
N THR G 24 21.83 3.32 23.08
CA THR G 24 20.89 2.64 22.22
C THR G 24 20.42 1.38 22.91
N ILE G 25 19.12 1.08 22.80
CA ILE G 25 18.59 -0.13 23.41
C ILE G 25 18.99 -1.34 22.59
N ALA G 26 19.76 -2.23 23.20
CA ALA G 26 20.31 -3.38 22.49
C ALA G 26 19.66 -4.71 22.83
N LYS G 27 18.97 -4.82 23.96
CA LYS G 27 18.22 -6.03 24.26
C LYS G 27 17.11 -5.69 25.26
N VAL G 28 16.05 -6.48 25.22
CA VAL G 28 14.94 -6.38 26.18
C VAL G 28 14.92 -7.65 26.99
N TYR G 29 15.24 -7.55 28.29
CA TYR G 29 15.34 -8.72 29.14
C TYR G 29 13.98 -9.18 29.63
N ARG G 30 13.29 -8.33 30.40
CA ARG G 30 12.02 -8.72 31.00
C ARG G 30 11.06 -7.54 31.03
N VAL G 31 9.77 -7.86 31.11
CA VAL G 31 8.74 -6.90 31.46
C VAL G 31 7.67 -7.63 32.26
N LEU G 32 7.30 -7.07 33.41
CA LEU G 32 6.34 -7.76 34.26
C LEU G 32 5.65 -6.74 35.17
N THR G 33 4.71 -7.23 35.98
CA THR G 33 3.91 -6.39 36.86
C THR G 33 3.90 -6.97 38.27
N TYR G 34 3.63 -6.10 39.24
CA TYR G 34 3.48 -6.52 40.64
C TYR G 34 2.63 -5.47 41.37
N ASP G 35 2.43 -5.71 42.66
CA ASP G 35 1.51 -4.90 43.45
C ASP G 35 2.27 -3.95 44.38
N ALA G 36 1.74 -2.73 44.51
CA ALA G 36 2.38 -1.70 45.31
C ALA G 36 1.32 -0.86 46.02
N CYS G 37 1.77 -0.09 47.00
CA CYS G 37 0.88 0.76 47.77
C CYS G 37 0.33 1.89 46.90
N PRO G 38 -0.93 2.28 47.07
CA PRO G 38 -1.50 3.39 46.30
C PRO G 38 -1.11 4.77 46.79
N GLU G 39 -0.26 4.87 47.83
CA GLU G 39 0.21 6.16 48.31
C GLU G 39 1.69 6.39 48.03
N CYS G 40 2.56 5.49 48.48
CA CYS G 40 4.00 5.63 48.31
C CYS G 40 4.53 4.90 47.09
N LYS G 41 3.69 4.13 46.39
CA LYS G 41 4.12 3.31 45.25
C LYS G 41 5.33 2.45 45.62
N LYS G 42 5.20 1.70 46.71
CA LYS G 42 6.27 0.88 47.23
C LYS G 42 5.80 -0.57 47.32
N LYS G 43 6.77 -1.48 47.30
CA LYS G 43 6.45 -2.91 47.28
C LYS G 43 5.67 -3.28 48.54
N VAL G 44 4.57 -3.99 48.35
CA VAL G 44 3.72 -4.41 49.45
C VAL G 44 3.62 -5.94 49.42
N ASP G 45 3.36 -6.51 50.58
CA ASP G 45 3.31 -7.96 50.75
C ASP G 45 1.87 -8.40 51.00
N TYR G 46 1.40 -9.35 50.20
CA TYR G 46 0.10 -9.95 50.41
C TYR G 46 0.27 -11.18 51.28
N ASP G 47 -0.43 -11.22 52.42
CA ASP G 47 -0.30 -12.31 53.37
C ASP G 47 -1.42 -13.32 53.14
N GLU G 48 -1.06 -14.57 52.90
CA GLU G 48 -2.06 -15.61 52.70
C GLU G 48 -2.87 -15.87 53.96
N GLY G 49 -2.21 -15.93 55.13
CA GLY G 49 -2.91 -16.16 56.37
C GLY G 49 -3.77 -15.00 56.82
N LEU G 50 -3.45 -13.78 56.36
CA LEU G 50 -4.24 -12.60 56.69
C LEU G 50 -5.15 -12.15 55.55
N GLY G 51 -4.88 -12.59 54.32
CA GLY G 51 -5.75 -12.26 53.20
C GLY G 51 -5.74 -10.81 52.81
N VAL G 52 -4.73 -10.04 53.22
CA VAL G 52 -4.67 -8.61 52.97
C VAL G 52 -3.24 -8.23 52.57
N TRP G 53 -3.10 -7.03 52.03
CA TRP G 53 -1.80 -6.46 51.70
C TRP G 53 -1.36 -5.55 52.83
N ILE G 54 -0.12 -5.72 53.26
CA ILE G 54 0.42 -4.98 54.39
C ILE G 54 1.56 -4.11 53.89
N CYS G 55 1.43 -2.80 54.11
CA CYS G 55 2.48 -1.84 53.75
C CYS G 55 2.92 -1.15 55.03
N PRO G 56 4.00 -1.57 55.67
CA PRO G 56 4.23 -1.15 57.06
C PRO G 56 4.66 0.30 57.21
N GLU G 57 3.97 1.19 56.50
CA GLU G 57 3.95 2.62 56.82
C GLU G 57 2.53 3.11 56.51
N HIS G 58 1.71 2.17 56.02
CA HIS G 58 0.42 2.48 55.41
C HIS G 58 -0.72 1.65 56.00
N GLY G 59 -0.43 0.71 56.89
CA GLY G 59 -1.48 -0.17 57.39
C GLY G 59 -2.00 -1.06 56.29
N GLU G 60 -3.33 -1.09 56.13
CA GLU G 60 -3.95 -1.86 55.07
C GLU G 60 -4.31 -0.94 53.91
N VAL G 61 -3.87 -1.30 52.71
CA VAL G 61 -4.09 -0.49 51.52
C VAL G 61 -4.50 -1.41 50.37
N GLN G 62 -5.13 -0.81 49.37
CA GLN G 62 -5.57 -1.54 48.18
C GLN G 62 -4.44 -1.61 47.17
N PRO G 63 -4.04 -2.79 46.71
CA PRO G 63 -2.88 -2.88 45.83
C PRO G 63 -3.12 -2.21 44.48
N ILE G 64 -2.06 -1.65 43.92
CA ILE G 64 -2.08 -1.05 42.60
C ILE G 64 -0.99 -1.70 41.76
N LYS G 65 -1.18 -1.64 40.44
CA LYS G 65 -0.29 -2.35 39.51
C LYS G 65 0.89 -1.47 39.13
N MET G 66 2.09 -2.01 39.26
CA MET G 66 3.32 -1.32 38.88
C MET G 66 4.15 -2.24 38.01
N THR G 67 4.64 -1.70 36.89
CA THR G 67 5.41 -2.46 35.92
C THR G 67 6.90 -2.29 36.14
N ILE G 68 7.64 -3.36 35.87
CA ILE G 68 9.09 -3.35 35.86
C ILE G 68 9.55 -3.70 34.46
N LEU G 69 10.44 -2.88 33.91
CA LEU G 69 11.05 -3.13 32.60
C LEU G 69 12.55 -3.28 32.78
N ASP G 70 13.13 -4.27 32.12
CA ASP G 70 14.52 -4.64 32.32
C ASP G 70 15.16 -4.82 30.95
N PHE G 71 16.08 -3.92 30.58
CA PHE G 71 16.65 -3.95 29.24
C PHE G 71 18.14 -3.65 29.33
N GLY G 72 18.78 -3.55 28.17
CA GLY G 72 20.21 -3.29 28.09
C GLY G 72 20.58 -2.16 27.17
N LEU G 73 21.54 -1.35 27.59
CA LEU G 73 21.92 -0.13 26.89
C LEU G 73 23.35 -0.25 26.40
N ASP G 74 23.59 0.24 25.17
CA ASP G 74 24.89 0.15 24.52
C ASP G 74 25.26 1.50 23.95
N ASP G 75 26.50 1.93 24.14
CA ASP G 75 26.91 3.21 23.55
C ASP G 75 28.32 3.19 22.97
N GLY G 76 28.68 2.14 22.23
CA GLY G 76 29.94 2.10 21.52
C GLY G 76 31.15 1.80 22.37
N THR G 77 31.10 2.08 23.68
CA THR G 77 32.21 1.80 24.57
C THR G 77 31.89 0.77 25.65
N GLY G 78 30.66 0.29 25.72
CA GLY G 78 30.30 -0.68 26.76
C GLY G 78 28.86 -1.11 26.62
N TYR G 79 28.45 -2.00 27.51
CA TYR G 79 27.10 -2.51 27.56
C TYR G 79 26.70 -2.66 29.02
N ILE G 80 25.54 -2.11 29.39
CA ILE G 80 25.13 -2.08 30.80
C ILE G 80 23.63 -2.34 30.91
N ARG G 81 23.24 -3.06 31.96
CA ARG G 81 21.82 -3.33 32.20
C ARG G 81 21.14 -2.15 32.88
N VAL G 82 19.89 -1.91 32.51
CA VAL G 82 19.11 -0.80 33.04
C VAL G 82 17.73 -1.32 33.43
N THR G 83 17.21 -0.81 34.55
CA THR G 83 15.90 -1.20 35.06
C THR G 83 15.04 0.04 35.31
N LEU G 84 13.84 0.04 34.73
CA LEU G 84 12.87 1.12 34.87
C LEU G 84 11.64 0.64 35.64
N PHE G 85 11.06 1.56 36.41
CA PHE G 85 10.02 1.24 37.38
C PHE G 85 8.77 2.06 37.11
N GLY G 86 7.62 1.42 37.25
CA GLY G 86 6.36 2.14 37.35
C GLY G 86 5.93 2.80 36.06
N ASP G 87 5.56 4.08 36.17
CA ASP G 87 4.93 4.77 35.05
C ASP G 87 5.90 5.14 33.95
N ASP G 88 7.21 5.18 34.24
CA ASP G 88 8.20 5.42 33.19
C ASP G 88 8.17 4.30 32.17
N ALA G 89 8.10 3.05 32.64
CA ALA G 89 7.97 1.94 31.72
C ALA G 89 6.65 1.99 30.96
N GLU G 90 5.59 2.46 31.61
CA GLU G 90 4.32 2.63 30.93
C GLU G 90 4.44 3.63 29.78
N GLU G 91 5.16 4.73 30.00
CA GLU G 91 5.34 5.73 28.96
C GLU G 91 6.22 5.20 27.83
N LEU G 92 7.33 4.55 28.17
CA LEU G 92 8.26 4.07 27.15
C LEU G 92 7.63 2.98 26.30
N LEU G 93 6.96 2.02 26.94
CA LEU G 93 6.31 0.96 26.18
C LEU G 93 5.05 1.45 25.50
N GLY G 94 4.30 2.33 26.16
CA GLY G 94 3.04 2.81 25.64
C GLY G 94 1.83 1.94 25.92
N VAL G 95 1.94 1.00 26.86
CA VAL G 95 0.88 0.06 27.17
C VAL G 95 0.57 0.14 28.66
N SER G 96 -0.70 0.23 29.00
CA SER G 96 -1.11 0.40 30.39
C SER G 96 -0.82 -0.86 31.20
N PRO G 97 -0.45 -0.73 32.47
CA PRO G 97 -0.01 -1.90 33.25
C PRO G 97 -1.06 -2.99 33.36
N GLU G 98 -2.35 -2.65 33.32
CA GLU G 98 -3.38 -3.68 33.38
C GLU G 98 -3.27 -4.62 32.20
N GLU G 99 -2.94 -4.09 31.02
CA GLU G 99 -2.76 -4.95 29.85
C GLU G 99 -1.59 -5.91 30.04
N ILE G 100 -0.45 -5.42 30.53
CA ILE G 100 0.67 -6.32 30.78
C ILE G 100 0.28 -7.39 31.80
N ALA G 101 -0.46 -7.00 32.84
CA ALA G 101 -0.89 -7.95 33.84
C ALA G 101 -1.77 -9.04 33.24
N GLU G 102 -2.71 -8.66 32.37
CA GLU G 102 -3.61 -9.67 31.81
C GLU G 102 -2.89 -10.54 30.79
N LYS G 103 -1.93 -9.97 30.05
CA LYS G 103 -1.14 -10.80 29.13
C LYS G 103 -0.29 -11.81 29.89
N ILE G 104 0.38 -11.38 30.97
CA ILE G 104 1.19 -12.33 31.72
C ILE G 104 0.30 -13.37 32.40
N LYS G 105 -0.89 -12.98 32.84
CA LYS G 105 -1.83 -13.96 33.37
C LYS G 105 -2.21 -14.99 32.30
N GLU G 106 -2.50 -14.52 31.09
CA GLU G 106 -2.88 -15.45 30.02
C GLU G 106 -1.74 -16.41 29.70
N LEU G 107 -0.51 -15.90 29.67
CA LEU G 107 0.64 -16.79 29.46
C LEU G 107 0.79 -17.79 30.60
N GLU G 108 0.55 -17.35 31.84
CA GLU G 108 0.67 -18.27 32.97
C GLU G 108 -0.40 -19.36 32.92
N GLU G 109 -1.60 -19.02 32.43
CA GLU G 109 -2.65 -20.03 32.30
C GLU G 109 -2.27 -21.13 31.32
N SER G 110 -1.29 -20.90 30.45
CA SER G 110 -0.83 -21.95 29.54
C SER G 110 0.04 -22.99 30.23
N GLY G 111 0.34 -22.81 31.52
CA GLY G 111 1.20 -23.73 32.23
C GLY G 111 2.64 -23.27 32.35
N LEU G 112 2.94 -22.03 32.01
CA LEU G 112 4.30 -21.52 32.04
C LEU G 112 4.55 -20.77 33.34
N THR G 113 5.78 -20.87 33.83
CA THR G 113 6.15 -20.21 35.07
C THR G 113 6.14 -18.69 34.89
N THR G 114 6.35 -17.97 35.99
CA THR G 114 6.32 -16.52 35.95
C THR G 114 7.47 -15.96 35.13
N LYS G 115 8.70 -16.44 35.40
CA LYS G 115 9.87 -15.93 34.68
C LYS G 115 9.77 -16.20 33.20
N GLU G 116 9.38 -17.41 32.82
CA GLU G 116 9.30 -17.76 31.41
C GLU G 116 8.22 -16.95 30.71
N ALA G 117 7.07 -16.75 31.37
CA ALA G 117 6.02 -15.93 30.79
C ALA G 117 6.49 -14.49 30.59
N ALA G 118 7.20 -13.95 31.57
CA ALA G 118 7.72 -12.59 31.44
C ALA G 118 8.69 -12.48 30.27
N ARG G 119 9.60 -13.46 30.15
CA ARG G 119 10.57 -13.42 29.06
C ARG G 119 9.88 -13.52 27.70
N LYS G 120 8.91 -14.43 27.56
CA LYS G 120 8.22 -14.56 26.28
C LYS G 120 7.44 -13.30 25.95
N LEU G 121 6.81 -12.68 26.96
CA LEU G 121 6.10 -11.43 26.70
C LEU G 121 7.06 -10.34 26.26
N ALA G 122 8.24 -10.26 26.88
CA ALA G 122 9.21 -9.26 26.48
C ALA G 122 9.70 -9.48 25.05
N GLU G 123 9.98 -10.72 24.69
CA GLU G 123 10.63 -11.00 23.41
C GLU G 123 9.65 -11.24 22.27
N ASP G 124 8.34 -11.27 22.52
CA ASP G 124 7.37 -11.52 21.46
C ASP G 124 6.43 -10.36 21.21
N GLU G 125 6.40 -9.37 22.08
CA GLU G 125 5.46 -8.27 21.87
C GLU G 125 6.12 -6.90 21.89
N PHE G 126 7.15 -6.71 22.72
CA PHE G 126 7.83 -5.43 22.87
C PHE G 126 9.20 -5.45 22.21
N TYR G 127 9.33 -6.12 21.06
CA TYR G 127 10.60 -6.19 20.38
C TYR G 127 10.87 -4.97 19.50
N ASN G 128 9.91 -4.06 19.36
CA ASN G 128 10.07 -2.95 18.44
C ASN G 128 10.79 -1.76 19.04
N ILE G 129 11.08 -1.80 20.35
CA ILE G 129 11.82 -0.70 20.96
C ILE G 129 13.33 -0.86 20.82
N ILE G 130 13.80 -2.01 20.33
CA ILE G 130 15.23 -2.20 20.11
C ILE G 130 15.68 -1.31 18.97
N GLY G 131 16.79 -0.61 19.18
CA GLY G 131 17.27 0.35 18.22
C GLY G 131 16.89 1.79 18.50
N ARG G 132 16.26 2.05 19.64
CA ARG G 132 15.85 3.39 20.02
C ARG G 132 16.94 4.07 20.85
N GLU G 133 17.14 5.36 20.59
CA GLU G 133 18.24 6.13 21.17
C GLU G 133 17.70 6.99 22.31
N ILE G 134 18.23 6.79 23.52
CA ILE G 134 17.68 7.47 24.70
C ILE G 134 18.79 7.87 25.66
N VAL G 135 18.37 8.58 26.71
CA VAL G 135 19.24 9.07 27.78
C VAL G 135 18.59 8.72 29.12
N VAL G 136 19.28 7.92 29.93
CA VAL G 136 18.73 7.45 31.20
C VAL G 136 19.55 8.05 32.35
N ARG G 137 18.94 8.10 33.52
CA ARG G 137 19.54 8.68 34.71
C ARG G 137 19.25 7.77 35.90
N GLY G 138 20.23 7.63 36.79
CA GLY G 138 19.99 6.81 37.97
C GLY G 138 21.28 6.52 38.72
N ASN G 139 21.21 5.48 39.55
CA ASN G 139 22.33 5.06 40.37
C ASN G 139 22.68 3.61 40.05
N VAL G 140 23.97 3.29 40.16
CA VAL G 140 24.46 1.98 39.79
C VAL G 140 24.66 1.13 41.04
N ILE G 141 24.29 -0.15 40.92
CA ILE G 141 24.45 -1.11 42.01
C ILE G 141 25.15 -2.34 41.44
N GLU G 142 25.71 -3.15 42.34
CA GLU G 142 26.47 -4.34 41.97
C GLU G 142 25.73 -5.57 42.50
N ASP G 143 24.98 -6.22 41.63
CA ASP G 143 24.30 -7.45 41.97
C ASP G 143 25.26 -8.61 41.77
N ARG G 144 25.29 -9.54 42.74
CA ARG G 144 26.28 -10.60 42.76
C ARG G 144 26.04 -11.65 41.67
N PHE G 145 24.84 -11.69 41.09
CA PHE G 145 24.54 -12.66 40.04
C PHE G 145 24.45 -12.04 38.65
N LEU G 146 24.35 -10.72 38.54
CA LEU G 146 24.12 -10.07 37.26
C LEU G 146 25.19 -9.05 36.90
N GLY G 147 26.06 -8.67 37.84
CA GLY G 147 27.03 -7.63 37.54
C GLY G 147 26.49 -6.25 37.88
N LEU G 148 26.85 -5.28 37.06
CA LEU G 148 26.38 -3.92 37.28
C LEU G 148 24.95 -3.76 36.78
N ILE G 149 24.14 -3.00 37.51
CA ILE G 149 22.78 -2.70 37.12
C ILE G 149 22.52 -1.22 37.40
N LEU G 150 21.87 -0.53 36.46
CA LEU G 150 21.55 0.88 36.62
C LEU G 150 20.07 1.02 36.93
N ARG G 151 19.75 1.50 38.13
CA ARG G 151 18.37 1.68 38.56
C ARG G 151 17.91 3.05 38.10
N ALA G 152 17.17 3.10 37.00
CA ALA G 152 16.76 4.38 36.45
C ALA G 152 15.68 5.03 37.31
N SER G 153 15.81 6.34 37.48
CA SER G 153 14.80 7.14 38.14
C SER G 153 13.90 7.84 37.13
N SER G 154 14.49 8.30 36.03
CA SER G 154 13.74 8.94 34.96
C SER G 154 14.50 8.78 33.66
N TRP G 155 13.76 8.81 32.56
CA TRP G 155 14.35 8.75 31.23
C TRP G 155 13.75 9.86 30.39
N GLU G 156 14.47 10.23 29.33
CA GLU G 156 14.02 11.26 28.42
C GLU G 156 14.49 10.94 27.02
N ASP G 157 14.12 11.79 26.08
CA ASP G 157 14.60 11.66 24.72
C ASP G 157 15.84 12.51 24.50
N VAL G 158 16.57 12.20 23.43
CA VAL G 158 17.83 12.90 23.17
C VAL G 158 17.55 14.31 22.68
N ASP G 159 18.42 15.24 23.07
CA ASP G 159 18.43 16.60 22.55
C ASP G 159 19.58 16.67 21.55
N TYR G 160 19.26 16.63 20.27
CA TYR G 160 20.27 16.35 19.26
C TYR G 160 21.25 17.51 19.11
N ARG G 161 20.78 18.74 19.25
CA ARG G 161 21.68 19.88 19.09
C ARG G 161 22.76 19.89 20.15
N ARG G 162 22.41 19.58 21.40
CA ARG G 162 23.42 19.51 22.45
C ARG G 162 24.44 18.40 22.18
N GLU G 163 23.98 17.27 21.65
CA GLU G 163 24.90 16.17 21.35
C GLU G 163 25.86 16.56 20.24
N ILE G 164 25.36 17.25 19.21
CA ILE G 164 26.24 17.75 18.16
C ILE G 164 27.25 18.73 18.75
N GLU G 165 26.80 19.56 19.68
CA GLU G 165 27.72 20.48 20.34
C GLU G 165 28.83 19.74 21.07
N ARG G 166 28.46 18.66 21.78
CA ARG G 166 29.45 17.87 22.51
C ARG G 166 30.46 17.23 21.57
N ILE G 167 29.98 16.67 20.46
CA ILE G 167 30.90 16.03 19.51
C ILE G 167 31.82 17.07 18.87
N LYS G 168 31.28 18.26 18.58
CA LYS G 168 32.12 19.32 18.03
C LYS G 168 33.18 19.74 19.04
N GLU G 169 32.82 19.83 20.32
CA GLU G 169 33.81 20.15 21.34
C GLU G 169 34.90 19.09 21.42
N GLU G 170 34.51 17.82 21.33
CA GLU G 170 35.51 16.75 21.37
C GLU G 170 36.44 16.82 20.17
N LEU G 171 35.89 17.09 18.98
CA LEU G 171 36.73 17.26 17.80
C LEU G 171 37.66 18.45 17.95
N GLU G 172 37.18 19.55 18.53
CA GLU G 172 38.03 20.72 18.76
C GLU G 172 39.18 20.38 19.69
N LYS G 173 38.90 19.64 20.76
CA LYS G 173 39.96 19.17 21.64
C LYS G 173 40.94 18.26 20.90
N LEU G 174 40.45 17.46 19.96
CA LEU G 174 41.33 16.58 19.19
C LEU G 174 42.24 17.37 18.26
N GLY G 175 41.74 18.47 17.70
CA GLY G 175 42.58 19.34 16.90
C GLY G 175 42.38 19.25 15.40
N VAL G 176 41.12 19.20 14.96
CA VAL G 176 40.82 19.22 13.52
C VAL G 176 40.08 20.50 13.18
N MET G 177 39.05 20.83 13.96
CA MET G 177 38.32 22.08 13.75
C MET G 177 39.06 23.24 14.41
N LYS H 1 29.81 -14.13 30.81
CA LYS H 1 28.69 -13.34 30.33
C LYS H 1 29.16 -11.94 29.93
N LYS H 2 29.70 -11.81 28.73
CA LYS H 2 30.19 -10.54 28.23
C LYS H 2 29.68 -10.33 26.81
N ARG H 3 29.20 -9.12 26.53
CA ARG H 3 28.75 -8.76 25.20
C ARG H 3 29.59 -7.59 24.71
N MET H 4 30.10 -7.70 23.48
CA MET H 4 30.95 -6.68 22.93
C MET H 4 30.11 -5.53 22.36
N PRO H 5 30.51 -4.28 22.63
CA PRO H 5 29.71 -3.15 22.17
C PRO H 5 29.74 -3.00 20.66
N ALA H 6 28.66 -2.42 20.12
CA ALA H 6 28.54 -2.22 18.69
C ALA H 6 29.19 -0.91 18.27
N THR H 7 29.82 -0.91 17.10
CA THR H 7 30.53 0.26 16.59
C THR H 7 29.73 0.87 15.44
N ARG H 8 29.85 2.19 15.29
CA ARG H 8 29.12 2.94 14.29
C ARG H 8 30.00 3.11 13.05
N LEU H 9 29.55 2.58 11.92
CA LEU H 9 30.40 2.38 10.75
C LEU H 9 29.79 2.99 9.50
N TYR H 10 30.65 3.26 8.53
CA TYR H 10 30.25 3.51 7.15
C TYR H 10 30.04 2.19 6.43
N ILE H 11 29.08 2.15 5.51
CA ILE H 11 28.81 0.90 4.81
C ILE H 11 29.97 0.53 3.90
N LYS H 12 30.76 1.51 3.47
CA LYS H 12 31.95 1.22 2.68
C LYS H 12 32.93 0.34 3.45
N ASP H 13 33.17 0.66 4.72
CA ASP H 13 34.11 -0.12 5.52
C ASP H 13 33.61 -1.54 5.74
N ILE H 14 32.31 -1.71 5.95
CA ILE H 14 31.75 -3.05 6.06
C ILE H 14 31.95 -3.82 4.76
N LEU H 15 31.84 -3.12 3.63
CA LEU H 15 31.91 -3.82 2.34
C LEU H 15 33.36 -4.02 1.88
N GLU H 16 34.32 -3.33 2.49
CA GLU H 16 35.71 -3.45 2.09
C GLU H 16 36.62 -4.09 3.14
N GLY H 17 36.06 -4.64 4.21
CA GLY H 17 36.86 -5.29 5.22
C GLY H 17 37.08 -6.76 4.93
N TYR H 18 37.94 -7.37 5.74
CA TYR H 18 38.25 -8.79 5.64
C TYR H 18 37.48 -9.56 6.70
N PHE H 19 36.71 -10.55 6.27
CA PHE H 19 35.86 -11.30 7.18
C PHE H 19 36.62 -12.51 7.72
N VAL H 20 36.77 -12.56 9.05
CA VAL H 20 37.50 -13.62 9.71
C VAL H 20 36.48 -14.51 10.41
N LYS H 21 36.47 -15.79 10.05
CA LYS H 21 35.50 -16.75 10.55
C LYS H 21 36.16 -17.60 11.63
N SER H 22 35.56 -17.63 12.81
CA SER H 22 36.13 -18.37 13.92
C SER H 22 35.95 -19.87 13.70
N GLU H 23 36.86 -20.66 14.27
CA GLU H 23 36.80 -22.11 14.18
C GLU H 23 36.41 -22.76 15.50
N GLY H 24 36.74 -22.13 16.62
CA GLY H 24 36.35 -22.68 17.91
C GLY H 24 34.89 -22.41 18.22
N ASP H 25 34.45 -22.90 19.38
CA ASP H 25 33.08 -22.65 19.80
C ASP H 25 32.96 -21.35 20.57
N PHE H 26 33.96 -21.03 21.42
CA PHE H 26 33.88 -19.89 22.31
C PHE H 26 34.46 -18.62 21.71
N GLU H 27 34.50 -18.50 20.38
CA GLU H 27 34.90 -17.26 19.72
C GLU H 27 33.90 -16.96 18.62
N PRO H 28 33.49 -15.71 18.47
CA PRO H 28 32.56 -15.35 17.39
C PRO H 28 33.29 -14.89 16.13
N ASN H 29 32.54 -14.85 15.05
CA ASN H 29 33.04 -14.32 13.79
C ASN H 29 33.29 -12.83 13.93
N TYR H 30 34.22 -12.30 13.14
CA TYR H 30 34.44 -10.85 13.17
C TYR H 30 34.93 -10.37 11.82
N LEU H 31 35.27 -9.08 11.76
CA LEU H 31 35.67 -8.42 10.52
C LEU H 31 36.72 -7.38 10.85
N ILE H 32 37.80 -7.35 10.08
CA ILE H 32 38.89 -6.40 10.28
C ILE H 32 38.87 -5.43 9.12
N THR H 33 38.67 -4.15 9.42
CA THR H 33 38.55 -3.13 8.38
C THR H 33 39.94 -2.76 7.86
N LYS H 34 39.96 -1.89 6.85
CA LYS H 34 41.20 -1.56 6.16
C LYS H 34 42.21 -0.84 7.05
N TYR H 35 41.77 -0.29 8.18
CA TYR H 35 42.67 0.43 9.07
C TYR H 35 42.81 -0.26 10.42
N ALA H 36 42.76 -1.59 10.43
CA ALA H 36 43.04 -2.40 11.62
C ALA H 36 42.07 -2.07 12.76
N ARG H 37 40.80 -2.35 12.54
CA ARG H 37 39.76 -2.21 13.55
C ARG H 37 38.91 -3.47 13.58
N LYS H 38 38.93 -4.18 14.69
CA LYS H 38 38.08 -5.37 14.83
C LYS H 38 36.68 -4.95 15.22
N VAL H 39 35.69 -5.46 14.50
CA VAL H 39 34.30 -5.14 14.76
C VAL H 39 33.50 -6.43 14.92
N TYR H 40 32.70 -6.51 15.98
CA TYR H 40 31.84 -7.64 16.26
C TYR H 40 30.39 -7.39 15.83
N ARG H 41 29.88 -6.19 16.11
CA ARG H 41 28.52 -5.82 15.78
C ARG H 41 28.53 -4.47 15.09
N ALA H 42 27.68 -4.32 14.09
CA ALA H 42 27.58 -3.08 13.31
C ALA H 42 26.30 -2.35 13.66
N LYS H 43 26.33 -1.04 13.44
CA LYS H 43 25.21 -0.15 13.79
C LYS H 43 25.21 1.00 12.78
N ILE H 44 24.25 0.99 11.85
CA ILE H 44 24.24 1.94 10.75
C ILE H 44 22.89 2.65 10.69
N VAL H 45 22.87 3.80 10.02
CA VAL H 45 21.67 4.60 9.84
C VAL H 45 21.54 4.98 8.38
N GLY H 46 20.39 4.68 7.78
CA GLY H 46 20.25 4.93 6.36
C GLY H 46 18.83 4.73 5.88
N THR H 47 18.64 4.90 4.58
CA THR H 47 17.33 4.90 3.95
C THR H 47 17.00 3.53 3.37
N VAL H 48 15.79 3.05 3.63
CA VAL H 48 15.30 1.84 2.98
C VAL H 48 14.87 2.20 1.56
N VAL H 49 15.41 1.47 0.57
CA VAL H 49 15.23 1.87 -0.82
C VAL H 49 14.18 1.02 -1.53
N ARG H 50 13.86 -0.14 -0.99
CA ARG H 50 12.90 -1.04 -1.61
C ARG H 50 12.00 -1.68 -0.56
N GLU H 51 10.81 -2.08 -1.00
CA GLU H 51 9.88 -2.75 -0.12
C GLU H 51 10.46 -4.09 0.34
N PRO H 52 10.32 -4.44 1.61
CA PRO H 52 10.92 -5.69 2.11
C PRO H 52 10.36 -6.90 1.39
N LEU H 53 11.22 -7.89 1.18
CA LEU H 53 10.84 -9.15 0.55
C LEU H 53 10.72 -10.23 1.63
N ILE H 54 9.51 -10.71 1.85
CA ILE H 54 9.24 -11.75 2.85
C ILE H 54 8.76 -12.99 2.10
N ALA H 55 9.35 -14.13 2.41
CA ALA H 55 8.95 -15.37 1.78
C ALA H 55 7.51 -15.69 2.12
N GLU H 56 6.88 -16.52 1.27
CA GLU H 56 5.45 -16.78 1.40
C GLU H 56 5.13 -17.47 2.73
N ASP H 57 6.03 -18.32 3.22
CA ASP H 57 5.85 -18.99 4.49
C ASP H 57 6.66 -18.36 5.62
N GLU H 58 6.96 -17.06 5.52
CA GLU H 58 7.70 -16.29 6.54
C GLU H 58 8.88 -17.06 7.11
N THR H 59 9.67 -17.70 6.24
CA THR H 59 10.92 -18.30 6.69
C THR H 59 11.99 -17.25 6.91
N TYR H 60 12.04 -16.21 6.07
CA TYR H 60 13.08 -15.20 6.16
C TYR H 60 12.54 -13.89 5.63
N GLY H 61 13.27 -12.82 5.91
CA GLY H 61 12.91 -11.49 5.43
C GLY H 61 14.10 -10.57 5.29
N LYS H 62 14.11 -9.71 4.28
CA LYS H 62 15.28 -8.89 4.02
C LYS H 62 14.86 -7.54 3.46
N PHE H 63 15.78 -6.58 3.55
CA PHE H 63 15.59 -5.28 2.91
C PHE H 63 16.93 -4.61 2.70
N GLN H 64 16.96 -3.65 1.78
CA GLN H 64 18.18 -2.94 1.43
C GLN H 64 18.28 -1.61 2.18
N VAL H 65 19.50 -1.26 2.57
CA VAL H 65 19.75 -0.02 3.29
C VAL H 65 20.85 0.73 2.56
N ASP H 66 20.62 2.03 2.33
CA ASP H 66 21.57 2.93 1.68
C ASP H 66 21.81 4.13 2.57
N ASP H 67 23.07 4.56 2.69
CA ASP H 67 23.37 5.75 3.46
C ASP H 67 24.20 6.81 2.73
N GLY H 68 24.60 6.58 1.49
CA GLY H 68 25.36 7.57 0.76
C GLY H 68 26.76 7.14 0.44
N THR H 69 27.19 6.01 1.01
CA THR H 69 28.52 5.48 0.78
C THR H 69 28.51 4.04 0.26
N GLY H 70 27.42 3.32 0.46
CA GLY H 70 27.27 1.98 -0.08
C GLY H 70 25.85 1.53 0.15
N VAL H 71 25.51 0.39 -0.43
CA VAL H 71 24.19 -0.20 -0.28
C VAL H 71 24.34 -1.64 0.17
N ILE H 72 23.68 -1.99 1.27
CA ILE H 72 23.90 -3.29 1.90
C ILE H 72 22.56 -3.98 2.15
N TRP H 73 22.56 -5.30 2.03
CA TRP H 73 21.39 -6.12 2.31
C TRP H 73 21.34 -6.43 3.81
N VAL H 74 20.15 -6.43 4.38
CA VAL H 74 19.93 -6.76 5.77
C VAL H 74 18.95 -7.93 5.81
N LEU H 75 19.34 -9.01 6.47
CA LEU H 75 18.61 -10.27 6.45
C LEU H 75 18.16 -10.66 7.85
N GLY H 76 17.12 -11.48 7.90
CA GLY H 76 16.69 -12.11 9.13
C GLY H 76 16.08 -13.46 8.86
N PHE H 77 16.56 -14.50 9.53
CA PHE H 77 16.10 -15.86 9.32
C PHE H 77 15.27 -16.33 10.50
N ARG H 78 14.39 -17.29 10.23
CA ARG H 78 13.50 -17.88 11.21
C ARG H 78 12.60 -16.84 11.86
N ASP H 79 12.78 -16.57 13.15
CA ASP H 79 11.87 -15.66 13.85
C ASP H 79 12.30 -14.21 13.80
N ASP H 80 13.51 -13.91 13.31
CA ASP H 80 13.91 -12.53 13.13
C ASP H 80 13.25 -11.88 11.92
N THR H 81 12.55 -12.66 11.10
CA THR H 81 11.83 -12.07 9.98
C THR H 81 10.80 -11.05 10.43
N LYS H 82 10.37 -11.12 11.70
CA LYS H 82 9.47 -10.10 12.22
C LYS H 82 10.05 -8.70 12.03
N PHE H 83 11.36 -8.55 12.23
CA PHE H 83 11.97 -7.23 12.07
C PHE H 83 11.79 -6.72 10.64
N ALA H 84 11.83 -7.62 9.66
CA ALA H 84 11.71 -7.19 8.28
C ALA H 84 10.36 -6.60 7.97
N LYS H 85 9.40 -6.77 8.88
CA LYS H 85 8.07 -6.20 8.68
C LYS H 85 7.89 -4.83 9.34
N LEU H 86 8.87 -4.37 10.12
CA LEU H 86 8.68 -3.11 10.83
C LEU H 86 8.97 -1.89 9.97
N VAL H 87 9.44 -2.07 8.74
CA VAL H 87 9.86 -0.98 7.89
C VAL H 87 9.22 -1.11 6.51
N ARG H 88 9.16 0.02 5.80
CA ARG H 88 8.68 0.05 4.43
C ARG H 88 9.60 0.93 3.61
N LYS H 89 9.17 1.26 2.40
CA LYS H 89 10.05 1.94 1.46
C LYS H 89 10.15 3.43 1.77
N GLY H 90 11.37 3.95 1.81
CA GLY H 90 11.61 5.37 1.99
C GLY H 90 11.91 5.80 3.40
N ASP H 91 11.81 4.92 4.39
CA ASP H 91 12.02 5.30 5.78
C ASP H 91 13.50 5.52 6.05
N LEU H 92 13.77 6.18 7.17
CA LEU H 92 15.13 6.54 7.57
C LEU H 92 15.41 5.82 8.88
N VAL H 93 16.00 4.62 8.79
CA VAL H 93 16.06 3.70 9.92
C VAL H 93 17.46 3.63 10.53
N GLN H 94 17.55 3.06 11.73
CA GLN H 94 18.80 2.69 12.38
C GLN H 94 18.76 1.20 12.64
N VAL H 95 19.80 0.50 12.20
CA VAL H 95 19.88 -0.96 12.23
C VAL H 95 21.09 -1.37 13.05
N ILE H 96 20.88 -2.28 13.99
CA ILE H 96 21.95 -2.85 14.80
C ILE H 96 21.94 -4.35 14.64
N GLY H 97 23.10 -4.94 14.36
CA GLY H 97 23.14 -6.38 14.18
C GLY H 97 24.53 -6.87 13.86
N LYS H 98 24.65 -8.18 13.75
CA LYS H 98 25.94 -8.82 13.50
C LYS H 98 26.31 -8.72 12.02
N ILE H 99 27.52 -9.18 11.68
CA ILE H 99 28.05 -9.11 10.33
C ILE H 99 28.26 -10.53 9.82
N ALA H 100 27.77 -10.81 8.61
CA ALA H 100 27.90 -12.12 8.00
C ALA H 100 28.27 -11.97 6.53
N GLU H 101 28.84 -13.02 5.97
CA GLU H 101 29.27 -13.06 4.59
C GLU H 101 28.58 -14.20 3.86
N TRP H 102 28.11 -13.93 2.66
CA TRP H 102 27.46 -14.94 1.83
C TRP H 102 27.74 -14.63 0.38
N ARG H 103 28.40 -15.55 -0.31
CA ARG H 103 28.73 -15.39 -1.73
C ARG H 103 29.51 -14.10 -1.95
N ASP H 104 30.69 -14.05 -1.31
CA ASP H 104 31.65 -12.95 -1.32
C ASP H 104 30.99 -11.58 -1.31
N ASP H 105 29.96 -11.42 -0.48
CA ASP H 105 29.22 -10.18 -0.34
C ASP H 105 28.76 -10.02 1.10
N LYS H 106 29.19 -8.95 1.76
CA LYS H 106 28.89 -8.78 3.16
C LYS H 106 27.43 -8.45 3.38
N GLN H 107 26.86 -8.98 4.46
CA GLN H 107 25.47 -8.77 4.81
C GLN H 107 25.35 -8.67 6.33
N ILE H 108 24.27 -8.06 6.79
CA ILE H 108 24.02 -7.87 8.22
C ILE H 108 22.88 -8.76 8.64
N LEU H 109 23.09 -9.55 9.69
CA LEU H 109 22.04 -10.35 10.30
C LEU H 109 21.38 -9.52 11.38
N VAL H 110 20.15 -9.11 11.15
CA VAL H 110 19.54 -8.03 11.91
C VAL H 110 19.21 -8.49 13.33
N GLU H 111 19.49 -7.61 14.30
CA GLU H 111 19.02 -7.77 15.67
C GLU H 111 18.03 -6.71 16.08
N GLY H 112 18.08 -5.52 15.51
CA GLY H 112 17.08 -4.51 15.77
C GLY H 112 17.03 -3.42 14.72
N VAL H 113 15.83 -2.95 14.38
CA VAL H 113 15.64 -1.85 13.43
C VAL H 113 14.64 -0.88 14.01
N SER H 114 14.93 0.42 13.88
CA SER H 114 14.04 1.41 14.48
C SER H 114 14.16 2.74 13.77
N LYS H 115 13.01 3.40 13.60
CA LYS H 115 12.95 4.68 12.90
C LYS H 115 13.66 5.76 13.70
N VAL H 116 14.15 6.79 13.00
CA VAL H 116 14.76 7.94 13.65
C VAL H 116 14.37 9.22 12.92
N HIS H 117 14.58 10.33 13.62
CA HIS H 117 14.43 11.71 13.17
C HIS H 117 15.68 12.15 12.41
N PRO H 118 15.57 13.06 11.44
CA PRO H 118 16.75 13.44 10.65
C PRO H 118 17.93 13.93 11.47
N ASN H 119 17.65 14.58 12.60
CA ASN H 119 18.75 14.97 13.47
C ASN H 119 19.54 13.77 13.97
N MET H 120 18.89 12.62 14.14
CA MET H 120 19.65 11.42 14.49
C MET H 120 20.59 11.02 13.37
N TRP H 121 20.17 11.21 12.12
CA TRP H 121 21.05 10.94 10.98
C TRP H 121 22.27 11.86 11.02
N ILE H 122 22.07 13.13 11.35
CA ILE H 122 23.21 14.05 11.41
C ILE H 122 24.14 13.68 12.56
N LEU H 123 23.58 13.27 13.72
CA LEU H 123 24.43 12.73 14.78
C LEU H 123 25.21 11.52 14.31
N HIS H 124 24.58 10.63 13.55
CA HIS H 124 25.30 9.47 13.07
C HIS H 124 26.52 9.89 12.27
N ARG H 125 26.35 10.89 11.40
CA ARG H 125 27.48 11.34 10.57
C ARG H 125 28.59 11.93 11.43
N TYR H 126 28.25 12.87 12.32
CA TYR H 126 29.26 13.47 13.19
C TYR H 126 30.01 12.41 13.99
N GLU H 127 29.26 11.52 14.64
CA GLU H 127 29.86 10.56 15.55
C GLU H 127 30.72 9.55 14.80
N THR H 128 30.26 9.07 13.64
CA THR H 128 31.07 8.09 12.93
C THR H 128 32.37 8.70 12.44
N LEU H 129 32.34 9.95 11.96
CA LEU H 129 33.60 10.59 11.54
C LEU H 129 34.54 10.77 12.73
N LYS H 130 34.00 11.25 13.86
CA LYS H 130 34.85 11.50 15.01
C LYS H 130 35.49 10.22 15.53
N GLU H 131 34.74 9.12 15.55
CA GLU H 131 35.31 7.89 16.10
C GLU H 131 36.14 7.15 15.07
N LYS H 132 36.05 7.53 13.79
CA LYS H 132 37.02 7.01 12.82
C LYS H 132 38.38 7.67 13.00
N ILE H 133 38.40 8.99 13.21
CA ILE H 133 39.68 9.71 13.28
C ILE H 133 40.53 9.22 14.45
N GLU H 134 39.90 9.01 15.61
CA GLU H 134 40.64 8.56 16.79
C GLU H 134 41.40 7.27 16.52
N HIS H 135 40.70 6.27 15.97
CA HIS H 135 41.35 4.99 15.72
C HIS H 135 42.39 5.09 14.61
N ILE H 136 42.17 5.97 13.62
CA ILE H 136 43.20 6.17 12.61
C ILE H 136 44.48 6.64 13.27
N LYS H 137 44.38 7.62 14.17
CA LYS H 137 45.57 8.13 14.84
C LYS H 137 46.24 7.04 15.67
N LYS H 138 45.46 6.28 16.44
CA LYS H 138 46.07 5.27 17.30
C LYS H 138 46.74 4.17 16.49
N ALA H 139 46.11 3.73 15.41
CA ALA H 139 46.73 2.71 14.56
C ALA H 139 47.98 3.24 13.88
N LYS H 140 47.97 4.51 13.44
CA LYS H 140 49.17 5.08 12.84
C LYS H 140 50.32 5.12 13.82
N ILE H 141 50.03 5.40 15.10
CA ILE H 141 51.11 5.40 16.09
C ILE H 141 51.59 3.98 16.36
N ALA H 142 50.68 3.01 16.45
CA ALA H 142 51.07 1.65 16.82
C ALA H 142 51.76 0.91 15.69
N LEU H 143 51.53 1.32 14.44
CA LEU H 143 52.13 0.62 13.31
C LEU H 143 53.65 0.71 13.35
N GLU H 144 54.17 1.87 13.73
CA GLU H 144 55.63 2.02 13.83
C GLU H 144 56.20 1.12 14.91
N ILE H 145 55.52 1.01 16.05
CA ILE H 145 55.98 0.12 17.11
C ILE H 145 56.02 -1.31 16.60
N TYR H 146 54.97 -1.74 15.89
CA TYR H 146 54.98 -3.10 15.37
C TYR H 146 56.10 -3.32 14.37
N ASN H 147 56.30 -2.35 13.45
CA ASN H 147 57.26 -2.56 12.38
C ASN H 147 58.70 -2.54 12.88
N GLN H 148 59.06 -1.57 13.73
CA GLN H 148 60.44 -1.45 14.16
C GLN H 148 60.87 -2.59 15.06
N TYR H 149 59.96 -3.07 15.92
CA TYR H 149 60.32 -4.01 16.98
C TYR H 149 59.69 -5.38 16.78
N GLY H 150 58.37 -5.46 16.64
CA GLY H 150 57.69 -6.73 16.52
C GLY H 150 56.94 -7.09 17.79
N ILE H 151 56.69 -8.38 17.98
CA ILE H 151 56.02 -8.87 19.19
C ILE H 151 57.09 -9.37 20.14
N THR H 152 57.42 -8.55 21.13
CA THR H 152 58.31 -8.93 22.21
C THR H 152 57.71 -8.46 23.53
N ALA H 153 58.09 -9.14 24.62
CA ALA H 153 57.58 -8.76 25.93
C ALA H 153 57.87 -7.31 26.25
N LYS H 154 58.99 -6.77 25.74
CA LYS H 154 59.29 -5.36 25.91
C LYS H 154 58.47 -4.47 24.97
N SER H 155 58.05 -4.98 23.81
CA SER H 155 57.17 -4.20 22.94
C SER H 155 55.84 -3.94 23.63
N LYS H 156 55.33 -4.93 24.37
CA LYS H 156 54.12 -4.71 25.16
C LYS H 156 54.32 -3.59 26.18
N VAL H 157 55.48 -3.55 26.84
CA VAL H 157 55.74 -2.50 27.81
C VAL H 157 55.79 -1.14 27.12
N ILE H 158 56.43 -1.07 25.95
CA ILE H 158 56.51 0.19 25.23
C ILE H 158 55.12 0.67 24.82
N ALA H 159 54.29 -0.24 24.32
CA ALA H 159 52.92 0.14 23.95
C ALA H 159 52.12 0.56 25.17
N LYS H 160 52.33 -0.10 26.31
CA LYS H 160 51.65 0.30 27.54
C LYS H 160 52.01 1.71 27.93
N ASN H 161 53.31 2.05 27.91
CA ASN H 161 53.72 3.37 28.37
C ASN H 161 53.50 4.44 27.30
N LYS H 162 53.19 4.05 26.06
CA LYS H 162 52.87 5.04 25.04
C LYS H 162 51.39 5.38 24.97
N GLY H 163 50.55 4.72 25.74
CA GLY H 163 49.13 5.01 25.72
C GLY H 163 48.32 4.28 24.66
N ILE H 164 48.81 3.17 24.15
CA ILE H 164 48.13 2.41 23.10
C ILE H 164 47.63 1.10 23.68
N GLU H 165 46.40 0.73 23.33
CA GLU H 165 45.81 -0.51 23.83
C GLU H 165 46.66 -1.70 23.42
N GLU H 166 46.68 -2.74 24.28
CA GLU H 166 47.50 -3.90 24.00
C GLU H 166 47.00 -4.69 22.80
N GLU H 167 45.68 -4.87 22.69
CA GLU H 167 45.10 -5.69 21.64
C GLU H 167 45.33 -5.11 20.26
N LEU H 168 45.67 -3.82 20.17
CA LEU H 168 45.85 -3.19 18.87
C LEU H 168 47.04 -3.78 18.12
N LEU H 169 48.13 -4.06 18.82
CA LEU H 169 49.27 -4.70 18.17
C LEU H 169 48.90 -6.08 17.64
N GLU H 170 48.13 -6.84 18.43
CA GLU H 170 47.72 -8.17 17.99
C GLU H 170 46.84 -8.09 16.75
N VAL H 171 45.90 -7.15 16.71
CA VAL H 171 45.03 -7.06 15.54
C VAL H 171 45.81 -6.55 14.33
N ILE H 172 46.81 -5.70 14.56
CA ILE H 172 47.68 -5.28 13.45
C ILE H 172 48.43 -6.47 12.89
N ASP H 173 48.97 -7.32 13.76
CA ASP H 173 49.68 -8.50 13.27
C ASP H 173 48.74 -9.45 12.54
N GLU H 174 47.52 -9.60 13.05
CA GLU H 174 46.55 -10.46 12.37
C GLU H 174 46.23 -9.90 10.97
N LEU H 175 46.06 -8.59 10.87
CA LEU H 175 45.80 -7.97 9.58
C LEU H 175 46.97 -8.20 8.63
N TYR H 176 48.19 -8.04 9.12
CA TYR H 176 49.36 -8.27 8.30
C TYR H 176 49.39 -9.71 7.80
N GLY H 177 49.09 -10.66 8.68
CA GLY H 177 49.10 -12.07 8.28
C GLY H 177 47.96 -12.46 7.36
N ILE H 178 46.86 -11.71 7.37
CA ILE H 178 45.72 -12.08 6.53
C ILE H 178 45.85 -11.43 5.15
N MET H 179 46.44 -10.24 5.06
CA MET H 179 46.52 -9.58 3.76
C MET H 179 47.87 -9.77 3.09
N MET H 180 48.77 -10.54 3.68
CA MET H 180 50.08 -10.78 3.07
C MET H 180 49.96 -11.68 1.84
N ARG I 1 26.21 -6.25 -11.01
CA ARG I 1 25.56 -4.95 -11.21
C ARG I 1 25.01 -4.39 -9.91
N ARG I 2 25.91 -4.14 -8.96
CA ARG I 2 25.53 -3.48 -7.73
C ARG I 2 25.03 -2.07 -8.02
N ARG I 3 23.90 -1.71 -7.40
CA ARG I 3 23.34 -0.38 -7.59
C ARG I 3 24.23 0.66 -6.91
N LYS I 4 24.36 1.80 -7.56
CA LYS I 4 25.20 2.86 -7.02
C LYS I 4 24.50 3.55 -5.85
N PRO I 5 25.26 4.04 -4.87
CA PRO I 5 24.66 4.86 -3.82
C PRO I 5 24.26 6.22 -4.37
N ALA I 6 23.35 6.86 -3.64
CA ALA I 6 22.89 8.19 -4.02
C ALA I 6 23.98 9.20 -3.71
N VAL I 7 24.69 9.65 -4.75
CA VAL I 7 25.76 10.63 -4.58
C VAL I 7 25.13 11.98 -4.28
N GLU I 8 25.38 12.49 -3.07
CA GLU I 8 24.72 13.72 -2.63
C GLU I 8 25.37 14.93 -3.28
N ARG I 9 24.56 15.73 -4.00
CA ARG I 9 25.09 16.85 -4.75
C ARG I 9 24.15 18.05 -4.67
N LYS I 10 24.73 19.21 -4.92
CA LYS I 10 24.00 20.47 -5.07
C LYS I 10 23.53 20.59 -6.51
N ILE I 11 22.48 21.39 -6.73
CA ILE I 11 21.90 21.48 -8.07
C ILE I 11 22.91 22.01 -9.07
N SER I 12 23.67 23.03 -8.68
CA SER I 12 24.56 23.71 -9.62
C SER I 12 25.71 22.84 -10.12
N GLU I 13 26.02 21.74 -9.44
CA GLU I 13 27.20 20.94 -9.78
C GLU I 13 26.85 19.49 -10.11
N ILE I 14 25.68 19.25 -10.70
CA ILE I 14 25.34 17.90 -11.16
C ILE I 14 26.21 17.59 -12.37
N ARG I 15 27.22 16.74 -12.19
CA ARG I 15 28.11 16.39 -13.28
C ARG I 15 27.40 15.46 -14.26
N GLU I 16 28.07 15.23 -15.40
CA GLU I 16 27.49 14.43 -16.47
C GLU I 16 27.51 12.94 -16.17
N GLU I 17 28.49 12.45 -15.40
CA GLU I 17 28.61 11.01 -15.16
C GLU I 17 27.58 10.48 -14.18
N ASP I 18 26.87 11.35 -13.46
CA ASP I 18 25.96 10.91 -12.42
C ASP I 18 24.77 10.16 -13.02
N THR I 19 24.36 9.09 -12.35
CA THR I 19 23.20 8.29 -12.75
C THR I 19 22.14 8.27 -11.66
N ARG I 20 22.50 8.57 -10.41
CA ARG I 20 21.54 8.70 -9.32
C ARG I 20 22.06 9.79 -8.39
N VAL I 21 21.15 10.64 -7.91
CA VAL I 21 21.54 11.75 -7.06
C VAL I 21 20.57 11.89 -5.90
N SER I 22 20.99 12.63 -4.88
CA SER I 22 20.17 12.91 -3.71
C SER I 22 20.28 14.39 -3.38
N LEU I 23 19.17 15.11 -3.55
CA LEU I 23 19.13 16.56 -3.40
C LEU I 23 18.30 16.91 -2.18
N ILE I 24 18.52 18.10 -1.63
CA ILE I 24 17.70 18.64 -0.56
C ILE I 24 17.30 20.05 -0.96
N GLY I 25 16.01 20.33 -0.93
CA GLY I 25 15.54 21.64 -1.34
C GLY I 25 14.22 21.96 -0.71
N ARG I 26 13.63 23.07 -1.15
CA ARG I 26 12.29 23.43 -0.73
C ARG I 26 11.41 23.60 -1.96
N VAL I 27 10.20 23.07 -1.90
CA VAL I 27 9.29 23.11 -3.04
C VAL I 27 8.86 24.55 -3.31
N ILE I 28 8.81 24.91 -4.58
CA ILE I 28 8.47 26.28 -4.95
C ILE I 28 7.26 26.36 -5.87
N LYS I 29 6.87 25.26 -6.53
CA LYS I 29 5.71 25.24 -7.40
C LYS I 29 5.36 23.79 -7.68
N VAL I 30 4.07 23.46 -7.67
CA VAL I 30 3.59 22.10 -7.90
C VAL I 30 2.54 22.11 -8.99
N ASP I 31 2.65 21.19 -9.94
CA ASP I 31 1.70 21.02 -11.04
C ASP I 31 1.09 19.63 -10.92
N LYS I 32 -0.22 19.57 -10.66
CA LYS I 32 -0.86 18.30 -10.36
C LYS I 32 -1.36 17.59 -11.61
N MET I 33 -1.70 18.34 -12.67
CA MET I 33 -2.14 17.68 -13.89
C MET I 33 -1.01 16.89 -14.54
N ASP I 34 0.22 17.39 -14.46
CA ASP I 34 1.38 16.71 -15.00
C ASP I 34 2.22 16.02 -13.94
N TYR I 35 1.93 16.22 -12.66
CA TYR I 35 2.68 15.61 -11.57
C TYR I 35 4.15 16.00 -11.61
N MET I 36 4.41 17.29 -11.42
CA MET I 36 5.78 17.81 -11.39
C MET I 36 5.90 18.80 -10.26
N PHE I 37 7.12 19.03 -9.78
CA PHE I 37 7.34 20.16 -8.89
C PHE I 37 8.72 20.72 -9.08
N TRP I 38 8.86 22.01 -8.77
CA TRP I 38 10.12 22.73 -8.92
C TRP I 38 10.82 22.80 -7.57
N LEU I 39 12.05 22.31 -7.52
CA LEU I 39 12.85 22.29 -6.30
C LEU I 39 13.89 23.39 -6.39
N ASP I 40 13.99 24.20 -5.34
CA ASP I 40 14.89 25.36 -5.31
C ASP I 40 15.62 25.39 -3.97
N ASP I 41 16.94 25.26 -3.99
CA ASP I 41 17.75 25.35 -2.79
C ASP I 41 18.71 26.54 -2.79
N GLY I 42 18.48 27.53 -3.64
CA GLY I 42 19.27 28.74 -3.59
C GLY I 42 20.25 28.90 -4.74
N THR I 43 20.81 27.80 -5.21
CA THR I 43 21.78 27.84 -6.29
C THR I 43 21.21 27.37 -7.63
N GLY I 44 19.93 27.03 -7.70
CA GLY I 44 19.34 26.61 -8.95
C GLY I 44 17.92 26.13 -8.74
N VAL I 45 17.27 25.78 -9.85
CA VAL I 45 15.92 25.23 -9.84
C VAL I 45 15.92 23.97 -10.68
N ALA I 46 15.35 22.90 -10.14
CA ALA I 46 15.30 21.60 -10.81
C ALA I 46 13.87 21.14 -10.94
N ILE I 47 13.50 20.68 -12.14
CA ILE I 47 12.14 20.24 -12.41
C ILE I 47 12.05 18.74 -12.09
N ILE I 48 11.57 18.41 -10.90
CA ILE I 48 11.52 17.04 -10.42
C ILE I 48 10.19 16.44 -10.84
N GLU I 49 10.25 15.33 -11.56
CA GLU I 49 9.08 14.57 -11.93
C GLU I 49 8.77 13.54 -10.85
N SER I 50 7.49 13.22 -10.70
CA SER I 50 7.05 12.28 -9.68
C SER I 50 6.18 11.21 -10.33
N GLU I 51 6.10 10.06 -9.66
CA GLU I 51 5.30 8.96 -10.20
C GLU I 51 3.88 8.98 -9.65
N SER I 52 3.73 9.05 -8.33
CA SER I 52 2.40 9.01 -7.73
C SER I 52 2.17 10.04 -6.63
N ASP I 53 3.20 10.56 -5.98
CA ASP I 53 3.04 11.42 -4.82
C ASP I 53 3.67 12.78 -5.07
N LEU I 54 3.06 13.81 -4.48
CA LEU I 54 3.55 15.18 -4.58
C LEU I 54 3.66 15.80 -3.20
N PRO I 55 4.66 16.65 -2.98
CA PRO I 55 4.74 17.41 -1.74
C PRO I 55 3.94 18.70 -1.85
N LYS I 56 3.69 19.30 -0.69
CA LYS I 56 2.99 20.57 -0.64
C LYS I 56 3.96 21.70 -0.96
N VAL I 57 3.43 22.89 -1.24
CA VAL I 57 4.24 24.04 -1.59
C VAL I 57 4.75 24.69 -0.32
N GLY I 58 6.06 24.93 -0.26
CA GLY I 58 6.68 25.65 0.82
C GLY I 58 7.42 24.80 1.83
N GLN I 59 7.31 23.49 1.76
CA GLN I 59 8.00 22.63 2.73
C GLN I 59 9.31 22.11 2.16
N VAL I 60 10.25 21.85 3.06
CA VAL I 60 11.57 21.35 2.68
C VAL I 60 11.51 19.84 2.54
N VAL I 61 12.06 19.31 1.45
CA VAL I 61 12.09 17.88 1.19
C VAL I 61 13.50 17.46 0.81
N ARG I 62 13.73 16.15 0.88
CA ARG I 62 14.92 15.50 0.37
C ARG I 62 14.51 14.44 -0.64
N VAL I 63 15.09 14.53 -1.84
CA VAL I 63 14.64 13.76 -3.00
C VAL I 63 15.79 12.91 -3.50
N ILE I 64 15.56 11.61 -3.60
CA ILE I 64 16.53 10.66 -4.14
C ILE I 64 15.98 10.18 -5.47
N GLY I 65 16.72 10.44 -6.55
CA GLY I 65 16.18 10.14 -7.87
C GLY I 65 17.23 10.00 -8.94
N ARG I 66 16.82 9.40 -10.05
CA ARG I 66 17.66 9.12 -11.20
C ARG I 66 17.83 10.35 -12.07
N ILE I 67 18.64 10.21 -13.11
CA ILE I 67 18.83 11.25 -14.11
C ILE I 67 18.37 10.74 -15.46
N ILE I 68 17.53 11.52 -16.13
CA ILE I 68 17.06 11.22 -17.48
C ILE I 68 17.64 12.31 -18.37
N ARG I 69 18.71 11.99 -19.10
CA ARG I 69 19.43 12.96 -19.91
C ARG I 69 19.14 12.69 -21.39
N ASN I 70 18.21 13.45 -21.96
CA ASN I 70 17.94 13.42 -23.39
C ASN I 70 18.02 14.85 -23.92
N GLU I 71 17.78 15.00 -25.23
CA GLU I 71 17.73 16.32 -25.82
C GLU I 71 16.53 17.13 -25.34
N GLU I 72 15.51 16.46 -24.78
CA GLU I 72 14.37 17.18 -24.23
C GLU I 72 14.77 18.02 -23.01
N GLY I 73 15.86 17.65 -22.35
CA GLY I 73 16.36 18.37 -21.20
C GLY I 73 16.96 17.41 -20.20
N ILE I 74 17.09 17.89 -18.97
CA ILE I 74 17.61 17.09 -17.85
C ILE I 74 16.62 17.27 -16.70
N HIS I 75 15.83 16.24 -16.42
CA HIS I 75 14.87 16.28 -15.33
C HIS I 75 15.07 15.08 -14.42
N ILE I 76 14.95 15.32 -13.12
CA ILE I 76 15.24 14.33 -12.10
C ILE I 76 13.97 13.55 -11.84
N TYR I 77 14.04 12.22 -11.97
CA TYR I 77 12.89 11.36 -11.76
C TYR I 77 12.88 10.90 -10.30
N ALA I 78 12.12 11.60 -9.47
CA ALA I 78 12.14 11.32 -8.03
C ALA I 78 11.69 9.90 -7.74
N GLU I 79 12.48 9.21 -6.92
CA GLU I 79 12.16 7.87 -6.44
C GLU I 79 11.76 7.84 -4.98
N VAL I 80 12.47 8.57 -4.13
CA VAL I 80 12.15 8.62 -2.71
C VAL I 80 12.08 10.08 -2.28
N ILE I 81 10.96 10.47 -1.67
CA ILE I 81 10.77 11.82 -1.16
C ILE I 81 10.59 11.73 0.35
N GLN I 82 11.40 12.47 1.10
CA GLN I 82 11.33 12.46 2.54
C GLN I 82 11.15 13.88 3.05
N ASP I 83 10.42 14.01 4.14
CA ASP I 83 10.09 15.32 4.72
C ASP I 83 11.18 15.71 5.71
N PHE I 84 11.97 16.72 5.33
CA PHE I 84 13.08 17.24 6.13
C PHE I 84 12.73 18.62 6.65
N SER I 85 11.48 18.79 7.10
CA SER I 85 10.98 20.12 7.41
C SER I 85 11.70 20.75 8.60
N ASP I 86 11.99 19.96 9.63
CA ASP I 86 12.52 20.48 10.89
C ASP I 86 13.96 20.03 11.16
N ALA I 87 14.75 19.82 10.10
CA ALA I 87 16.14 19.43 10.26
C ALA I 87 17.05 20.65 10.26
N ASP I 88 18.18 20.53 10.95
CA ASP I 88 19.17 21.59 11.05
C ASP I 88 20.04 21.56 9.80
N LEU I 89 19.78 22.48 8.87
CA LEU I 89 20.51 22.46 7.60
C LEU I 89 21.92 23.02 7.73
N GLU I 90 22.13 23.99 8.63
CA GLU I 90 23.48 24.55 8.79
C GLU I 90 24.45 23.52 9.33
N ALA I 91 24.04 22.72 10.32
CA ALA I 91 24.88 21.64 10.81
C ALA I 91 25.14 20.61 9.72
N LEU I 92 24.13 20.33 8.89
CA LEU I 92 24.32 19.38 7.80
C LEU I 92 25.36 19.87 6.81
N GLU I 93 25.28 21.15 6.43
CA GLU I 93 26.27 21.66 5.48
C GLU I 93 27.66 21.72 6.10
N GLU I 94 27.75 22.01 7.40
CA GLU I 94 29.05 22.02 8.06
C GLU I 94 29.67 20.64 8.06
N ILE I 95 28.87 19.61 8.38
CA ILE I 95 29.43 18.26 8.40
C ILE I 95 29.77 17.79 6.99
N ARG I 96 28.98 18.17 5.99
CA ARG I 96 29.32 17.84 4.61
C ARG I 96 30.68 18.42 4.24
N GLU I 97 30.89 19.71 4.55
CA GLU I 97 32.16 20.35 4.24
C GLU I 97 33.32 19.66 4.97
N LEU I 98 33.14 19.38 6.26
CA LEU I 98 34.23 18.79 7.04
C LEU I 98 34.57 17.40 6.54
N GLU I 99 33.55 16.60 6.23
CA GLU I 99 33.78 15.27 5.68
C GLU I 99 34.52 15.35 4.36
N ARG I 100 34.11 16.28 3.48
CA ARG I 100 34.78 16.42 2.20
C ARG I 100 36.23 16.83 2.35
N LYS I 101 36.53 17.72 3.29
CA LYS I 101 37.92 18.15 3.46
C LYS I 101 38.78 17.13 4.18
N LEU I 102 38.19 16.21 4.95
CA LEU I 102 38.98 15.25 5.71
C LEU I 102 39.14 13.89 5.06
N LEU I 103 38.04 13.25 4.63
CA LEU I 103 38.11 11.83 4.26
C LEU I 103 39.11 11.49 3.16
N PRO I 104 39.22 12.25 2.06
CA PRO I 104 40.22 11.88 1.05
C PRO I 104 41.63 11.80 1.59
N ARG I 105 41.99 12.66 2.53
CA ARG I 105 43.31 12.58 3.15
C ARG I 105 43.43 11.38 4.08
N LEU I 106 42.37 11.05 4.82
CA LEU I 106 42.45 10.01 5.83
C LEU I 106 42.76 8.64 5.23
N GLU I 107 42.15 8.34 4.08
CA GLU I 107 42.40 7.05 3.44
C GLU I 107 43.87 6.90 3.05
N GLY I 108 44.54 8.00 2.70
CA GLY I 108 45.94 7.92 2.32
C GLY I 108 46.84 7.47 3.45
N GLU I 109 46.54 7.87 4.68
CA GLU I 109 47.38 7.52 5.82
C GLU I 109 47.33 6.01 6.06
N ILE I 110 48.33 5.52 6.80
CA ILE I 110 48.59 4.10 6.99
C ILE I 110 48.93 3.48 5.63
N VAL I 111 49.55 2.30 5.63
CA VAL I 111 49.98 1.68 4.39
C VAL I 111 50.08 0.17 4.62
N TRP I 112 49.72 -0.60 3.59
CA TRP I 112 49.41 -2.02 3.70
C TRP I 112 48.67 -2.37 4.99
N THR J 3 -44.70 57.47 -25.82
CA THR J 3 -43.37 57.17 -25.31
C THR J 3 -43.13 55.67 -25.24
N TYR J 4 -42.93 55.16 -24.03
CA TYR J 4 -42.66 53.75 -23.78
C TYR J 4 -43.78 53.15 -22.93
N THR J 5 -44.13 51.91 -23.24
CA THR J 5 -45.23 51.21 -22.59
C THR J 5 -44.70 50.01 -21.82
N ARG J 6 -45.08 49.91 -20.56
CA ARG J 6 -44.67 48.78 -19.73
C ARG J 6 -45.39 47.51 -20.17
N LYS J 7 -44.67 46.40 -20.17
CA LYS J 7 -45.23 45.13 -20.63
C LYS J 7 -44.52 43.98 -19.91
N LYS J 8 -45.26 42.91 -19.66
CA LYS J 8 -44.71 41.72 -19.02
C LYS J 8 -44.15 40.76 -20.06
N ILE J 9 -43.08 40.06 -19.68
CA ILE J 9 -42.44 39.11 -20.60
C ILE J 9 -43.39 37.99 -20.97
N LYS J 10 -44.30 37.61 -20.06
CA LYS J 10 -45.25 36.54 -20.36
C LYS J 10 -46.08 36.86 -21.60
N ASP J 11 -46.37 38.14 -21.83
CA ASP J 11 -47.28 38.55 -22.89
C ASP J 11 -46.56 39.19 -24.07
N ILE J 12 -45.23 39.07 -24.14
CA ILE J 12 -44.49 39.65 -25.26
C ILE J 12 -44.80 38.86 -26.52
N GLU J 13 -45.13 39.58 -27.60
CA GLU J 13 -45.42 38.97 -28.88
C GLU J 13 -44.63 39.69 -29.98
N ALA J 14 -44.46 39.00 -31.10
CA ALA J 14 -43.66 39.55 -32.20
C ALA J 14 -44.33 40.77 -32.80
N GLY J 15 -43.50 41.69 -33.31
CA GLY J 15 -44.01 42.89 -33.93
C GLY J 15 -44.38 44.01 -32.99
N ASP J 16 -44.11 43.87 -31.70
CA ASP J 16 -44.44 44.89 -30.73
C ASP J 16 -43.38 45.99 -30.71
N ARG J 17 -43.81 47.21 -30.43
CA ARG J 17 -42.94 48.37 -30.42
C ARG J 17 -43.11 49.15 -29.13
N PHE J 18 -42.04 49.83 -28.73
CA PHE J 18 -42.04 50.71 -27.56
C PHE J 18 -42.42 49.94 -26.30
N VAL J 19 -41.58 48.98 -25.95
CA VAL J 19 -41.85 48.05 -24.85
C VAL J 19 -40.81 48.25 -23.76
N GLU J 20 -41.27 48.33 -22.52
CA GLU J 20 -40.42 48.47 -21.35
C GLU J 20 -40.46 47.18 -20.54
N VAL J 21 -39.28 46.68 -20.17
CA VAL J 21 -39.15 45.46 -19.38
C VAL J 21 -38.20 45.73 -18.23
N ARG J 22 -38.40 45.05 -17.10
CA ARG J 22 -37.49 45.07 -15.96
C ARG J 22 -37.06 43.66 -15.66
N GLY J 23 -35.79 43.47 -15.35
CA GLY J 23 -35.35 42.13 -15.02
C GLY J 23 -33.94 42.08 -14.51
N THR J 24 -33.40 40.87 -14.47
CA THR J 24 -32.03 40.59 -14.05
C THR J 24 -31.34 39.82 -15.16
N ILE J 25 -30.04 40.05 -15.29
CA ILE J 25 -29.23 39.42 -16.31
C ILE J 25 -28.93 37.99 -15.91
N ALA J 26 -29.18 37.05 -16.82
CA ALA J 26 -29.02 35.63 -16.52
C ALA J 26 -27.96 34.93 -17.35
N LYS J 27 -27.56 35.50 -18.49
CA LYS J 27 -26.54 34.90 -19.33
C LYS J 27 -26.05 35.94 -20.32
N VAL J 28 -24.75 35.98 -20.55
CA VAL J 28 -24.13 36.87 -21.54
C VAL J 28 -23.68 36.03 -22.72
N TYR J 29 -24.10 36.41 -23.93
CA TYR J 29 -23.79 35.65 -25.13
C TYR J 29 -22.62 36.23 -25.89
N ARG J 30 -22.71 37.49 -26.32
CA ARG J 30 -21.73 38.04 -27.26
C ARG J 30 -21.35 39.46 -26.90
N VAL J 31 -20.07 39.78 -27.14
CA VAL J 31 -19.59 41.16 -27.17
C VAL J 31 -18.81 41.34 -28.47
N LEU J 32 -19.11 42.41 -29.21
CA LEU J 32 -18.45 42.62 -30.49
C LEU J 32 -18.33 44.11 -30.75
N THR J 33 -17.46 44.45 -31.70
CA THR J 33 -17.30 45.82 -32.17
C THR J 33 -17.25 45.82 -33.69
N TYR J 34 -17.78 46.87 -34.29
CA TYR J 34 -17.66 47.04 -35.73
C TYR J 34 -17.82 48.51 -36.10
N ASP J 35 -17.45 48.82 -37.33
CA ASP J 35 -17.37 50.19 -37.81
C ASP J 35 -18.73 50.70 -38.26
N ALA J 36 -18.91 52.02 -38.12
CA ALA J 36 -20.13 52.68 -38.52
C ALA J 36 -19.82 54.11 -38.94
N CYS J 37 -20.79 54.73 -39.62
CA CYS J 37 -20.60 56.09 -40.11
C CYS J 37 -20.52 57.06 -38.92
N PRO J 38 -19.68 58.08 -39.00
CA PRO J 38 -19.56 59.04 -37.90
C PRO J 38 -20.67 60.08 -37.85
N GLU J 39 -21.69 59.97 -38.70
CA GLU J 39 -22.79 60.93 -38.72
C GLU J 39 -24.11 60.30 -38.30
N CYS J 40 -24.50 59.19 -38.91
CA CYS J 40 -25.74 58.50 -38.56
C CYS J 40 -25.51 57.23 -37.74
N LYS J 41 -24.25 56.86 -37.49
CA LYS J 41 -23.92 55.66 -36.73
C LYS J 41 -24.57 54.42 -37.35
N LYS J 42 -24.34 54.24 -38.65
CA LYS J 42 -24.93 53.16 -39.41
C LYS J 42 -23.83 52.35 -40.09
N LYS J 43 -24.12 51.07 -40.35
CA LYS J 43 -23.15 50.18 -40.94
C LYS J 43 -22.68 50.71 -42.30
N VAL J 44 -21.37 50.64 -42.53
CA VAL J 44 -20.75 51.13 -43.75
C VAL J 44 -20.15 49.95 -44.49
N ASP J 45 -20.28 49.97 -45.82
CA ASP J 45 -19.80 48.86 -46.65
C ASP J 45 -18.39 49.17 -47.14
N TYR J 46 -17.45 48.26 -46.86
CA TYR J 46 -16.08 48.41 -47.34
C TYR J 46 -16.02 47.88 -48.77
N ASP J 47 -16.08 48.79 -49.74
CA ASP J 47 -16.13 48.40 -51.14
C ASP J 47 -14.76 47.89 -51.58
N GLU J 48 -14.73 46.69 -52.15
CA GLU J 48 -13.47 46.14 -52.66
C GLU J 48 -13.01 46.89 -53.91
N GLY J 49 -13.95 47.26 -54.78
CA GLY J 49 -13.58 48.01 -55.98
C GLY J 49 -13.13 49.42 -55.72
N LEU J 50 -13.50 50.00 -54.58
CA LEU J 50 -13.09 51.36 -54.22
C LEU J 50 -12.11 51.40 -53.06
N GLY J 51 -12.04 50.36 -52.25
CA GLY J 51 -11.10 50.34 -51.13
C GLY J 51 -11.44 51.28 -50.00
N VAL J 52 -12.69 51.76 -49.93
CA VAL J 52 -13.11 52.70 -48.91
C VAL J 52 -14.45 52.25 -48.32
N TRP J 53 -14.77 52.80 -47.16
CA TRP J 53 -16.02 52.50 -46.46
C TRP J 53 -17.06 53.51 -46.92
N ILE J 54 -18.00 53.05 -47.76
CA ILE J 54 -19.08 53.88 -48.28
C ILE J 54 -20.28 53.78 -47.34
N CYS J 55 -20.89 54.91 -47.06
CA CYS J 55 -22.14 54.98 -46.30
C CYS J 55 -23.20 55.60 -47.20
N PRO J 56 -24.13 54.82 -47.76
CA PRO J 56 -25.00 55.35 -48.82
C PRO J 56 -26.10 56.27 -48.30
N GLU J 57 -25.76 57.14 -47.36
CA GLU J 57 -26.61 58.28 -47.01
C GLU J 57 -25.84 59.56 -46.79
N HIS J 58 -24.51 59.51 -46.70
CA HIS J 58 -23.69 60.71 -46.54
C HIS J 58 -22.46 60.70 -47.43
N GLY J 59 -22.41 59.84 -48.46
CA GLY J 59 -21.21 59.73 -49.26
C GLY J 59 -20.09 59.03 -48.52
N GLU J 60 -18.86 59.30 -48.95
CA GLU J 60 -17.70 58.68 -48.32
C GLU J 60 -17.46 59.29 -46.95
N VAL J 61 -17.31 58.44 -45.94
CA VAL J 61 -17.05 58.86 -44.57
C VAL J 61 -15.97 57.97 -43.97
N GLN J 62 -15.39 58.43 -42.87
CA GLN J 62 -14.40 57.65 -42.13
C GLN J 62 -15.09 56.97 -40.96
N PRO J 63 -15.21 55.65 -40.96
CA PRO J 63 -15.98 54.98 -39.92
C PRO J 63 -15.28 54.97 -38.57
N ILE J 64 -16.07 54.75 -37.51
CA ILE J 64 -15.58 54.64 -36.16
C ILE J 64 -16.14 53.37 -35.55
N LYS J 65 -15.41 52.85 -34.56
CA LYS J 65 -15.81 51.61 -33.90
C LYS J 65 -16.96 51.85 -32.93
N MET J 66 -17.89 50.89 -32.87
CA MET J 66 -18.96 50.92 -31.89
C MET J 66 -19.29 49.50 -31.48
N THR J 67 -19.88 49.37 -30.29
CA THR J 67 -20.02 48.10 -29.61
C THR J 67 -21.43 47.55 -29.72
N ILE J 68 -21.54 46.22 -29.74
CA ILE J 68 -22.79 45.50 -29.71
C ILE J 68 -22.69 44.41 -28.66
N LEU J 69 -23.75 44.25 -27.86
CA LEU J 69 -23.78 43.30 -26.76
C LEU J 69 -25.04 42.46 -26.86
N ASP J 70 -24.91 41.16 -26.62
CA ASP J 70 -26.04 40.23 -26.65
C ASP J 70 -26.06 39.44 -25.36
N PHE J 71 -27.14 39.58 -24.59
CA PHE J 71 -27.24 38.89 -23.31
C PHE J 71 -28.70 38.48 -23.09
N GLY J 72 -29.00 38.05 -21.87
CA GLY J 72 -30.33 37.52 -21.58
C GLY J 72 -30.96 38.05 -20.31
N LEU J 73 -32.26 38.35 -20.37
CA LEU J 73 -32.99 38.95 -19.27
C LEU J 73 -34.07 38.00 -18.77
N ASP J 74 -34.23 37.98 -17.44
CA ASP J 74 -35.21 37.12 -16.78
C ASP J 74 -35.85 37.89 -15.65
N ASP J 75 -37.16 37.70 -15.44
CA ASP J 75 -37.85 38.36 -14.33
C ASP J 75 -38.73 37.42 -13.52
N GLY J 76 -38.60 36.11 -13.69
CA GLY J 76 -39.42 35.15 -12.99
C GLY J 76 -40.63 34.67 -13.74
N THR J 77 -40.94 35.27 -14.88
CA THR J 77 -42.07 34.85 -15.71
C THR J 77 -41.66 34.43 -17.11
N GLY J 78 -40.41 34.67 -17.52
CA GLY J 78 -39.97 34.29 -18.84
C GLY J 78 -38.52 34.67 -19.04
N TYR J 79 -38.00 34.26 -20.21
CA TYR J 79 -36.61 34.50 -20.58
C TYR J 79 -36.60 35.16 -21.96
N ILE J 80 -35.89 36.28 -22.09
CA ILE J 80 -35.81 36.98 -23.36
C ILE J 80 -34.36 37.34 -23.68
N ARG J 81 -33.91 37.00 -24.88
CA ARG J 81 -32.62 37.47 -25.36
C ARG J 81 -32.72 38.92 -25.78
N VAL J 82 -31.76 39.74 -25.35
CA VAL J 82 -31.79 41.17 -25.62
C VAL J 82 -30.46 41.60 -26.22
N THR J 83 -30.52 42.69 -26.98
CA THR J 83 -29.37 43.24 -27.69
C THR J 83 -29.22 44.72 -27.37
N LEU J 84 -28.01 45.12 -26.97
CA LEU J 84 -27.70 46.47 -26.56
C LEU J 84 -26.68 47.07 -27.52
N PHE J 85 -26.81 48.38 -27.77
CA PHE J 85 -26.10 49.06 -28.83
C PHE J 85 -25.20 50.17 -28.32
N GLY J 86 -24.00 50.25 -28.89
CA GLY J 86 -23.20 51.47 -28.83
C GLY J 86 -22.84 51.90 -27.42
N ASP J 87 -23.01 53.21 -27.17
CA ASP J 87 -22.53 53.82 -25.94
C ASP J 87 -23.23 53.25 -24.70
N ASP J 88 -24.43 52.69 -24.88
CA ASP J 88 -25.08 52.02 -23.75
C ASP J 88 -24.26 50.84 -23.26
N ALA J 89 -23.71 50.06 -24.20
CA ALA J 89 -22.86 48.94 -23.82
C ALA J 89 -21.60 49.41 -23.12
N GLU J 90 -21.00 50.50 -23.58
CA GLU J 90 -19.82 51.04 -22.92
C GLU J 90 -20.15 51.49 -21.50
N GLU J 91 -21.30 52.14 -21.32
CA GLU J 91 -21.69 52.58 -19.99
C GLU J 91 -21.94 51.38 -19.07
N LEU J 92 -22.61 50.36 -19.58
CA LEU J 92 -22.92 49.18 -18.76
C LEU J 92 -21.66 48.43 -18.38
N LEU J 93 -20.77 48.19 -19.34
CA LEU J 93 -19.57 47.40 -19.11
C LEU J 93 -18.50 48.19 -18.38
N GLY J 94 -18.38 49.48 -18.65
CA GLY J 94 -17.35 50.29 -18.04
C GLY J 94 -15.99 50.23 -18.71
N VAL J 95 -15.90 49.61 -19.88
CA VAL J 95 -14.63 49.46 -20.59
C VAL J 95 -14.75 50.18 -21.93
N SER J 96 -13.75 51.01 -22.24
CA SER J 96 -13.78 51.80 -23.47
C SER J 96 -13.67 50.89 -24.68
N PRO J 97 -14.38 51.19 -25.78
CA PRO J 97 -14.48 50.23 -26.90
C PRO J 97 -13.16 49.84 -27.51
N GLU J 98 -12.16 50.72 -27.53
CA GLU J 98 -10.88 50.35 -28.14
C GLU J 98 -10.22 49.22 -27.37
N GLU J 99 -10.43 49.15 -26.06
CA GLU J 99 -9.90 48.02 -25.29
C GLU J 99 -10.54 46.71 -25.73
N ILE J 100 -11.86 46.71 -25.92
CA ILE J 100 -12.54 45.51 -26.41
C ILE J 100 -12.02 45.13 -27.79
N ALA J 101 -11.80 46.12 -28.65
CA ALA J 101 -11.28 45.83 -29.98
C ALA J 101 -9.90 45.19 -29.90
N GLU J 102 -9.00 45.77 -29.09
CA GLU J 102 -7.67 45.20 -28.96
C GLU J 102 -7.73 43.78 -28.42
N LYS J 103 -8.56 43.55 -27.41
CA LYS J 103 -8.68 42.22 -26.83
C LYS J 103 -9.21 41.21 -27.85
N ILE J 104 -10.21 41.60 -28.64
CA ILE J 104 -10.78 40.64 -29.58
C ILE J 104 -9.82 40.33 -30.72
N LYS J 105 -9.06 41.33 -31.21
CA LYS J 105 -8.00 41.00 -32.16
C LYS J 105 -6.93 40.09 -31.53
N GLU J 106 -6.59 40.33 -30.26
CA GLU J 106 -5.61 39.45 -29.62
C GLU J 106 -6.13 38.02 -29.52
N LEU J 107 -7.42 37.86 -29.19
CA LEU J 107 -8.01 36.52 -29.14
C LEU J 107 -8.02 35.86 -30.52
N GLU J 108 -8.43 36.60 -31.55
CA GLU J 108 -8.53 35.98 -32.87
C GLU J 108 -7.16 35.69 -33.47
N GLU J 109 -6.12 36.39 -33.02
CA GLU J 109 -4.77 36.10 -33.49
C GLU J 109 -4.28 34.72 -33.06
N SER J 110 -4.89 34.14 -32.02
CA SER J 110 -4.50 32.81 -31.55
C SER J 110 -5.04 31.70 -32.43
N GLY J 111 -5.93 31.99 -33.36
CA GLY J 111 -6.50 31.00 -34.25
C GLY J 111 -8.00 30.78 -34.12
N LEU J 112 -8.75 31.74 -33.58
CA LEU J 112 -10.18 31.62 -33.41
C LEU J 112 -10.91 32.56 -34.37
N THR J 113 -12.12 32.17 -34.75
CA THR J 113 -12.93 33.00 -35.63
C THR J 113 -13.49 34.19 -34.86
N THR J 114 -14.33 34.99 -35.53
CA THR J 114 -14.92 36.15 -34.88
C THR J 114 -15.90 35.73 -33.79
N LYS J 115 -16.78 34.79 -34.10
CA LYS J 115 -17.77 34.36 -33.11
C LYS J 115 -17.12 33.66 -31.93
N GLU J 116 -16.12 32.82 -32.19
CA GLU J 116 -15.44 32.13 -31.10
C GLU J 116 -14.74 33.12 -30.18
N ALA J 117 -14.04 34.10 -30.76
CA ALA J 117 -13.38 35.11 -29.95
C ALA J 117 -14.38 35.93 -29.14
N ALA J 118 -15.49 36.30 -29.78
CA ALA J 118 -16.52 37.08 -29.08
C ALA J 118 -17.08 36.30 -27.89
N ARG J 119 -17.42 35.02 -28.10
CA ARG J 119 -17.99 34.22 -27.03
C ARG J 119 -16.99 33.98 -25.92
N LYS J 120 -15.73 33.71 -26.26
CA LYS J 120 -14.72 33.49 -25.22
C LYS J 120 -14.48 34.76 -24.42
N LEU J 121 -14.44 35.92 -25.09
CA LEU J 121 -14.25 37.17 -24.39
C LEU J 121 -15.43 37.47 -23.47
N ALA J 122 -16.65 37.19 -23.93
CA ALA J 122 -17.82 37.41 -23.10
C ALA J 122 -17.82 36.50 -21.88
N GLU J 123 -17.46 35.23 -22.07
CA GLU J 123 -17.55 34.27 -20.99
C GLU J 123 -16.32 34.26 -20.08
N ASP J 124 -15.27 35.01 -20.43
CA ASP J 124 -14.05 34.98 -19.63
C ASP J 124 -13.73 36.29 -18.93
N GLU J 125 -14.30 37.42 -19.36
CA GLU J 125 -13.99 38.69 -18.73
C GLU J 125 -15.21 39.45 -18.22
N PHE J 126 -16.32 39.42 -18.95
CA PHE J 126 -17.52 40.15 -18.58
C PHE J 126 -18.57 39.22 -17.98
N TYR J 127 -18.10 38.27 -17.16
CA TYR J 127 -18.99 37.38 -16.42
C TYR J 127 -19.49 37.99 -15.13
N ASN J 128 -19.01 39.18 -14.76
CA ASN J 128 -19.36 39.78 -13.48
C ASN J 128 -20.57 40.70 -13.53
N ILE J 129 -21.19 40.88 -14.70
CA ILE J 129 -22.37 41.73 -14.78
C ILE J 129 -23.67 40.97 -14.56
N ILE J 130 -23.67 39.65 -14.71
CA ILE J 130 -24.90 38.90 -14.54
C ILE J 130 -25.29 38.86 -13.07
N GLY J 131 -26.59 38.74 -12.81
CA GLY J 131 -27.12 38.89 -11.47
C GLY J 131 -27.48 40.31 -11.10
N ARG J 132 -27.25 41.27 -11.97
CA ARG J 132 -27.53 42.67 -11.72
C ARG J 132 -28.84 43.07 -12.40
N GLU J 133 -29.63 43.92 -11.74
CA GLU J 133 -30.90 44.33 -12.29
C GLU J 133 -30.74 45.43 -13.34
N ILE J 134 -31.70 45.49 -14.26
CA ILE J 134 -31.67 46.45 -15.36
C ILE J 134 -33.09 46.61 -15.90
N VAL J 135 -33.42 47.84 -16.29
CA VAL J 135 -34.67 48.16 -16.97
C VAL J 135 -34.34 48.55 -18.40
N VAL J 136 -34.95 47.87 -19.36
CA VAL J 136 -34.67 48.07 -20.78
C VAL J 136 -35.91 48.62 -21.48
N ARG J 137 -35.67 49.45 -22.49
CA ARG J 137 -36.72 49.95 -23.37
C ARG J 137 -36.30 49.59 -24.79
N GLY J 138 -37.21 49.02 -25.56
CA GLY J 138 -36.84 48.64 -26.91
C GLY J 138 -38.00 48.03 -27.68
N ASN J 139 -37.63 47.39 -28.79
CA ASN J 139 -38.58 46.80 -29.72
C ASN J 139 -38.32 45.31 -29.90
N VAL J 140 -39.39 44.55 -30.08
CA VAL J 140 -39.33 43.10 -30.20
C VAL J 140 -39.25 42.72 -31.67
N ILE J 141 -38.24 41.92 -32.03
CA ILE J 141 -38.05 41.44 -33.39
C ILE J 141 -38.04 39.92 -33.34
N GLU J 142 -38.34 39.30 -34.48
CA GLU J 142 -38.31 37.86 -34.63
C GLU J 142 -37.21 37.47 -35.58
N ASP J 143 -36.22 36.71 -35.08
CA ASP J 143 -35.19 36.14 -35.93
C ASP J 143 -35.53 34.69 -36.21
N ARG J 144 -35.33 34.27 -37.46
CA ARG J 144 -35.77 32.95 -37.90
C ARG J 144 -35.04 31.85 -37.13
N PHE J 145 -33.82 32.11 -36.68
CA PHE J 145 -33.00 31.10 -36.00
C PHE J 145 -33.00 31.21 -34.49
N LEU J 146 -33.42 32.34 -33.91
CA LEU J 146 -33.30 32.54 -32.47
C LEU J 146 -34.61 32.94 -31.78
N GLY J 147 -35.69 33.14 -32.53
CA GLY J 147 -36.95 33.48 -31.89
C GLY J 147 -37.09 34.95 -31.56
N LEU J 148 -37.56 35.26 -30.34
CA LEU J 148 -37.78 36.64 -29.96
C LEU J 148 -36.46 37.28 -29.50
N ILE J 149 -36.19 38.48 -30.00
CA ILE J 149 -35.05 39.28 -29.55
C ILE J 149 -35.54 40.68 -29.26
N LEU J 150 -35.23 41.19 -28.07
CA LEU J 150 -35.57 42.55 -27.70
C LEU J 150 -34.37 43.45 -27.97
N ARG J 151 -34.47 44.29 -28.98
CA ARG J 151 -33.43 45.26 -29.31
C ARG J 151 -33.69 46.49 -28.47
N ALA J 152 -32.80 46.77 -27.53
CA ALA J 152 -33.00 47.86 -26.58
C ALA J 152 -32.36 49.12 -27.13
N SER J 153 -33.16 50.19 -27.23
CA SER J 153 -32.60 51.48 -27.61
C SER J 153 -31.80 52.08 -26.48
N SER J 154 -32.28 51.97 -25.25
CA SER J 154 -31.59 52.52 -24.08
C SER J 154 -31.93 51.70 -22.86
N TRP J 155 -31.08 51.79 -21.85
CA TRP J 155 -31.30 51.15 -20.56
C TRP J 155 -31.05 52.18 -19.47
N GLU J 156 -31.78 52.05 -18.36
CA GLU J 156 -31.61 52.94 -17.23
C GLU J 156 -31.87 52.15 -15.96
N ASP J 157 -31.17 52.52 -14.89
CA ASP J 157 -31.19 51.75 -13.66
C ASP J 157 -32.59 51.74 -13.05
N VAL J 158 -32.89 50.65 -12.33
CA VAL J 158 -34.22 50.49 -11.76
C VAL J 158 -34.49 51.60 -10.73
N ASP J 159 -35.71 52.14 -10.78
CA ASP J 159 -36.18 53.12 -9.81
C ASP J 159 -36.92 52.37 -8.72
N TYR J 160 -36.33 52.33 -7.52
CA TYR J 160 -36.83 51.45 -6.48
C TYR J 160 -38.21 51.89 -5.99
N ARG J 161 -38.41 53.20 -5.82
CA ARG J 161 -39.68 53.69 -5.27
C ARG J 161 -40.84 53.42 -6.22
N ARG J 162 -40.61 53.60 -7.53
CA ARG J 162 -41.67 53.35 -8.50
C ARG J 162 -42.06 51.88 -8.50
N GLU J 163 -41.07 50.98 -8.44
CA GLU J 163 -41.41 49.56 -8.38
C GLU J 163 -42.10 49.20 -7.08
N ILE J 164 -41.70 49.80 -5.96
CA ILE J 164 -42.36 49.52 -4.69
C ILE J 164 -43.81 49.95 -4.74
N GLU J 165 -44.08 51.13 -5.29
CA GLU J 165 -45.47 51.56 -5.36
C GLU J 165 -46.27 50.73 -6.35
N ARG J 166 -45.64 50.28 -7.43
CA ARG J 166 -46.33 49.39 -8.37
C ARG J 166 -46.70 48.07 -7.71
N ILE J 167 -45.76 47.48 -6.96
CA ILE J 167 -46.06 46.20 -6.33
C ILE J 167 -47.05 46.38 -5.19
N LYS J 168 -47.03 47.53 -4.50
CA LYS J 168 -48.05 47.79 -3.49
C LYS J 168 -49.44 47.94 -4.12
N GLU J 169 -49.54 48.62 -5.26
CA GLU J 169 -50.84 48.75 -5.90
C GLU J 169 -51.32 47.41 -6.43
N GLU J 170 -50.40 46.56 -6.89
CA GLU J 170 -50.80 45.21 -7.28
C GLU J 170 -51.24 44.39 -6.08
N LEU J 171 -50.64 44.64 -4.91
CA LEU J 171 -51.11 44.01 -3.68
C LEU J 171 -52.50 44.50 -3.30
N GLU J 172 -52.78 45.78 -3.53
CA GLU J 172 -54.14 46.28 -3.31
C GLU J 172 -55.12 45.61 -4.26
N LYS J 173 -54.72 45.42 -5.51
CA LYS J 173 -55.54 44.65 -6.45
C LYS J 173 -55.75 43.23 -5.93
N LEU J 174 -54.73 42.64 -5.32
CA LEU J 174 -54.91 41.35 -4.65
C LEU J 174 -55.93 41.45 -3.52
N GLY J 175 -55.87 42.53 -2.73
CA GLY J 175 -56.86 42.77 -1.71
C GLY J 175 -56.45 42.41 -0.30
N VAL J 176 -55.22 42.77 0.08
CA VAL J 176 -54.74 42.53 1.45
C VAL J 176 -54.94 43.76 2.32
N MET J 177 -54.54 44.93 1.84
CA MET J 177 -54.91 46.18 2.50
C MET J 177 -56.23 46.68 1.93
N LYS K 1 -34.53 24.57 -26.75
CA LYS K 1 -33.88 25.87 -26.67
C LYS K 1 -34.60 26.77 -25.66
N LYS K 2 -35.47 26.18 -24.86
CA LYS K 2 -36.28 26.89 -23.88
C LYS K 2 -35.64 26.79 -22.51
N ARG K 3 -35.50 27.91 -21.83
CA ARG K 3 -34.94 27.96 -20.49
C ARG K 3 -36.07 28.30 -19.52
N MET K 4 -36.29 27.42 -18.54
CA MET K 4 -37.30 27.68 -17.53
C MET K 4 -36.86 28.85 -16.65
N PRO K 5 -37.70 29.87 -16.49
CA PRO K 5 -37.28 31.06 -15.74
C PRO K 5 -37.02 30.74 -14.28
N ALA K 6 -36.01 31.41 -13.72
CA ALA K 6 -35.71 31.26 -12.30
C ALA K 6 -36.82 31.85 -11.47
N THR K 7 -37.09 31.22 -10.32
CA THR K 7 -38.14 31.64 -9.41
C THR K 7 -37.52 32.05 -8.09
N ARG K 8 -38.16 33.01 -7.42
CA ARG K 8 -37.62 33.65 -6.23
C ARG K 8 -38.17 32.96 -4.99
N LEU K 9 -37.29 32.64 -4.05
CA LEU K 9 -37.66 31.82 -2.90
C LEU K 9 -37.06 32.37 -1.62
N TYR K 10 -37.68 31.99 -0.51
CA TYR K 10 -37.05 32.03 0.80
C TYR K 10 -36.06 30.87 0.90
N ILE K 11 -35.15 30.97 1.87
CA ILE K 11 -34.21 29.87 2.11
C ILE K 11 -34.93 28.67 2.70
N LYS K 12 -35.91 28.92 3.57
CA LYS K 12 -36.62 27.80 4.21
C LYS K 12 -37.38 26.96 3.20
N ASP K 13 -37.89 27.57 2.12
CA ASP K 13 -38.61 26.81 1.12
C ASP K 13 -37.71 25.75 0.49
N ILE K 14 -36.45 26.12 0.25
CA ILE K 14 -35.48 25.17 -0.29
C ILE K 14 -35.11 24.12 0.75
N LEU K 15 -34.90 24.53 2.01
CA LEU K 15 -34.34 23.59 2.99
C LEU K 15 -35.23 22.39 3.23
N GLU K 16 -36.52 22.57 3.50
CA GLU K 16 -37.41 21.43 3.66
C GLU K 16 -38.30 21.17 2.45
N GLY K 17 -37.82 21.49 1.25
CA GLY K 17 -38.47 21.02 0.04
C GLY K 17 -38.07 19.60 -0.29
N TYR K 18 -38.63 19.09 -1.38
CA TYR K 18 -38.44 17.70 -1.78
C TYR K 18 -37.65 17.68 -3.09
N PHE K 19 -36.47 17.07 -3.07
CA PHE K 19 -35.59 17.04 -4.23
C PHE K 19 -35.96 15.87 -5.13
N VAL K 20 -36.32 16.18 -6.37
CA VAL K 20 -36.69 15.17 -7.36
C VAL K 20 -35.67 15.23 -8.48
N LYS K 21 -34.88 14.17 -8.61
CA LYS K 21 -33.83 14.11 -9.63
C LYS K 21 -34.33 13.24 -10.77
N SER K 22 -34.20 13.74 -12.00
CA SER K 22 -34.73 13.02 -13.15
C SER K 22 -33.78 11.92 -13.58
N GLU K 23 -34.32 10.94 -14.31
CA GLU K 23 -33.56 9.81 -14.80
C GLU K 23 -33.30 9.86 -16.29
N GLY K 24 -34.18 10.49 -17.06
CA GLY K 24 -33.93 10.64 -18.48
C GLY K 24 -32.86 11.67 -18.76
N ASP K 25 -32.34 11.64 -19.99
CA ASP K 25 -31.30 12.59 -20.36
C ASP K 25 -31.89 13.95 -20.69
N PHE K 26 -33.12 13.99 -21.21
CA PHE K 26 -33.74 15.22 -21.65
C PHE K 26 -34.63 15.86 -20.58
N GLU K 27 -34.30 15.69 -19.31
CA GLU K 27 -35.06 16.28 -18.22
C GLU K 27 -34.11 16.71 -17.12
N PRO K 28 -34.30 17.89 -16.55
CA PRO K 28 -33.42 18.36 -15.48
C PRO K 28 -33.96 18.05 -14.09
N ASN K 29 -33.07 18.11 -13.11
CA ASN K 29 -33.45 17.93 -11.72
C ASN K 29 -34.27 19.13 -11.25
N TYR K 30 -35.14 18.90 -10.28
CA TYR K 30 -35.96 19.99 -9.77
C TYR K 30 -36.32 19.76 -8.31
N LEU K 31 -37.10 20.69 -7.79
CA LEU K 31 -37.50 20.72 -6.39
C LEU K 31 -39.00 20.98 -6.31
N ILE K 32 -39.67 20.30 -5.37
CA ILE K 32 -41.07 20.56 -5.09
C ILE K 32 -41.18 21.01 -3.64
N THR K 33 -41.57 22.26 -3.44
CA THR K 33 -41.65 22.81 -2.09
C THR K 33 -42.83 22.20 -1.33
N LYS K 34 -42.97 22.62 -0.07
CA LYS K 34 -44.01 22.07 0.78
C LYS K 34 -45.41 22.37 0.23
N TYR K 35 -45.62 23.61 -0.22
CA TYR K 35 -46.94 24.02 -0.69
C TYR K 35 -47.11 23.81 -2.19
N ALA K 36 -46.44 22.79 -2.75
CA ALA K 36 -46.63 22.35 -4.12
C ALA K 36 -46.31 23.46 -5.14
N ARG K 37 -45.03 23.84 -5.14
CA ARG K 37 -44.48 24.70 -6.18
C ARG K 37 -43.27 24.01 -6.79
N LYS K 38 -43.20 23.99 -8.13
CA LYS K 38 -42.11 23.38 -8.86
C LYS K 38 -41.05 24.44 -9.15
N VAL K 39 -39.83 24.21 -8.68
CA VAL K 39 -38.75 25.19 -8.76
C VAL K 39 -37.59 24.57 -9.51
N TYR K 40 -37.10 25.26 -10.54
CA TYR K 40 -35.94 24.83 -11.31
C TYR K 40 -34.67 25.56 -10.91
N ARG K 41 -34.71 26.89 -10.92
CA ARG K 41 -33.56 27.72 -10.62
C ARG K 41 -33.88 28.69 -9.49
N ALA K 42 -33.06 28.68 -8.46
CA ALA K 42 -33.25 29.56 -7.31
C ALA K 42 -32.62 30.91 -7.57
N LYS K 43 -33.18 31.94 -6.93
CA LYS K 43 -32.75 33.31 -7.14
C LYS K 43 -32.93 34.06 -5.82
N ILE K 44 -31.88 34.08 -5.00
CA ILE K 44 -31.99 34.51 -3.62
C ILE K 44 -31.20 35.79 -3.41
N VAL K 45 -31.53 36.50 -2.33
CA VAL K 45 -30.88 37.75 -1.97
C VAL K 45 -30.53 37.67 -0.49
N GLY K 46 -29.28 37.94 -0.14
CA GLY K 46 -28.93 37.88 1.26
C GLY K 46 -27.49 38.28 1.50
N THR K 47 -27.12 38.37 2.77
CA THR K 47 -25.79 38.76 3.16
C THR K 47 -24.91 37.54 3.39
N VAL K 48 -23.61 37.71 3.14
CA VAL K 48 -22.64 36.63 3.30
C VAL K 48 -22.10 36.70 4.72
N VAL K 49 -21.88 35.54 5.34
CA VAL K 49 -21.52 35.50 6.75
C VAL K 49 -20.12 35.00 7.02
N ARG K 50 -19.43 34.41 6.04
CA ARG K 50 -18.13 33.83 6.30
C ARG K 50 -17.25 33.97 5.05
N GLU K 51 -15.95 33.80 5.25
CA GLU K 51 -15.01 34.02 4.16
C GLU K 51 -15.15 32.92 3.11
N PRO K 52 -14.96 33.26 1.83
CA PRO K 52 -15.05 32.25 0.76
C PRO K 52 -13.86 31.30 0.82
N LEU K 53 -14.14 30.02 1.05
CA LEU K 53 -13.12 28.99 1.09
C LEU K 53 -12.94 28.42 -0.31
N ILE K 54 -11.79 28.68 -0.93
CA ILE K 54 -11.51 28.24 -2.29
C ILE K 54 -10.23 27.42 -2.28
N ALA K 55 -10.25 26.30 -2.99
CA ALA K 55 -9.10 25.42 -3.03
C ALA K 55 -7.92 26.11 -3.73
N GLU K 56 -6.71 25.77 -3.27
CA GLU K 56 -5.51 26.40 -3.81
C GLU K 56 -5.34 26.11 -5.30
N ASP K 57 -5.77 24.96 -5.76
CA ASP K 57 -5.79 24.64 -7.19
C ASP K 57 -7.06 25.13 -7.87
N GLU K 58 -7.91 25.86 -7.15
CA GLU K 58 -9.12 26.49 -7.66
C GLU K 58 -10.01 25.53 -8.46
N THR K 59 -10.09 24.28 -8.03
CA THR K 59 -11.08 23.36 -8.59
C THR K 59 -12.47 23.63 -8.05
N TYR K 60 -12.58 23.98 -6.76
CA TYR K 60 -13.88 24.17 -6.12
C TYR K 60 -13.85 25.45 -5.30
N GLY K 61 -15.01 26.07 -5.16
CA GLY K 61 -15.13 27.25 -4.32
C GLY K 61 -16.53 27.44 -3.77
N LYS K 62 -16.67 27.59 -2.46
CA LYS K 62 -17.98 27.62 -1.84
C LYS K 62 -18.01 28.67 -0.74
N PHE K 63 -19.22 29.14 -0.43
CA PHE K 63 -19.39 30.11 0.65
C PHE K 63 -20.81 30.03 1.19
N GLN K 64 -21.04 30.74 2.29
CA GLN K 64 -22.30 30.70 3.01
C GLN K 64 -23.15 31.93 2.72
N VAL K 65 -24.46 31.74 2.63
CA VAL K 65 -25.41 32.83 2.42
C VAL K 65 -26.48 32.75 3.51
N ASP K 66 -26.79 33.89 4.10
CA ASP K 66 -27.83 34.01 5.11
C ASP K 66 -28.64 35.28 4.84
N ASP K 67 -29.95 35.20 5.05
CA ASP K 67 -30.83 36.35 4.92
C ASP K 67 -31.76 36.56 6.11
N GLY K 68 -31.99 35.53 6.91
CA GLY K 68 -32.88 35.63 8.06
C GLY K 68 -33.78 34.44 8.27
N THR K 69 -33.72 33.42 7.41
CA THR K 69 -34.55 32.24 7.55
C THR K 69 -33.76 30.94 7.56
N GLY K 70 -32.54 30.94 7.03
CA GLY K 70 -31.68 29.78 7.07
C GLY K 70 -30.33 30.14 6.49
N VAL K 71 -29.42 29.16 6.52
CA VAL K 71 -28.07 29.31 5.98
C VAL K 71 -27.89 28.29 4.87
N ILE K 72 -27.52 28.76 3.69
CA ILE K 72 -27.42 27.93 2.51
C ILE K 72 -25.98 27.97 1.98
N TRP K 73 -25.57 26.87 1.37
CA TRP K 73 -24.25 26.74 0.76
C TRP K 73 -24.35 27.09 -0.71
N VAL K 74 -23.49 28.00 -1.18
CA VAL K 74 -23.39 28.33 -2.59
C VAL K 74 -22.04 27.81 -3.08
N LEU K 75 -22.08 26.96 -4.11
CA LEU K 75 -20.93 26.21 -4.57
C LEU K 75 -20.61 26.55 -6.02
N GLY K 76 -19.37 26.30 -6.40
CA GLY K 76 -18.96 26.37 -7.80
C GLY K 76 -17.83 25.41 -8.08
N PHE K 77 -17.99 24.57 -9.08
CA PHE K 77 -17.02 23.53 -9.39
C PHE K 77 -16.37 23.79 -10.74
N ARG K 78 -15.12 23.34 -10.86
CA ARG K 78 -14.32 23.54 -12.06
C ARG K 78 -14.26 25.01 -12.45
N ASP K 79 -14.90 25.35 -13.57
CA ASP K 79 -14.76 26.67 -14.16
C ASP K 79 -15.47 27.75 -13.35
N ASP K 80 -16.53 27.38 -12.62
CA ASP K 80 -17.36 28.38 -11.96
C ASP K 80 -16.71 29.00 -10.73
N THR K 81 -15.57 28.49 -10.29
CA THR K 81 -14.95 28.97 -9.06
C THR K 81 -14.66 30.47 -9.13
N LYS K 82 -14.54 31.03 -10.33
CA LYS K 82 -14.30 32.46 -10.46
C LYS K 82 -15.33 33.26 -9.68
N PHE K 83 -16.59 32.80 -9.66
CA PHE K 83 -17.63 33.54 -8.95
C PHE K 83 -17.33 33.63 -7.46
N ALA K 84 -16.80 32.56 -6.87
CA ALA K 84 -16.48 32.60 -5.44
C ALA K 84 -15.42 33.65 -5.13
N LYS K 85 -14.69 34.10 -6.14
CA LYS K 85 -13.68 35.13 -5.95
C LYS K 85 -14.25 36.54 -5.95
N LEU K 86 -15.50 36.71 -6.40
CA LEU K 86 -16.06 38.05 -6.56
C LEU K 86 -16.57 38.65 -5.26
N VAL K 87 -16.74 37.83 -4.23
CA VAL K 87 -17.43 38.28 -3.03
C VAL K 87 -16.44 38.43 -1.88
N ARG K 88 -16.80 39.27 -0.91
CA ARG K 88 -16.09 39.39 0.35
C ARG K 88 -17.11 39.32 1.47
N LYS K 89 -16.66 38.91 2.65
CA LYS K 89 -17.56 38.67 3.76
C LYS K 89 -18.13 40.00 4.28
N GLY K 90 -19.45 40.05 4.45
CA GLY K 90 -20.11 41.18 5.06
C GLY K 90 -21.12 41.90 4.20
N ASP K 91 -21.13 41.67 2.89
CA ASP K 91 -21.99 42.44 1.99
C ASP K 91 -23.21 41.65 1.54
N LEU K 92 -24.17 42.36 0.95
CA LEU K 92 -25.40 41.77 0.42
C LEU K 92 -25.18 41.42 -1.04
N VAL K 93 -25.50 40.18 -1.40
CA VAL K 93 -25.36 39.69 -2.77
C VAL K 93 -26.68 39.08 -3.22
N GLN K 94 -26.92 39.17 -4.52
CA GLN K 94 -27.97 38.42 -5.21
C GLN K 94 -27.31 37.26 -5.92
N VAL K 95 -27.79 36.05 -5.65
CA VAL K 95 -27.21 34.82 -6.18
C VAL K 95 -28.29 34.11 -6.98
N ILE K 96 -28.00 33.79 -8.23
CA ILE K 96 -28.91 33.05 -9.08
C ILE K 96 -28.21 31.76 -9.51
N GLY K 97 -28.90 30.64 -9.36
CA GLY K 97 -28.27 29.38 -9.67
C GLY K 97 -29.25 28.23 -9.68
N LYS K 98 -28.71 27.02 -9.73
CA LYS K 98 -29.48 25.78 -9.74
C LYS K 98 -29.53 25.20 -8.33
N ILE K 99 -30.31 24.12 -8.19
CA ILE K 99 -30.49 23.43 -6.93
C ILE K 99 -29.91 22.03 -7.04
N ALA K 100 -29.17 21.61 -6.03
CA ALA K 100 -28.64 20.26 -5.99
C ALA K 100 -28.51 19.80 -4.55
N GLU K 101 -28.43 18.48 -4.37
CA GLU K 101 -28.51 17.84 -3.06
C GLU K 101 -27.29 16.97 -2.84
N TRP K 102 -26.69 17.11 -1.66
CA TRP K 102 -25.49 16.36 -1.30
C TRP K 102 -25.48 16.15 0.20
N ARG K 103 -25.44 14.88 0.64
CA ARG K 103 -25.44 14.52 2.04
C ARG K 103 -26.60 15.18 2.78
N ASP K 104 -27.81 14.76 2.40
CA ASP K 104 -29.12 15.15 2.96
C ASP K 104 -29.14 16.62 3.39
N ASP K 105 -28.59 17.48 2.55
CA ASP K 105 -28.57 18.92 2.79
C ASP K 105 -28.56 19.64 1.44
N LYS K 106 -29.52 20.54 1.24
CA LYS K 106 -29.64 21.22 -0.04
C LYS K 106 -28.53 22.25 -0.21
N GLN K 107 -28.20 22.54 -1.46
CA GLN K 107 -27.18 23.51 -1.81
C GLN K 107 -27.45 24.06 -3.19
N ILE K 108 -26.85 25.20 -3.50
CA ILE K 108 -27.05 25.91 -4.75
C ILE K 108 -25.76 25.86 -5.56
N LEU K 109 -25.85 25.33 -6.79
CA LEU K 109 -24.76 25.40 -7.74
C LEU K 109 -24.82 26.76 -8.45
N VAL K 110 -23.80 27.59 -8.22
CA VAL K 110 -23.87 28.99 -8.61
C VAL K 110 -23.92 29.13 -10.12
N GLU K 111 -24.55 30.21 -10.59
CA GLU K 111 -24.56 30.55 -12.00
C GLU K 111 -24.30 32.04 -12.16
N GLY K 112 -24.55 32.81 -11.10
CA GLY K 112 -24.22 34.22 -11.12
C GLY K 112 -24.34 34.90 -9.77
N VAL K 113 -23.39 35.78 -9.44
CA VAL K 113 -23.38 36.49 -8.17
C VAL K 113 -23.17 37.98 -8.44
N SER K 114 -23.97 38.83 -7.81
CA SER K 114 -23.79 40.26 -7.99
C SER K 114 -24.04 41.01 -6.69
N LYS K 115 -23.14 41.94 -6.40
CA LYS K 115 -23.31 42.81 -5.25
C LYS K 115 -24.46 43.79 -5.51
N VAL K 116 -25.20 44.13 -4.44
CA VAL K 116 -26.41 44.92 -4.56
C VAL K 116 -26.64 45.67 -3.24
N HIS K 117 -27.54 46.66 -3.30
CA HIS K 117 -28.12 47.71 -2.46
C HIS K 117 -29.28 47.17 -1.62
N PRO K 118 -29.42 47.65 -0.38
CA PRO K 118 -30.46 47.10 0.51
C PRO K 118 -31.90 47.27 0.03
N ASN K 119 -32.20 48.37 -0.67
CA ASN K 119 -33.57 48.56 -1.15
C ASN K 119 -33.97 47.43 -2.09
N MET K 120 -33.01 46.92 -2.86
CA MET K 120 -33.30 45.74 -3.65
C MET K 120 -33.64 44.55 -2.74
N TRP K 121 -32.99 44.46 -1.59
CA TRP K 121 -33.29 43.36 -0.67
C TRP K 121 -34.72 43.46 -0.14
N ILE K 122 -35.18 44.67 0.17
CA ILE K 122 -36.55 44.82 0.65
C ILE K 122 -37.54 44.53 -0.48
N LEU K 123 -37.19 44.93 -1.71
CA LEU K 123 -38.03 44.57 -2.86
C LEU K 123 -38.05 43.06 -3.07
N HIS K 124 -36.94 42.39 -2.80
CA HIS K 124 -36.89 40.94 -2.83
C HIS K 124 -37.87 40.33 -1.84
N ARG K 125 -37.89 40.85 -0.61
CA ARG K 125 -38.84 40.33 0.37
C ARG K 125 -40.27 40.54 -0.09
N TYR K 126 -40.56 41.73 -0.63
CA TYR K 126 -41.89 42.01 -1.18
C TYR K 126 -42.27 40.98 -2.25
N GLU K 127 -41.38 40.76 -3.21
CA GLU K 127 -41.68 39.86 -4.31
C GLU K 127 -41.86 38.42 -3.83
N THR K 128 -41.04 37.98 -2.88
CA THR K 128 -41.19 36.64 -2.34
C THR K 128 -42.56 36.48 -1.68
N LEU K 129 -42.97 37.47 -0.89
CA LEU K 129 -44.27 37.38 -0.23
C LEU K 129 -45.41 37.36 -1.24
N LYS K 130 -45.34 38.22 -2.27
CA LYS K 130 -46.38 38.24 -3.27
C LYS K 130 -46.47 36.91 -4.01
N GLU K 131 -45.32 36.35 -4.40
CA GLU K 131 -45.34 35.09 -5.11
C GLU K 131 -45.86 33.96 -4.24
N LYS K 132 -45.55 34.01 -2.94
CA LYS K 132 -46.05 32.98 -2.03
C LYS K 132 -47.56 33.03 -1.90
N ILE K 133 -48.12 34.23 -1.77
CA ILE K 133 -49.56 34.36 -1.50
C ILE K 133 -50.39 33.85 -2.67
N GLU K 134 -50.04 34.29 -3.89
CA GLU K 134 -50.84 33.89 -5.05
C GLU K 134 -50.80 32.38 -5.24
N HIS K 135 -49.63 31.77 -5.11
CA HIS K 135 -49.57 30.32 -5.33
C HIS K 135 -50.26 29.56 -4.20
N ILE K 136 -50.21 30.09 -2.98
CA ILE K 136 -50.87 29.38 -1.88
C ILE K 136 -52.38 29.41 -2.08
N LYS K 137 -52.93 30.54 -2.56
CA LYS K 137 -54.36 30.57 -2.81
C LYS K 137 -54.73 29.71 -4.02
N LYS K 138 -53.88 29.68 -5.04
CA LYS K 138 -54.14 28.81 -6.19
C LYS K 138 -54.12 27.33 -5.78
N ALA K 139 -53.17 26.95 -4.92
CA ALA K 139 -53.14 25.58 -4.42
C ALA K 139 -54.38 25.28 -3.59
N LYS K 140 -54.82 26.25 -2.78
CA LYS K 140 -56.04 26.06 -1.99
C LYS K 140 -57.24 25.81 -2.88
N ILE K 141 -57.38 26.58 -3.97
CA ILE K 141 -58.56 26.40 -4.82
C ILE K 141 -58.40 25.16 -5.71
N ALA K 142 -57.17 24.67 -5.90
CA ALA K 142 -56.99 23.48 -6.70
C ALA K 142 -57.12 22.20 -5.87
N LEU K 143 -56.96 22.30 -4.54
CA LEU K 143 -57.11 21.13 -3.69
C LEU K 143 -58.50 20.53 -3.78
N GLU K 144 -59.53 21.36 -3.84
CA GLU K 144 -60.89 20.87 -3.95
C GLU K 144 -61.08 20.06 -5.24
N ILE K 145 -60.57 20.59 -6.36
CA ILE K 145 -60.68 19.88 -7.62
C ILE K 145 -59.92 18.56 -7.57
N TYR K 146 -58.72 18.56 -6.99
CA TYR K 146 -57.95 17.33 -6.91
C TYR K 146 -58.68 16.27 -6.08
N ASN K 147 -59.11 16.65 -4.87
CA ASN K 147 -59.80 15.70 -4.00
C ASN K 147 -61.19 15.34 -4.50
N GLN K 148 -61.73 16.08 -5.47
CA GLN K 148 -63.06 15.79 -5.98
C GLN K 148 -63.05 14.57 -6.90
N TYR K 149 -62.29 14.63 -7.99
CA TYR K 149 -62.24 13.54 -8.96
C TYR K 149 -60.86 12.93 -9.11
N GLY K 150 -59.84 13.76 -9.39
CA GLY K 150 -58.51 13.27 -9.70
C GLY K 150 -58.02 13.85 -11.02
N ILE K 151 -57.24 13.06 -11.75
CA ILE K 151 -56.72 13.46 -13.05
C ILE K 151 -57.63 12.85 -14.11
N THR K 152 -58.66 13.60 -14.50
CA THR K 152 -59.58 13.17 -15.53
C THR K 152 -59.81 14.32 -16.51
N ALA K 153 -60.35 13.98 -17.68
CA ALA K 153 -60.62 15.02 -18.68
C ALA K 153 -61.62 16.04 -18.17
N LYS K 154 -62.68 15.57 -17.50
CA LYS K 154 -63.65 16.49 -16.92
C LYS K 154 -63.02 17.38 -15.86
N SER K 155 -62.16 16.79 -15.00
CA SER K 155 -61.46 17.59 -14.01
C SER K 155 -60.54 18.61 -14.66
N LYS K 156 -59.84 18.23 -15.73
CA LYS K 156 -58.98 19.18 -16.43
C LYS K 156 -59.81 20.32 -17.02
N VAL K 157 -60.96 20.01 -17.62
CA VAL K 157 -61.79 21.05 -18.22
C VAL K 157 -62.33 21.99 -17.16
N ILE K 158 -62.80 21.46 -16.03
CA ILE K 158 -63.35 22.33 -14.99
C ILE K 158 -62.24 23.17 -14.35
N ALA K 159 -61.04 22.62 -14.21
CA ALA K 159 -59.92 23.40 -13.71
C ALA K 159 -59.57 24.53 -14.68
N LYS K 160 -59.59 24.24 -15.98
CA LYS K 160 -59.35 25.27 -16.98
C LYS K 160 -60.42 26.36 -16.90
N ASN K 161 -61.68 25.96 -16.72
CA ASN K 161 -62.75 26.93 -16.61
C ASN K 161 -62.59 27.81 -15.37
N LYS K 162 -62.19 27.21 -14.25
CA LYS K 162 -62.00 27.98 -13.03
C LYS K 162 -60.76 28.87 -13.08
N GLY K 163 -59.90 28.69 -14.07
CA GLY K 163 -58.71 29.49 -14.21
C GLY K 163 -57.46 28.95 -13.52
N ILE K 164 -57.40 27.65 -13.26
CA ILE K 164 -56.27 27.05 -12.58
C ILE K 164 -55.36 26.39 -13.61
N GLU K 165 -54.07 26.69 -13.55
CA GLU K 165 -53.11 26.12 -14.48
C GLU K 165 -53.06 24.60 -14.33
N GLU K 166 -52.95 23.91 -15.48
CA GLU K 166 -53.13 22.47 -15.50
C GLU K 166 -52.05 21.75 -14.70
N GLU K 167 -50.80 22.21 -14.80
CA GLU K 167 -49.69 21.46 -14.22
C GLU K 167 -49.78 21.32 -12.71
N LEU K 168 -50.57 22.17 -12.05
CA LEU K 168 -50.73 22.06 -10.60
C LEU K 168 -51.36 20.72 -10.22
N LEU K 169 -52.27 20.21 -11.03
CA LEU K 169 -52.87 18.91 -10.74
C LEU K 169 -51.82 17.81 -10.70
N GLU K 170 -50.95 17.76 -11.72
CA GLU K 170 -49.90 16.75 -11.74
C GLU K 170 -48.88 16.97 -10.64
N VAL K 171 -48.56 18.23 -10.31
CA VAL K 171 -47.62 18.50 -9.23
C VAL K 171 -48.18 17.99 -7.91
N ILE K 172 -49.48 18.23 -7.68
CA ILE K 172 -50.14 17.73 -6.49
C ILE K 172 -50.13 16.21 -6.47
N ASP K 173 -50.37 15.57 -7.62
CA ASP K 173 -50.36 14.12 -7.66
C ASP K 173 -48.99 13.56 -7.33
N GLU K 174 -47.93 14.15 -7.90
CA GLU K 174 -46.58 13.67 -7.60
C GLU K 174 -46.21 13.91 -6.15
N LEU K 175 -46.59 15.05 -5.58
CA LEU K 175 -46.32 15.29 -4.17
C LEU K 175 -47.07 14.28 -3.30
N TYR K 176 -48.31 13.99 -3.64
CA TYR K 176 -49.10 13.02 -2.90
C TYR K 176 -48.46 11.64 -2.97
N GLY K 177 -47.97 11.25 -4.13
CA GLY K 177 -47.25 9.99 -4.27
C GLY K 177 -45.94 9.95 -3.50
N ILE K 178 -45.22 11.07 -3.44
CA ILE K 178 -43.97 11.13 -2.69
C ILE K 178 -44.24 11.02 -1.20
N MET K 179 -45.34 11.60 -0.72
CA MET K 179 -45.66 11.52 0.70
C MET K 179 -45.83 10.08 1.16
N MET K 180 -46.52 9.26 0.38
CA MET K 180 -46.75 7.87 0.74
C MET K 180 -45.77 6.94 0.04
N ARG L 3 -27.37 26.29 10.97
CA ARG L 3 -26.94 27.47 11.72
C ARG L 3 -28.12 28.37 12.05
N LYS L 4 -27.89 29.33 12.94
CA LYS L 4 -28.94 30.23 13.36
C LYS L 4 -29.06 31.39 12.38
N PRO L 5 -30.22 31.60 11.76
CA PRO L 5 -30.39 32.79 10.93
C PRO L 5 -30.39 34.05 11.78
N ALA L 6 -30.01 35.16 11.15
CA ALA L 6 -29.99 36.46 11.82
C ALA L 6 -31.41 37.02 11.85
N VAL L 7 -31.81 37.54 13.01
CA VAL L 7 -33.14 38.11 13.21
C VAL L 7 -32.99 39.56 13.66
N GLU L 8 -33.88 40.42 13.15
CA GLU L 8 -33.80 41.85 13.39
C GLU L 8 -34.93 42.30 14.30
N ARG L 9 -34.61 43.17 15.26
CA ARG L 9 -35.58 43.73 16.19
C ARG L 9 -35.13 45.12 16.59
N LYS L 10 -35.72 45.61 17.67
CA LYS L 10 -35.26 46.80 18.37
C LYS L 10 -34.50 46.41 19.62
N ILE L 11 -33.65 47.32 20.10
CA ILE L 11 -32.82 47.02 21.26
C ILE L 11 -33.67 46.95 22.53
N SER L 12 -34.76 47.72 22.57
CA SER L 12 -35.63 47.70 23.74
C SER L 12 -36.46 46.42 23.82
N GLU L 13 -36.56 45.67 22.73
CA GLU L 13 -37.33 44.42 22.70
C GLU L 13 -36.44 43.19 22.55
N ILE L 14 -35.19 43.28 23.00
CA ILE L 14 -34.29 42.13 22.93
C ILE L 14 -34.83 41.03 23.85
N ARG L 15 -34.83 39.81 23.34
CA ARG L 15 -35.36 38.66 24.07
C ARG L 15 -34.22 37.80 24.60
N GLU L 16 -34.43 37.26 25.80
CA GLU L 16 -33.42 36.39 26.41
C GLU L 16 -33.26 35.08 25.64
N GLU L 17 -34.33 34.57 25.04
CA GLU L 17 -34.24 33.34 24.27
C GLU L 17 -33.46 33.53 22.97
N ASP L 18 -33.54 34.72 22.37
CA ASP L 18 -32.87 34.98 21.11
C ASP L 18 -31.36 35.08 21.31
N THR L 19 -30.61 34.73 20.27
CA THR L 19 -29.16 34.65 20.34
C THR L 19 -28.44 35.58 19.38
N ARG L 20 -28.83 35.59 18.11
CA ARG L 20 -28.21 36.44 17.10
C ARG L 20 -29.12 37.61 16.80
N VAL L 21 -28.53 38.81 16.68
CA VAL L 21 -29.29 40.04 16.56
C VAL L 21 -28.86 40.81 15.32
N SER L 22 -29.83 41.53 14.75
CA SER L 22 -29.61 42.47 13.66
C SER L 22 -30.21 43.80 14.06
N LEU L 23 -29.41 44.86 14.04
CA LEU L 23 -29.84 46.18 14.49
C LEU L 23 -29.57 47.22 13.41
N ILE L 24 -30.43 48.23 13.35
CA ILE L 24 -30.22 49.40 12.51
C ILE L 24 -30.34 50.62 13.42
N GLY L 25 -29.31 51.44 13.46
CA GLY L 25 -29.30 52.47 14.49
C GLY L 25 -28.39 53.64 14.19
N ARG L 26 -28.36 54.56 15.16
CA ARG L 26 -27.70 55.85 15.08
C ARG L 26 -26.51 55.87 16.04
N VAL L 27 -25.35 56.30 15.52
CA VAL L 27 -24.14 56.35 16.34
C VAL L 27 -24.05 57.69 17.05
N ILE L 28 -23.67 57.66 18.33
CA ILE L 28 -23.51 58.87 19.12
C ILE L 28 -22.07 58.99 19.61
N LYS L 29 -21.42 57.86 19.85
CA LYS L 29 -20.08 57.89 20.44
C LYS L 29 -19.36 56.59 20.11
N VAL L 30 -18.04 56.62 20.23
CA VAL L 30 -17.19 55.46 19.95
C VAL L 30 -15.95 55.54 20.84
N ASP L 31 -15.56 54.38 21.37
CA ASP L 31 -14.36 54.24 22.20
C ASP L 31 -13.39 53.32 21.46
N LYS L 32 -12.23 53.88 21.08
CA LYS L 32 -11.28 53.14 20.25
C LYS L 32 -10.53 52.09 21.05
N MET L 33 -10.10 52.42 22.26
CA MET L 33 -9.25 51.50 23.02
C MET L 33 -9.98 50.22 23.38
N ASP L 34 -11.26 50.29 23.71
CA ASP L 34 -12.06 49.11 23.99
C ASP L 34 -12.82 48.60 22.78
N TYR L 35 -12.81 49.35 21.67
CA TYR L 35 -13.57 49.03 20.48
C TYR L 35 -15.07 48.94 20.77
N MET L 36 -15.57 49.91 21.54
CA MET L 36 -16.99 50.08 21.77
C MET L 36 -17.55 51.16 20.85
N PHE L 37 -18.86 51.11 20.61
CA PHE L 37 -19.53 52.29 20.10
C PHE L 37 -21.04 52.16 20.36
N TRP L 38 -21.71 53.30 20.40
CA TRP L 38 -23.10 53.37 20.81
C TRP L 38 -24.01 53.44 19.58
N LEU L 39 -25.06 52.63 19.58
CA LEU L 39 -26.05 52.61 18.51
C LEU L 39 -27.43 52.90 19.08
N ASP L 40 -28.14 53.83 18.44
CA ASP L 40 -29.47 54.23 18.85
C ASP L 40 -30.44 53.95 17.71
N ASP L 41 -31.41 53.09 17.96
CA ASP L 41 -32.45 52.76 16.98
C ASP L 41 -33.73 53.53 17.19
N GLY L 42 -33.73 54.53 18.08
CA GLY L 42 -34.90 55.31 18.39
C GLY L 42 -35.63 54.88 19.64
N THR L 43 -35.38 53.66 20.11
CA THR L 43 -36.02 53.16 21.32
C THR L 43 -35.03 52.87 22.44
N GLY L 44 -33.74 52.92 22.17
CA GLY L 44 -32.75 52.69 23.20
C GLY L 44 -31.34 52.80 22.63
N VAL L 45 -30.37 52.75 23.54
CA VAL L 45 -28.96 52.89 23.20
C VAL L 45 -28.24 51.61 23.60
N ALA L 46 -27.45 51.06 22.68
CA ALA L 46 -26.73 49.83 22.91
C ALA L 46 -25.24 50.04 22.69
N ILE L 47 -24.43 49.54 23.61
CA ILE L 47 -22.98 49.54 23.47
C ILE L 47 -22.58 48.25 22.77
N ILE L 48 -22.08 48.37 21.54
CA ILE L 48 -21.80 47.22 20.69
C ILE L 48 -20.34 47.29 20.27
N GLU L 49 -19.70 46.11 20.16
CA GLU L 49 -18.26 45.99 20.02
C GLU L 49 -17.91 45.63 18.59
N SER L 50 -17.42 46.60 17.83
CA SER L 50 -16.84 46.34 16.52
C SER L 50 -15.46 45.72 16.67
N GLU L 51 -15.16 44.77 15.78
CA GLU L 51 -13.89 44.07 15.84
C GLU L 51 -12.74 44.98 15.46
N SER L 52 -12.75 45.48 14.22
CA SER L 52 -11.71 46.39 13.74
C SER L 52 -12.24 47.58 12.97
N ASP L 53 -13.43 47.49 12.38
CA ASP L 53 -14.00 48.63 11.68
C ASP L 53 -14.53 49.65 12.68
N LEU L 54 -14.66 50.90 12.23
CA LEU L 54 -15.13 51.97 13.10
C LEU L 54 -16.06 52.90 12.33
N PRO L 55 -17.30 53.05 12.77
CA PRO L 55 -18.25 53.91 12.04
C PRO L 55 -18.00 55.38 12.34
N LYS L 56 -18.65 56.24 11.56
CA LYS L 56 -18.51 57.68 11.68
C LYS L 56 -19.81 58.29 12.18
N VAL L 57 -19.68 59.38 12.95
CA VAL L 57 -20.85 60.10 13.42
C VAL L 57 -21.55 60.74 12.24
N GLY L 58 -22.86 60.51 12.12
CA GLY L 58 -23.60 60.89 10.95
C GLY L 58 -23.82 59.77 9.95
N GLN L 59 -23.30 58.58 10.22
CA GLN L 59 -23.49 57.41 9.38
C GLN L 59 -24.38 56.39 10.08
N VAL L 60 -25.57 56.15 9.53
CA VAL L 60 -26.51 55.20 10.09
C VAL L 60 -25.96 53.80 9.85
N VAL L 61 -25.96 52.97 10.89
CA VAL L 61 -25.21 51.71 10.86
C VAL L 61 -26.15 50.54 11.10
N ARG L 62 -26.02 49.52 10.27
CA ARG L 62 -26.65 48.22 10.49
C ARG L 62 -25.60 47.21 10.91
N VAL L 63 -25.88 46.50 11.99
CA VAL L 63 -24.93 45.57 12.61
C VAL L 63 -25.59 44.21 12.75
N ILE L 64 -24.85 43.17 12.38
CA ILE L 64 -25.23 41.78 12.62
C ILE L 64 -24.24 41.23 13.64
N GLY L 65 -24.76 40.75 14.76
CA GLY L 65 -23.87 40.31 15.82
C GLY L 65 -24.53 39.31 16.75
N ARG L 66 -23.81 38.99 17.82
CA ARG L 66 -24.24 38.03 18.82
C ARG L 66 -24.24 38.70 20.20
N ILE L 67 -25.25 38.38 21.00
CA ILE L 67 -25.36 38.93 22.34
C ILE L 67 -24.35 38.24 23.26
N ILE L 68 -23.75 39.01 24.15
CA ILE L 68 -22.86 38.49 25.18
C ILE L 68 -23.45 38.92 26.51
N ARG L 69 -24.32 38.07 27.08
CA ARG L 69 -25.00 38.37 28.33
C ARG L 69 -24.14 37.90 29.48
N ASN L 70 -23.25 38.77 29.95
CA ASN L 70 -22.35 38.45 31.06
C ASN L 70 -22.59 39.45 32.19
N GLU L 71 -21.77 39.34 33.23
CA GLU L 71 -21.83 40.26 34.36
C GLU L 71 -21.21 41.62 34.03
N GLU L 72 -20.52 41.75 32.90
CA GLU L 72 -19.92 43.01 32.49
C GLU L 72 -20.93 43.96 31.87
N GLY L 73 -22.11 43.49 31.52
CA GLY L 73 -23.14 44.32 30.93
C GLY L 73 -23.76 43.62 29.74
N ILE L 74 -24.43 44.40 28.90
CA ILE L 74 -25.08 43.89 27.69
C ILE L 74 -24.35 44.50 26.50
N HIS L 75 -23.50 43.71 25.87
CA HIS L 75 -22.74 44.14 24.70
C HIS L 75 -22.84 43.08 23.61
N ILE L 76 -22.82 43.54 22.37
CA ILE L 76 -23.06 42.70 21.20
C ILE L 76 -21.74 42.39 20.54
N TYR L 77 -21.44 41.11 20.37
CA TYR L 77 -20.25 40.65 19.65
C TYR L 77 -20.51 40.87 18.17
N ALA L 78 -20.28 42.10 17.71
CA ALA L 78 -20.61 42.46 16.34
C ALA L 78 -19.75 41.69 15.35
N GLU L 79 -20.39 41.25 14.26
CA GLU L 79 -19.71 40.52 13.20
C GLU L 79 -19.74 41.26 11.86
N VAL L 80 -20.86 41.88 11.52
CA VAL L 80 -21.01 42.60 10.26
C VAL L 80 -21.45 44.02 10.55
N ILE L 81 -20.75 44.99 9.96
CA ILE L 81 -21.09 46.40 10.09
C ILE L 81 -21.25 46.98 8.69
N GLN L 82 -22.37 47.68 8.45
CA GLN L 82 -22.68 48.21 7.13
C GLN L 82 -23.35 49.57 7.23
N ASP L 83 -23.24 50.33 6.14
CA ASP L 83 -23.85 51.64 6.04
C ASP L 83 -25.28 51.54 5.53
N PHE L 84 -26.19 52.25 6.20
CA PHE L 84 -27.58 52.38 5.73
C PHE L 84 -28.02 53.84 5.72
N SER L 85 -27.09 54.78 5.62
CA SER L 85 -27.43 56.19 5.70
C SER L 85 -28.33 56.63 4.55
N ASP L 86 -28.17 56.01 3.40
CA ASP L 86 -29.11 56.28 2.31
C ASP L 86 -30.17 55.19 2.36
N ALA L 87 -31.14 55.31 3.26
CA ALA L 87 -32.15 54.26 3.42
C ALA L 87 -33.54 54.74 3.88
N ASP L 88 -34.57 53.96 3.54
CA ASP L 88 -35.89 54.12 4.14
C ASP L 88 -36.22 52.94 5.02
N LEU L 89 -36.99 53.19 6.07
CA LEU L 89 -37.28 52.13 7.01
C LEU L 89 -38.76 52.02 7.33
N GLU L 90 -39.53 53.08 7.13
CA GLU L 90 -40.96 52.93 7.37
C GLU L 90 -41.51 51.71 6.64
N ALA L 91 -41.08 51.51 5.40
CA ALA L 91 -41.41 50.27 4.70
C ALA L 91 -40.86 49.06 5.44
N LEU L 92 -39.74 49.23 6.16
CA LEU L 92 -39.18 48.10 6.91
C LEU L 92 -40.11 47.68 8.05
N GLU L 93 -40.58 48.62 8.87
CA GLU L 93 -41.52 48.21 9.90
C GLU L 93 -42.83 47.72 9.29
N GLU L 94 -43.24 48.32 8.16
CA GLU L 94 -44.46 47.85 7.50
C GLU L 94 -44.35 46.39 7.09
N ILE L 95 -43.26 46.03 6.41
CA ILE L 95 -43.11 44.65 5.97
C ILE L 95 -42.86 43.71 7.14
N ARG L 96 -42.15 44.14 8.18
CA ARG L 96 -41.95 43.28 9.33
C ARG L 96 -43.28 42.95 10.00
N GLU L 97 -44.14 43.96 10.20
CA GLU L 97 -45.42 43.70 10.85
C GLU L 97 -46.34 42.90 9.94
N LEU L 98 -46.30 43.16 8.63
CA LEU L 98 -47.09 42.37 7.69
C LEU L 98 -46.69 40.90 7.72
N GLU L 99 -45.39 40.62 7.63
CA GLU L 99 -44.92 39.25 7.66
C GLU L 99 -45.26 38.60 8.98
N ARG L 100 -45.08 39.33 10.09
CA ARG L 100 -45.41 38.76 11.41
C ARG L 100 -46.90 38.44 11.52
N LYS L 101 -47.75 39.28 10.94
CA LYS L 101 -49.20 39.07 11.06
C LYS L 101 -49.68 37.91 10.21
N LEU L 102 -49.15 37.74 8.99
CA LEU L 102 -49.67 36.69 8.11
C LEU L 102 -48.84 35.41 8.06
N LEU L 103 -47.63 35.36 8.59
CA LEU L 103 -46.87 34.11 8.53
C LEU L 103 -47.52 32.95 9.29
N PRO L 104 -47.98 33.12 10.55
CA PRO L 104 -48.40 31.93 11.31
C PRO L 104 -49.58 31.19 10.69
N ARG L 105 -50.56 31.90 10.13
CA ARG L 105 -51.68 31.23 9.48
C ARG L 105 -51.29 30.69 8.11
N LEU L 106 -50.41 31.41 7.41
CA LEU L 106 -49.98 30.98 6.09
C LEU L 106 -49.23 29.66 6.15
N GLU L 107 -48.30 29.53 7.10
CA GLU L 107 -47.56 28.28 7.22
C GLU L 107 -48.45 27.14 7.71
N GLY L 108 -49.52 27.47 8.44
CA GLY L 108 -50.50 26.47 8.83
C GLY L 108 -51.53 26.15 7.78
N GLU L 109 -51.60 26.96 6.72
CA GLU L 109 -52.55 26.73 5.65
C GLU L 109 -52.13 25.52 4.81
N ILE L 110 -53.13 24.90 4.18
CA ILE L 110 -52.95 23.73 3.31
C ILE L 110 -52.42 22.57 4.16
N VAL L 111 -52.32 21.38 3.56
CA VAL L 111 -51.79 20.21 4.25
C VAL L 111 -51.26 19.25 3.19
N TRP L 112 -50.13 18.60 3.53
CA TRP L 112 -49.39 17.69 2.64
C TRP L 112 -49.33 18.17 1.18
#